data_1IVL
# 
_entry.id   1IVL 
# 
_audit_conform.dict_name       mmcif_pdbx.dic 
_audit_conform.dict_version    5.398 
_audit_conform.dict_location   http://mmcif.pdb.org/dictionaries/ascii/mmcif_pdbx.dic 
# 
loop_
_database_2.database_id 
_database_2.database_code 
_database_2.pdbx_database_accession 
_database_2.pdbx_DOI 
PDB   1IVL         pdb_00001ivl 10.2210/pdb1ivl/pdb 
WWPDB D_1000174281 ?            ?                   
# 
loop_
_pdbx_audit_revision_history.ordinal 
_pdbx_audit_revision_history.data_content_type 
_pdbx_audit_revision_history.major_revision 
_pdbx_audit_revision_history.minor_revision 
_pdbx_audit_revision_history.revision_date 
1 'Structure model' 1 0 1994-08-31 
2 'Structure model' 1 1 2008-03-24 
3 'Structure model' 1 2 2011-07-13 
4 'Structure model' 1 3 2014-02-05 
5 'Structure model' 1 4 2024-06-05 
6 'Structure model' 1 5 2024-11-13 
# 
_pdbx_audit_revision_details.ordinal             1 
_pdbx_audit_revision_details.revision_ordinal    1 
_pdbx_audit_revision_details.data_content_type   'Structure model' 
_pdbx_audit_revision_details.provider            repository 
_pdbx_audit_revision_details.type                'Initial release' 
_pdbx_audit_revision_details.description         ? 
_pdbx_audit_revision_details.details             ? 
# 
loop_
_pdbx_audit_revision_group.ordinal 
_pdbx_audit_revision_group.revision_ordinal 
_pdbx_audit_revision_group.data_content_type 
_pdbx_audit_revision_group.group 
1 2 'Structure model' 'Version format compliance' 
2 3 'Structure model' 'Version format compliance' 
3 4 'Structure model' 'Source and taxonomy'       
4 5 'Structure model' 'Data collection'           
5 5 'Structure model' 'Database references'       
6 5 'Structure model' 'Derived calculations'      
7 5 'Structure model' Other                       
8 6 'Structure model' 'Structure summary'         
# 
loop_
_pdbx_audit_revision_category.ordinal 
_pdbx_audit_revision_category.revision_ordinal 
_pdbx_audit_revision_category.data_content_type 
_pdbx_audit_revision_category.category 
1 5 'Structure model' chem_comp_atom            
2 5 'Structure model' chem_comp_bond            
3 5 'Structure model' database_2                
4 5 'Structure model' pdbx_database_status      
5 5 'Structure model' struct_ref_seq_dif        
6 5 'Structure model' struct_site               
7 6 'Structure model' pdbx_entry_details        
8 6 'Structure model' pdbx_modification_feature 
# 
loop_
_pdbx_audit_revision_item.ordinal 
_pdbx_audit_revision_item.revision_ordinal 
_pdbx_audit_revision_item.data_content_type 
_pdbx_audit_revision_item.item 
1 5 'Structure model' '_database_2.pdbx_DOI'                         
2 5 'Structure model' '_database_2.pdbx_database_accession'          
3 5 'Structure model' '_pdbx_database_status.process_site'           
4 5 'Structure model' '_struct_ref_seq_dif.details'                  
5 5 'Structure model' '_struct_site.pdbx_auth_asym_id'               
6 5 'Structure model' '_struct_site.pdbx_auth_comp_id'               
7 5 'Structure model' '_struct_site.pdbx_auth_seq_id'                
8 6 'Structure model' '_pdbx_entry_details.has_protein_modification' 
# 
_pdbx_database_status.status_code                     REL 
_pdbx_database_status.entry_id                        1IVL 
_pdbx_database_status.recvd_initial_deposition_date   1994-05-04 
_pdbx_database_status.deposit_site                    ? 
_pdbx_database_status.process_site                    BNL 
_pdbx_database_status.SG_entry                        . 
_pdbx_database_status.status_code_sf                  ? 
_pdbx_database_status.status_code_mr                  ? 
_pdbx_database_status.status_code_cs                  ? 
_pdbx_database_status.methods_development_category    ? 
_pdbx_database_status.pdb_format_compatible           Y 
_pdbx_database_status.status_code_nmr_data            ? 
# 
loop_
_audit_author.name 
_audit_author.pdbx_ordinal 
'Essen, L.-O.' 1 
'Skerra, A.'   2 
# 
loop_
_citation.id 
_citation.title 
_citation.journal_abbrev 
_citation.journal_volume 
_citation.page_first 
_citation.page_last 
_citation.year 
_citation.journal_id_ASTM 
_citation.country 
_citation.journal_id_ISSN 
_citation.journal_id_CSD 
_citation.book_publisher 
_citation.pdbx_database_id_PubMed 
_citation.pdbx_database_id_DOI 
primary 
'The de novo design of an antibody combining site. Crystallographic analysis of the VL domain confirms the structural model.' 
J.Mol.Biol.     238 226 244 1994 JMOBAK UK 0022-2836 0070 ? 8158652 10.1006/jmbi.1994.1284 
1       
;Single-Step Purification of a Bacterially Expressed Antibody FV Fragment by Immobilized Metal Affinity Chromatography in the Presence of Betaine
;
J.Chromatogr.,A 657 55  ?   1993 JCRAEY NE 0021-9673 2032 ? ?       ?                      
# 
loop_
_citation_author.citation_id 
_citation_author.name 
_citation_author.ordinal 
_citation_author.identifier_ORCID 
primary 'Essen, L.O.'  1 ? 
primary 'Skerra, A.'   2 ? 
1       'Essen, L.-O.' 3 ? 
1       'Skerra, A.'   4 ? 
# 
loop_
_entity.id 
_entity.type 
_entity.src_method 
_entity.pdbx_description 
_entity.formula_weight 
_entity.pdbx_number_of_molecules 
_entity.pdbx_ec 
_entity.pdbx_mutation 
_entity.pdbx_fragment 
_entity.details 
1 polymer     man 'IGG-KAPPA M29B FV (LIGHT CHAIN)' 11664.921 2  ? ? ? ? 
2 non-polymer syn 'ISOPROPYL ALCOHOL'               60.095    1  ? ? ? ? 
3 water       nat water                             18.015    85 ? ? ? ? 
# 
_entity_poly.entity_id                      1 
_entity_poly.type                           'polypeptide(L)' 
_entity_poly.nstd_linkage                   no 
_entity_poly.nstd_monomer                   no 
_entity_poly.pdbx_seq_one_letter_code       
;DIELTQSPATLSVTPGNSVSISCRASQSIGNRLFWYQQKSHESPRLLIKYASQSISGIPSRFSGSGSGTDFTLSINSVET
EDLAVYFCQQVSEWPFTFGGGTKLEIK
;
_entity_poly.pdbx_seq_one_letter_code_can   
;DIELTQSPATLSVTPGNSVSISCRASQSIGNRLFWYQQKSHESPRLLIKYASQSISGIPSRFSGSGSGTDFTLSINSVET
EDLAVYFCQQVSEWPFTFGGGTKLEIK
;
_entity_poly.pdbx_strand_id                 A,B 
_entity_poly.pdbx_target_identifier         ? 
# 
loop_
_pdbx_entity_nonpoly.entity_id 
_pdbx_entity_nonpoly.name 
_pdbx_entity_nonpoly.comp_id 
2 'ISOPROPYL ALCOHOL' IPA 
3 water               HOH 
# 
loop_
_entity_poly_seq.entity_id 
_entity_poly_seq.num 
_entity_poly_seq.mon_id 
_entity_poly_seq.hetero 
1 1   ASP n 
1 2   ILE n 
1 3   GLU n 
1 4   LEU n 
1 5   THR n 
1 6   GLN n 
1 7   SER n 
1 8   PRO n 
1 9   ALA n 
1 10  THR n 
1 11  LEU n 
1 12  SER n 
1 13  VAL n 
1 14  THR n 
1 15  PRO n 
1 16  GLY n 
1 17  ASN n 
1 18  SER n 
1 19  VAL n 
1 20  SER n 
1 21  ILE n 
1 22  SER n 
1 23  CYS n 
1 24  ARG n 
1 25  ALA n 
1 26  SER n 
1 27  GLN n 
1 28  SER n 
1 29  ILE n 
1 30  GLY n 
1 31  ASN n 
1 32  ARG n 
1 33  LEU n 
1 34  PHE n 
1 35  TRP n 
1 36  TYR n 
1 37  GLN n 
1 38  GLN n 
1 39  LYS n 
1 40  SER n 
1 41  HIS n 
1 42  GLU n 
1 43  SER n 
1 44  PRO n 
1 45  ARG n 
1 46  LEU n 
1 47  LEU n 
1 48  ILE n 
1 49  LYS n 
1 50  TYR n 
1 51  ALA n 
1 52  SER n 
1 53  GLN n 
1 54  SER n 
1 55  ILE n 
1 56  SER n 
1 57  GLY n 
1 58  ILE n 
1 59  PRO n 
1 60  SER n 
1 61  ARG n 
1 62  PHE n 
1 63  SER n 
1 64  GLY n 
1 65  SER n 
1 66  GLY n 
1 67  SER n 
1 68  GLY n 
1 69  THR n 
1 70  ASP n 
1 71  PHE n 
1 72  THR n 
1 73  LEU n 
1 74  SER n 
1 75  ILE n 
1 76  ASN n 
1 77  SER n 
1 78  VAL n 
1 79  GLU n 
1 80  THR n 
1 81  GLU n 
1 82  ASP n 
1 83  LEU n 
1 84  ALA n 
1 85  VAL n 
1 86  TYR n 
1 87  PHE n 
1 88  CYS n 
1 89  GLN n 
1 90  GLN n 
1 91  VAL n 
1 92  SER n 
1 93  GLU n 
1 94  TRP n 
1 95  PRO n 
1 96  PHE n 
1 97  THR n 
1 98  PHE n 
1 99  GLY n 
1 100 GLY n 
1 101 GLY n 
1 102 THR n 
1 103 LYS n 
1 104 LEU n 
1 105 GLU n 
1 106 ILE n 
1 107 LYS n 
# 
_entity_src_gen.entity_id                          1 
_entity_src_gen.pdbx_src_id                        1 
_entity_src_gen.pdbx_alt_source_flag               sample 
_entity_src_gen.pdbx_seq_type                      ? 
_entity_src_gen.pdbx_beg_seq_num                   ? 
_entity_src_gen.pdbx_end_seq_num                   ? 
_entity_src_gen.gene_src_common_name               'house mouse' 
_entity_src_gen.gene_src_genus                     ? 
_entity_src_gen.pdbx_gene_src_gene                 ? 
_entity_src_gen.gene_src_species                   ? 
_entity_src_gen.gene_src_strain                    ? 
_entity_src_gen.gene_src_tissue                    ? 
_entity_src_gen.gene_src_tissue_fraction           ? 
_entity_src_gen.gene_src_details                   ? 
_entity_src_gen.pdbx_gene_src_fragment             ? 
_entity_src_gen.pdbx_gene_src_scientific_name      'Mus musculus' 
_entity_src_gen.pdbx_gene_src_ncbi_taxonomy_id     10090 
_entity_src_gen.pdbx_gene_src_variant              ? 
_entity_src_gen.pdbx_gene_src_cell_line            ? 
_entity_src_gen.pdbx_gene_src_atcc                 ? 
_entity_src_gen.pdbx_gene_src_organ                ? 
_entity_src_gen.pdbx_gene_src_organelle            ? 
_entity_src_gen.pdbx_gene_src_cell                 ? 
_entity_src_gen.pdbx_gene_src_cellular_location    ? 
_entity_src_gen.host_org_common_name               ? 
_entity_src_gen.pdbx_host_org_scientific_name      ? 
_entity_src_gen.pdbx_host_org_ncbi_taxonomy_id     ? 
_entity_src_gen.host_org_genus                     ? 
_entity_src_gen.pdbx_host_org_gene                 ? 
_entity_src_gen.pdbx_host_org_organ                ? 
_entity_src_gen.host_org_species                   ? 
_entity_src_gen.pdbx_host_org_tissue               ? 
_entity_src_gen.pdbx_host_org_tissue_fraction      ? 
_entity_src_gen.pdbx_host_org_strain               ? 
_entity_src_gen.pdbx_host_org_variant              ? 
_entity_src_gen.pdbx_host_org_cell_line            ? 
_entity_src_gen.pdbx_host_org_atcc                 ? 
_entity_src_gen.pdbx_host_org_culture_collection   ? 
_entity_src_gen.pdbx_host_org_cell                 ? 
_entity_src_gen.pdbx_host_org_organelle            ? 
_entity_src_gen.pdbx_host_org_cellular_location    ? 
_entity_src_gen.pdbx_host_org_vector_type          ? 
_entity_src_gen.pdbx_host_org_vector               ? 
_entity_src_gen.host_org_details                   ? 
_entity_src_gen.expression_system_id               ? 
_entity_src_gen.plasmid_name                       ? 
_entity_src_gen.plasmid_details                    ? 
_entity_src_gen.pdbx_description                   ? 
# 
loop_
_chem_comp.id 
_chem_comp.type 
_chem_comp.mon_nstd_flag 
_chem_comp.name 
_chem_comp.pdbx_synonyms 
_chem_comp.formula 
_chem_comp.formula_weight 
ALA 'L-peptide linking' y ALANINE             ?          'C3 H7 N O2'     89.093  
ARG 'L-peptide linking' y ARGININE            ?          'C6 H15 N4 O2 1' 175.209 
ASN 'L-peptide linking' y ASPARAGINE          ?          'C4 H8 N2 O3'    132.118 
ASP 'L-peptide linking' y 'ASPARTIC ACID'     ?          'C4 H7 N O4'     133.103 
CYS 'L-peptide linking' y CYSTEINE            ?          'C3 H7 N O2 S'   121.158 
GLN 'L-peptide linking' y GLUTAMINE           ?          'C5 H10 N2 O3'   146.144 
GLU 'L-peptide linking' y 'GLUTAMIC ACID'     ?          'C5 H9 N O4'     147.129 
GLY 'peptide linking'   y GLYCINE             ?          'C2 H5 N O2'     75.067  
HIS 'L-peptide linking' y HISTIDINE           ?          'C6 H10 N3 O2 1' 156.162 
HOH non-polymer         . WATER               ?          'H2 O'           18.015  
ILE 'L-peptide linking' y ISOLEUCINE          ?          'C6 H13 N O2'    131.173 
IPA non-polymer         . 'ISOPROPYL ALCOHOL' 2-PROPANOL 'C3 H8 O'        60.095  
LEU 'L-peptide linking' y LEUCINE             ?          'C6 H13 N O2'    131.173 
LYS 'L-peptide linking' y LYSINE              ?          'C6 H15 N2 O2 1' 147.195 
MET 'L-peptide linking' y METHIONINE          ?          'C5 H11 N O2 S'  149.211 
PHE 'L-peptide linking' y PHENYLALANINE       ?          'C9 H11 N O2'    165.189 
PRO 'L-peptide linking' y PROLINE             ?          'C5 H9 N O2'     115.130 
SER 'L-peptide linking' y SERINE              ?          'C3 H7 N O3'     105.093 
THR 'L-peptide linking' y THREONINE           ?          'C4 H9 N O3'     119.119 
TRP 'L-peptide linking' y TRYPTOPHAN          ?          'C11 H12 N2 O2'  204.225 
TYR 'L-peptide linking' y TYROSINE            ?          'C9 H11 N O3'    181.189 
VAL 'L-peptide linking' y VALINE              ?          'C5 H11 N O2'    117.146 
# 
loop_
_pdbx_poly_seq_scheme.asym_id 
_pdbx_poly_seq_scheme.entity_id 
_pdbx_poly_seq_scheme.seq_id 
_pdbx_poly_seq_scheme.mon_id 
_pdbx_poly_seq_scheme.ndb_seq_num 
_pdbx_poly_seq_scheme.pdb_seq_num 
_pdbx_poly_seq_scheme.auth_seq_num 
_pdbx_poly_seq_scheme.pdb_mon_id 
_pdbx_poly_seq_scheme.auth_mon_id 
_pdbx_poly_seq_scheme.pdb_strand_id 
_pdbx_poly_seq_scheme.pdb_ins_code 
_pdbx_poly_seq_scheme.hetero 
A 1 1   ASP 1   1   1   ASP ASP A . n 
A 1 2   ILE 2   2   2   ILE ILE A . n 
A 1 3   GLU 3   3   3   GLU GLU A . n 
A 1 4   LEU 4   4   4   LEU LEU A . n 
A 1 5   THR 5   5   5   THR THR A . n 
A 1 6   GLN 6   6   6   GLN GLN A . n 
A 1 7   SER 7   7   7   SER SER A . n 
A 1 8   PRO 8   8   8   PRO PRO A . n 
A 1 9   ALA 9   9   9   ALA ALA A . n 
A 1 10  THR 10  10  10  THR THR A . n 
A 1 11  LEU 11  11  11  LEU LEU A . n 
A 1 12  SER 12  12  12  SER SER A . n 
A 1 13  VAL 13  13  13  VAL VAL A . n 
A 1 14  THR 14  14  14  THR THR A . n 
A 1 15  PRO 15  15  15  PRO PRO A . n 
A 1 16  GLY 16  16  16  GLY GLY A . n 
A 1 17  ASN 17  17  17  ASN ASN A . n 
A 1 18  SER 18  18  18  SER SER A . n 
A 1 19  VAL 19  19  19  VAL VAL A . n 
A 1 20  SER 20  20  20  SER SER A . n 
A 1 21  ILE 21  21  21  ILE ILE A . n 
A 1 22  SER 22  22  22  SER SER A . n 
A 1 23  CYS 23  23  23  CYS CYS A . n 
A 1 24  ARG 24  24  24  ARG ARG A . n 
A 1 25  ALA 25  25  25  ALA ALA A . n 
A 1 26  SER 26  26  26  SER SER A . n 
A 1 27  GLN 27  27  27  GLN GLN A . n 
A 1 28  SER 28  28  28  SER SER A . n 
A 1 29  ILE 29  29  29  ILE ILE A . n 
A 1 30  GLY 30  30  30  GLY GLY A . n 
A 1 31  ASN 31  31  31  ASN ASN A . n 
A 1 32  ARG 32  32  32  ARG ARG A . n 
A 1 33  LEU 33  33  33  LEU LEU A . n 
A 1 34  PHE 34  34  34  PHE PHE A . n 
A 1 35  TRP 35  35  35  TRP TRP A . n 
A 1 36  TYR 36  36  36  TYR TYR A . n 
A 1 37  GLN 37  37  37  GLN GLN A . n 
A 1 38  GLN 38  38  38  GLN GLN A . n 
A 1 39  LYS 39  39  39  LYS LYS A . n 
A 1 40  SER 40  40  40  SER SER A . n 
A 1 41  HIS 41  41  41  HIS HIS A . n 
A 1 42  GLU 42  42  42  GLU GLU A . n 
A 1 43  SER 43  43  43  SER SER A . n 
A 1 44  PRO 44  44  44  PRO PRO A . n 
A 1 45  ARG 45  45  45  ARG ARG A . n 
A 1 46  LEU 46  46  46  LEU LEU A . n 
A 1 47  LEU 47  47  47  LEU LEU A . n 
A 1 48  ILE 48  48  48  ILE ILE A . n 
A 1 49  LYS 49  49  49  LYS LYS A . n 
A 1 50  TYR 50  50  50  TYR TYR A . n 
A 1 51  ALA 51  51  51  ALA ALA A . n 
A 1 52  SER 52  52  52  SER SER A . n 
A 1 53  GLN 53  53  53  GLN GLN A . n 
A 1 54  SER 54  54  54  SER SER A . n 
A 1 55  ILE 55  55  55  ILE ILE A . n 
A 1 56  SER 56  56  56  SER SER A . n 
A 1 57  GLY 57  57  57  GLY GLY A . n 
A 1 58  ILE 58  58  58  ILE ILE A . n 
A 1 59  PRO 59  59  59  PRO PRO A . n 
A 1 60  SER 60  60  60  SER SER A . n 
A 1 61  ARG 61  61  61  ARG ARG A . n 
A 1 62  PHE 62  62  62  PHE PHE A . n 
A 1 63  SER 63  63  63  SER SER A . n 
A 1 64  GLY 64  64  64  GLY GLY A . n 
A 1 65  SER 65  65  65  SER SER A . n 
A 1 66  GLY 66  66  66  GLY GLY A . n 
A 1 67  SER 67  67  67  SER SER A . n 
A 1 68  GLY 68  68  68  GLY GLY A . n 
A 1 69  THR 69  69  69  THR THR A . n 
A 1 70  ASP 70  70  70  ASP ASP A . n 
A 1 71  PHE 71  71  71  PHE PHE A . n 
A 1 72  THR 72  72  72  THR THR A . n 
A 1 73  LEU 73  73  73  LEU LEU A . n 
A 1 74  SER 74  74  74  SER SER A . n 
A 1 75  ILE 75  75  75  ILE ILE A . n 
A 1 76  ASN 76  76  76  ASN ASN A . n 
A 1 77  SER 77  77  77  SER SER A . n 
A 1 78  VAL 78  78  78  VAL VAL A . n 
A 1 79  GLU 79  79  79  GLU GLU A . n 
A 1 80  THR 80  80  80  THR THR A . n 
A 1 81  GLU 81  81  81  GLU GLU A . n 
A 1 82  ASP 82  82  82  ASP ASP A . n 
A 1 83  LEU 83  83  83  LEU LEU A . n 
A 1 84  ALA 84  84  84  ALA ALA A . n 
A 1 85  VAL 85  85  85  VAL VAL A . n 
A 1 86  TYR 86  86  86  TYR TYR A . n 
A 1 87  PHE 87  87  87  PHE PHE A . n 
A 1 88  CYS 88  88  88  CYS CYS A . n 
A 1 89  GLN 89  89  89  GLN GLN A . n 
A 1 90  GLN 90  90  90  GLN GLN A . n 
A 1 91  VAL 91  91  91  VAL VAL A . n 
A 1 92  SER 92  92  92  SER SER A . n 
A 1 93  GLU 93  93  93  GLU GLU A . n 
A 1 94  TRP 94  94  94  TRP TRP A . n 
A 1 95  PRO 95  95  95  PRO PRO A . n 
A 1 96  PHE 96  96  96  PHE PHE A . n 
A 1 97  THR 97  97  97  THR THR A . n 
A 1 98  PHE 98  98  98  PHE PHE A . n 
A 1 99  GLY 99  99  99  GLY GLY A . n 
A 1 100 GLY 100 100 100 GLY GLY A . n 
A 1 101 GLY 101 101 101 GLY GLY A . n 
A 1 102 THR 102 102 102 THR THR A . n 
A 1 103 LYS 103 103 103 LYS LYS A . n 
A 1 104 LEU 104 104 104 LEU LEU A . n 
A 1 105 GLU 105 105 105 GLU GLU A . n 
A 1 106 ILE 106 106 106 ILE ILE A . n 
A 1 107 LYS 107 107 107 LYS LYS A . n 
B 1 1   ASP 1   1   1   ASP ASP B . n 
B 1 2   ILE 2   2   2   ILE ILE B . n 
B 1 3   GLU 3   3   3   GLU GLU B . n 
B 1 4   LEU 4   4   4   LEU LEU B . n 
B 1 5   THR 5   5   5   THR THR B . n 
B 1 6   GLN 6   6   6   GLN GLN B . n 
B 1 7   SER 7   7   7   SER SER B . n 
B 1 8   PRO 8   8   8   PRO PRO B . n 
B 1 9   ALA 9   9   9   ALA ALA B . n 
B 1 10  THR 10  10  10  THR THR B . n 
B 1 11  LEU 11  11  11  LEU LEU B . n 
B 1 12  SER 12  12  12  SER SER B . n 
B 1 13  VAL 13  13  13  VAL VAL B . n 
B 1 14  THR 14  14  14  THR THR B . n 
B 1 15  PRO 15  15  15  PRO PRO B . n 
B 1 16  GLY 16  16  16  GLY GLY B . n 
B 1 17  ASN 17  17  17  ASN ASN B . n 
B 1 18  SER 18  18  18  SER SER B . n 
B 1 19  VAL 19  19  19  VAL VAL B . n 
B 1 20  SER 20  20  20  SER SER B . n 
B 1 21  ILE 21  21  21  ILE ILE B . n 
B 1 22  SER 22  22  22  SER SER B . n 
B 1 23  CYS 23  23  23  CYS CYS B . n 
B 1 24  ARG 24  24  24  ARG ARG B . n 
B 1 25  ALA 25  25  25  ALA ALA B . n 
B 1 26  SER 26  26  26  SER SER B . n 
B 1 27  GLN 27  27  27  GLN GLN B . n 
B 1 28  SER 28  28  28  SER SER B . n 
B 1 29  ILE 29  29  29  ILE ILE B . n 
B 1 30  GLY 30  30  30  GLY GLY B . n 
B 1 31  ASN 31  31  31  ASN ASN B . n 
B 1 32  ARG 32  32  32  ARG ARG B . n 
B 1 33  LEU 33  33  33  LEU LEU B . n 
B 1 34  PHE 34  34  34  PHE PHE B . n 
B 1 35  TRP 35  35  35  TRP TRP B . n 
B 1 36  TYR 36  36  36  TYR TYR B . n 
B 1 37  GLN 37  37  37  GLN GLN B . n 
B 1 38  GLN 38  38  38  GLN GLN B . n 
B 1 39  LYS 39  39  39  LYS LYS B . n 
B 1 40  SER 40  40  40  SER SER B . n 
B 1 41  HIS 41  41  41  HIS HIS B . n 
B 1 42  GLU 42  42  42  GLU GLU B . n 
B 1 43  SER 43  43  43  SER SER B . n 
B 1 44  PRO 44  44  44  PRO PRO B . n 
B 1 45  ARG 45  45  45  ARG ARG B . n 
B 1 46  LEU 46  46  46  LEU LEU B . n 
B 1 47  LEU 47  47  47  LEU LEU B . n 
B 1 48  ILE 48  48  48  ILE ILE B . n 
B 1 49  LYS 49  49  49  LYS LYS B . n 
B 1 50  TYR 50  50  50  TYR TYR B . n 
B 1 51  ALA 51  51  51  ALA ALA B . n 
B 1 52  SER 52  52  52  SER SER B . n 
B 1 53  GLN 53  53  53  GLN GLN B . n 
B 1 54  SER 54  54  54  SER SER B . n 
B 1 55  ILE 55  55  55  ILE ILE B . n 
B 1 56  SER 56  56  56  SER SER B . n 
B 1 57  GLY 57  57  57  GLY GLY B . n 
B 1 58  ILE 58  58  58  ILE ILE B . n 
B 1 59  PRO 59  59  59  PRO PRO B . n 
B 1 60  SER 60  60  60  SER SER B . n 
B 1 61  ARG 61  61  61  ARG ARG B . n 
B 1 62  PHE 62  62  62  PHE PHE B . n 
B 1 63  SER 63  63  63  SER SER B . n 
B 1 64  GLY 64  64  64  GLY GLY B . n 
B 1 65  SER 65  65  65  SER SER B . n 
B 1 66  GLY 66  66  66  GLY GLY B . n 
B 1 67  SER 67  67  67  SER SER B . n 
B 1 68  GLY 68  68  68  GLY GLY B . n 
B 1 69  THR 69  69  69  THR THR B . n 
B 1 70  ASP 70  70  70  ASP ASP B . n 
B 1 71  PHE 71  71  71  PHE PHE B . n 
B 1 72  THR 72  72  72  THR THR B . n 
B 1 73  LEU 73  73  73  LEU LEU B . n 
B 1 74  SER 74  74  74  SER SER B . n 
B 1 75  ILE 75  75  75  ILE ILE B . n 
B 1 76  ASN 76  76  76  ASN ASN B . n 
B 1 77  SER 77  77  77  SER SER B . n 
B 1 78  VAL 78  78  78  VAL VAL B . n 
B 1 79  GLU 79  79  79  GLU GLU B . n 
B 1 80  THR 80  80  80  THR THR B . n 
B 1 81  GLU 81  81  81  GLU GLU B . n 
B 1 82  ASP 82  82  82  ASP ASP B . n 
B 1 83  LEU 83  83  83  LEU LEU B . n 
B 1 84  ALA 84  84  84  ALA ALA B . n 
B 1 85  VAL 85  85  85  VAL VAL B . n 
B 1 86  TYR 86  86  86  TYR TYR B . n 
B 1 87  PHE 87  87  87  PHE PHE B . n 
B 1 88  CYS 88  88  88  CYS CYS B . n 
B 1 89  GLN 89  89  89  GLN GLN B . n 
B 1 90  GLN 90  90  90  GLN GLN B . n 
B 1 91  VAL 91  91  91  VAL VAL B . n 
B 1 92  SER 92  92  92  SER SER B . n 
B 1 93  GLU 93  93  93  GLU GLU B . n 
B 1 94  TRP 94  94  94  TRP TRP B . n 
B 1 95  PRO 95  95  95  PRO PRO B . n 
B 1 96  PHE 96  96  96  PHE PHE B . n 
B 1 97  THR 97  97  97  THR THR B . n 
B 1 98  PHE 98  98  98  PHE PHE B . n 
B 1 99  GLY 99  99  99  GLY GLY B . n 
B 1 100 GLY 100 100 100 GLY GLY B . n 
B 1 101 GLY 101 101 101 GLY GLY B . n 
B 1 102 THR 102 102 102 THR THR B . n 
B 1 103 LYS 103 103 103 LYS LYS B . n 
B 1 104 LEU 104 104 104 LEU LEU B . n 
B 1 105 GLU 105 105 105 GLU GLU B . n 
B 1 106 ILE 106 106 106 ILE ILE B . n 
B 1 107 LYS 107 107 107 LYS LYS B . n 
# 
loop_
_pdbx_nonpoly_scheme.asym_id 
_pdbx_nonpoly_scheme.entity_id 
_pdbx_nonpoly_scheme.mon_id 
_pdbx_nonpoly_scheme.ndb_seq_num 
_pdbx_nonpoly_scheme.pdb_seq_num 
_pdbx_nonpoly_scheme.auth_seq_num 
_pdbx_nonpoly_scheme.pdb_mon_id 
_pdbx_nonpoly_scheme.auth_mon_id 
_pdbx_nonpoly_scheme.pdb_strand_id 
_pdbx_nonpoly_scheme.pdb_ins_code 
C 2 IPA 1  108 86 IPA IPA A . 
D 3 HOH 1  109 1  HOH HOH A . 
D 3 HOH 2  110 2  HOH HOH A . 
D 3 HOH 3  111 3  HOH HOH A . 
D 3 HOH 4  112 4  HOH HOH A . 
D 3 HOH 5  113 5  HOH HOH A . 
D 3 HOH 6  114 6  HOH HOH A . 
D 3 HOH 7  115 7  HOH HOH A . 
D 3 HOH 8  116 8  HOH HOH A . 
D 3 HOH 9  117 9  HOH HOH A . 
D 3 HOH 10 118 10 HOH HOH A . 
D 3 HOH 11 119 11 HOH HOH A . 
D 3 HOH 12 120 12 HOH HOH A . 
D 3 HOH 13 121 13 HOH HOH A . 
D 3 HOH 14 122 14 HOH HOH A . 
D 3 HOH 15 123 15 HOH HOH A . 
D 3 HOH 16 124 16 HOH HOH A . 
D 3 HOH 17 125 17 HOH HOH A . 
D 3 HOH 18 126 18 HOH HOH A . 
D 3 HOH 19 127 19 HOH HOH A . 
D 3 HOH 20 128 20 HOH HOH A . 
D 3 HOH 21 129 21 HOH HOH A . 
D 3 HOH 22 130 22 HOH HOH A . 
D 3 HOH 23 131 23 HOH HOH A . 
D 3 HOH 24 132 24 HOH HOH A . 
D 3 HOH 25 133 25 HOH HOH A . 
D 3 HOH 26 134 26 HOH HOH A . 
D 3 HOH 27 135 27 HOH HOH A . 
D 3 HOH 28 136 28 HOH HOH A . 
D 3 HOH 29 137 29 HOH HOH A . 
D 3 HOH 30 138 30 HOH HOH A . 
D 3 HOH 31 139 31 HOH HOH A . 
D 3 HOH 32 140 32 HOH HOH A . 
D 3 HOH 33 141 33 HOH HOH A . 
D 3 HOH 34 142 34 HOH HOH A . 
D 3 HOH 35 143 35 HOH HOH A . 
D 3 HOH 36 144 36 HOH HOH A . 
D 3 HOH 37 145 37 HOH HOH A . 
D 3 HOH 38 146 38 HOH HOH A . 
D 3 HOH 39 147 39 HOH HOH A . 
D 3 HOH 40 148 40 HOH HOH A . 
D 3 HOH 41 149 41 HOH HOH A . 
D 3 HOH 42 150 42 HOH HOH A . 
D 3 HOH 43 151 43 HOH HOH A . 
D 3 HOH 44 152 44 HOH HOH A . 
D 3 HOH 45 153 45 HOH HOH A . 
D 3 HOH 46 154 46 HOH HOH A . 
D 3 HOH 47 155 47 HOH HOH A . 
D 3 HOH 48 156 48 HOH HOH A . 
D 3 HOH 49 157 49 HOH HOH A . 
D 3 HOH 50 158 65 HOH HOH A . 
D 3 HOH 51 159 70 HOH HOH A . 
E 3 HOH 1  108 50 HOH HOH B . 
E 3 HOH 2  109 51 HOH HOH B . 
E 3 HOH 3  110 52 HOH HOH B . 
E 3 HOH 4  111 53 HOH HOH B . 
E 3 HOH 5  112 54 HOH HOH B . 
E 3 HOH 6  113 55 HOH HOH B . 
E 3 HOH 7  114 56 HOH HOH B . 
E 3 HOH 8  115 57 HOH HOH B . 
E 3 HOH 9  116 58 HOH HOH B . 
E 3 HOH 10 117 59 HOH HOH B . 
E 3 HOH 11 118 60 HOH HOH B . 
E 3 HOH 12 119 61 HOH HOH B . 
E 3 HOH 13 120 62 HOH HOH B . 
E 3 HOH 14 121 63 HOH HOH B . 
E 3 HOH 15 122 64 HOH HOH B . 
E 3 HOH 16 123 66 HOH HOH B . 
E 3 HOH 17 124 67 HOH HOH B . 
E 3 HOH 18 125 68 HOH HOH B . 
E 3 HOH 19 126 69 HOH HOH B . 
E 3 HOH 20 127 71 HOH HOH B . 
E 3 HOH 21 128 72 HOH HOH B . 
E 3 HOH 22 129 73 HOH HOH B . 
E 3 HOH 23 130 74 HOH HOH B . 
E 3 HOH 24 131 75 HOH HOH B . 
E 3 HOH 25 132 76 HOH HOH B . 
E 3 HOH 26 133 77 HOH HOH B . 
E 3 HOH 27 134 78 HOH HOH B . 
E 3 HOH 28 135 79 HOH HOH B . 
E 3 HOH 29 136 80 HOH HOH B . 
E 3 HOH 30 137 81 HOH HOH B . 
E 3 HOH 31 138 82 HOH HOH B . 
E 3 HOH 32 139 83 HOH HOH B . 
E 3 HOH 33 140 84 HOH HOH B . 
E 3 HOH 34 141 85 HOH HOH B . 
# 
loop_
_pdbx_unobs_or_zero_occ_atoms.id 
_pdbx_unobs_or_zero_occ_atoms.PDB_model_num 
_pdbx_unobs_or_zero_occ_atoms.polymer_flag 
_pdbx_unobs_or_zero_occ_atoms.occupancy_flag 
_pdbx_unobs_or_zero_occ_atoms.auth_asym_id 
_pdbx_unobs_or_zero_occ_atoms.auth_comp_id 
_pdbx_unobs_or_zero_occ_atoms.auth_seq_id 
_pdbx_unobs_or_zero_occ_atoms.PDB_ins_code 
_pdbx_unobs_or_zero_occ_atoms.auth_atom_id 
_pdbx_unobs_or_zero_occ_atoms.label_alt_id 
_pdbx_unobs_or_zero_occ_atoms.label_asym_id 
_pdbx_unobs_or_zero_occ_atoms.label_comp_id 
_pdbx_unobs_or_zero_occ_atoms.label_seq_id 
_pdbx_unobs_or_zero_occ_atoms.label_atom_id 
1  1 Y 0 A ARG 24 ? CD  ? A ARG 24 CD  
2  1 Y 0 A ARG 24 ? NE  ? A ARG 24 NE  
3  1 Y 0 A ARG 24 ? CZ  ? A ARG 24 CZ  
4  1 Y 0 A ARG 24 ? NH1 ? A ARG 24 NH1 
5  1 Y 0 A ARG 24 ? NH2 ? A ARG 24 NH2 
6  1 Y 0 B ARG 24 ? CD  ? B ARG 24 CD  
7  1 Y 0 B ARG 24 ? NE  ? B ARG 24 NE  
8  1 Y 0 B ARG 24 ? CZ  ? B ARG 24 CZ  
9  1 Y 0 B ARG 24 ? NH1 ? B ARG 24 NH1 
10 1 Y 0 B ARG 24 ? NH2 ? B ARG 24 NH2 
# 
loop_
_software.name 
_software.classification 
_software.version 
_software.citation_id 
_software.pdbx_ordinal 
X-PLOR 'model building' . ? 1 
X-PLOR refinement       . ? 2 
X-PLOR phasing          . ? 3 
# 
_cell.entry_id           1IVL 
_cell.length_a           46.890 
_cell.length_b           58.050 
_cell.length_c           83.220 
_cell.angle_alpha        90.00 
_cell.angle_beta         90.00 
_cell.angle_gamma        90.00 
_cell.Z_PDB              8 
_cell.pdbx_unique_axis   ? 
_cell.length_a_esd       ? 
_cell.length_b_esd       ? 
_cell.length_c_esd       ? 
_cell.angle_alpha_esd    ? 
_cell.angle_beta_esd     ? 
_cell.angle_gamma_esd    ? 
# 
_symmetry.entry_id                         1IVL 
_symmetry.space_group_name_H-M             'P 21 21 21' 
_symmetry.pdbx_full_space_group_name_H-M   ? 
_symmetry.cell_setting                     ? 
_symmetry.Int_Tables_number                19 
_symmetry.space_group_name_Hall            ? 
# 
_exptl.entry_id          1IVL 
_exptl.method            'X-RAY DIFFRACTION' 
_exptl.crystals_number   ? 
# 
_exptl_crystal.id                    1 
_exptl_crystal.density_meas          ? 
_exptl_crystal.density_Matthews      2.43 
_exptl_crystal.density_percent_sol   49.31 
_exptl_crystal.description           ? 
_exptl_crystal.F_000                 ? 
_exptl_crystal.preparation           ? 
# 
_diffrn.id                     1 
_diffrn.ambient_temp           ? 
_diffrn.ambient_temp_details   ? 
_diffrn.crystal_id             1 
# 
_diffrn_radiation.diffrn_id                        1 
_diffrn_radiation.wavelength_id                    1 
_diffrn_radiation.pdbx_monochromatic_or_laue_m_l   ? 
_diffrn_radiation.monochromator                    ? 
_diffrn_radiation.pdbx_diffrn_protocol             ? 
_diffrn_radiation.pdbx_scattering_type             x-ray 
# 
_diffrn_radiation_wavelength.id           1 
_diffrn_radiation_wavelength.wavelength   . 
_diffrn_radiation_wavelength.wt           1.0 
# 
_refine.entry_id                                 1IVL 
_refine.ls_number_reflns_obs                     11378 
_refine.ls_number_reflns_all                     ? 
_refine.pdbx_ls_sigma_I                          ? 
_refine.pdbx_ls_sigma_F                          2.0 
_refine.pdbx_data_cutoff_high_absF               ? 
_refine.pdbx_data_cutoff_low_absF                ? 
_refine.pdbx_data_cutoff_high_rms_absF           ? 
_refine.ls_d_res_low                             6.00 
_refine.ls_d_res_high                            2.17 
_refine.ls_percent_reflns_obs                    ? 
_refine.ls_R_factor_obs                          0.175 
_refine.ls_R_factor_all                          ? 
_refine.ls_R_factor_R_work                       0.175 
_refine.ls_R_factor_R_free                       ? 
_refine.ls_R_factor_R_free_error                 ? 
_refine.ls_R_factor_R_free_error_details         ? 
_refine.ls_percent_reflns_R_free                 ? 
_refine.ls_number_reflns_R_free                  ? 
_refine.ls_number_parameters                     ? 
_refine.ls_number_restraints                     ? 
_refine.occupancy_min                            ? 
_refine.occupancy_max                            ? 
_refine.B_iso_mean                               ? 
_refine.aniso_B[1][1]                            ? 
_refine.aniso_B[2][2]                            ? 
_refine.aniso_B[3][3]                            ? 
_refine.aniso_B[1][2]                            ? 
_refine.aniso_B[1][3]                            ? 
_refine.aniso_B[2][3]                            ? 
_refine.solvent_model_details                    ? 
_refine.solvent_model_param_ksol                 ? 
_refine.solvent_model_param_bsol                 ? 
_refine.pdbx_ls_cross_valid_method               ? 
_refine.details                                  ? 
_refine.pdbx_starting_model                      ? 
_refine.pdbx_method_to_determine_struct          ? 
_refine.pdbx_isotropic_thermal_model             ? 
_refine.pdbx_stereochemistry_target_values       ? 
_refine.pdbx_stereochem_target_val_spec_case     ? 
_refine.pdbx_R_Free_selection_details            ? 
_refine.pdbx_overall_ESU_R                       ? 
_refine.pdbx_overall_ESU_R_Free                  ? 
_refine.overall_SU_ML                            ? 
_refine.overall_SU_B                             ? 
_refine.pdbx_refine_id                           'X-RAY DIFFRACTION' 
_refine.ls_redundancy_reflns_obs                 ? 
_refine.pdbx_overall_phase_error                 ? 
_refine.B_iso_min                                ? 
_refine.B_iso_max                                ? 
_refine.correlation_coeff_Fo_to_Fc               ? 
_refine.correlation_coeff_Fo_to_Fc_free          ? 
_refine.pdbx_solvent_vdw_probe_radii             ? 
_refine.pdbx_solvent_ion_probe_radii             ? 
_refine.pdbx_solvent_shrinkage_radii             ? 
_refine.overall_SU_R_Cruickshank_DPI             ? 
_refine.overall_SU_R_free                        ? 
_refine.ls_wR_factor_R_free                      ? 
_refine.ls_wR_factor_R_work                      ? 
_refine.overall_FOM_free_R_set                   ? 
_refine.overall_FOM_work_R_set                   ? 
_refine.pdbx_diffrn_id                           1 
_refine.pdbx_TLS_residual_ADP_flag               ? 
_refine.pdbx_overall_SU_R_free_Cruickshank_DPI   ? 
_refine.pdbx_overall_SU_R_Blow_DPI               ? 
_refine.pdbx_overall_SU_R_free_Blow_DPI          ? 
# 
_refine_hist.pdbx_refine_id                   'X-RAY DIFFRACTION' 
_refine_hist.cycle_id                         LAST 
_refine_hist.pdbx_number_atoms_protein        1644 
_refine_hist.pdbx_number_atoms_nucleic_acid   0 
_refine_hist.pdbx_number_atoms_ligand         4 
_refine_hist.number_atoms_solvent             85 
_refine_hist.number_atoms_total               1733 
_refine_hist.d_res_high                       2.17 
_refine_hist.d_res_low                        6.00 
# 
loop_
_refine_ls_restr.type 
_refine_ls_restr.dev_ideal 
_refine_ls_restr.dev_ideal_target 
_refine_ls_restr.weight 
_refine_ls_restr.number 
_refine_ls_restr.pdbx_refine_id 
_refine_ls_restr.pdbx_restraint_function 
x_bond_d                0.013 ? ? ? 'X-RAY DIFFRACTION' ? 
x_bond_d_na             ?     ? ? ? 'X-RAY DIFFRACTION' ? 
x_bond_d_prot           ?     ? ? ? 'X-RAY DIFFRACTION' ? 
x_angle_d               ?     ? ? ? 'X-RAY DIFFRACTION' ? 
x_angle_d_na            ?     ? ? ? 'X-RAY DIFFRACTION' ? 
x_angle_d_prot          ?     ? ? ? 'X-RAY DIFFRACTION' ? 
x_angle_deg             1.7   ? ? ? 'X-RAY DIFFRACTION' ? 
x_angle_deg_na          ?     ? ? ? 'X-RAY DIFFRACTION' ? 
x_angle_deg_prot        ?     ? ? ? 'X-RAY DIFFRACTION' ? 
x_dihedral_angle_d      ?     ? ? ? 'X-RAY DIFFRACTION' ? 
x_dihedral_angle_d_na   ?     ? ? ? 'X-RAY DIFFRACTION' ? 
x_dihedral_angle_d_prot ?     ? ? ? 'X-RAY DIFFRACTION' ? 
x_improper_angle_d      ?     ? ? ? 'X-RAY DIFFRACTION' ? 
x_improper_angle_d_na   ?     ? ? ? 'X-RAY DIFFRACTION' ? 
x_improper_angle_d_prot ?     ? ? ? 'X-RAY DIFFRACTION' ? 
x_mcbond_it             ?     ? ? ? 'X-RAY DIFFRACTION' ? 
x_mcangle_it            ?     ? ? ? 'X-RAY DIFFRACTION' ? 
x_scbond_it             ?     ? ? ? 'X-RAY DIFFRACTION' ? 
x_scangle_it            ?     ? ? ? 'X-RAY DIFFRACTION' ? 
# 
_struct.entry_id                  1IVL 
_struct.title                     
'THE DE NOVO DESIGN OF AN ANTIBODY COMBINING SITE: CRYSTALLOGRAPHIC ANALYSIS OF THE VL DOMAIN CONFIRMS THE STRUCTURAL MODEL' 
_struct.pdbx_model_details        ? 
_struct.pdbx_CASP_flag            ? 
_struct.pdbx_model_type_details   ? 
# 
_struct_keywords.entry_id        1IVL 
_struct_keywords.pdbx_keywords   IMMUNOGLOBULIN 
_struct_keywords.text            IMMUNOGLOBULIN 
# 
loop_
_struct_asym.id 
_struct_asym.pdbx_blank_PDB_chainid_flag 
_struct_asym.pdbx_modified 
_struct_asym.entity_id 
_struct_asym.details 
A N N 1 ? 
B N N 1 ? 
C N N 2 ? 
D N N 3 ? 
E N N 3 ? 
# 
_struct_ref.id                         1 
_struct_ref.db_name                    GB 
_struct_ref.db_code                    AAA38741 
_struct_ref.entity_id                  1 
_struct_ref.pdbx_db_accession          196585 
_struct_ref.pdbx_align_begin           1 
_struct_ref.pdbx_seq_one_letter_code   
;DIVLTQSPATLSVTPGNSVSLSCRASQSIGNNLHWYQQKSHESPRLLIKYASQSISGIPSRFSGSGSGTDFTLSINSVET
EDFGMYFCQQSNSWPYTFGGGTKLEIK
;
_struct_ref.pdbx_db_isoform            ? 
# 
loop_
_struct_ref_seq.align_id 
_struct_ref_seq.ref_id 
_struct_ref_seq.pdbx_PDB_id_code 
_struct_ref_seq.pdbx_strand_id 
_struct_ref_seq.seq_align_beg 
_struct_ref_seq.pdbx_seq_align_beg_ins_code 
_struct_ref_seq.seq_align_end 
_struct_ref_seq.pdbx_seq_align_end_ins_code 
_struct_ref_seq.pdbx_db_accession 
_struct_ref_seq.db_align_beg 
_struct_ref_seq.pdbx_db_align_beg_ins_code 
_struct_ref_seq.db_align_end 
_struct_ref_seq.pdbx_db_align_end_ins_code 
_struct_ref_seq.pdbx_auth_seq_align_beg 
_struct_ref_seq.pdbx_auth_seq_align_end 
1 1 1IVL A 1 ? 107 ? 196585 1 ? 107 ? 1 107 
2 1 1IVL B 1 ? 107 ? 196585 1 ? 107 ? 1 107 
# 
loop_
_struct_ref_seq_dif.align_id 
_struct_ref_seq_dif.pdbx_pdb_id_code 
_struct_ref_seq_dif.mon_id 
_struct_ref_seq_dif.pdbx_pdb_strand_id 
_struct_ref_seq_dif.seq_num 
_struct_ref_seq_dif.pdbx_pdb_ins_code 
_struct_ref_seq_dif.pdbx_seq_db_name 
_struct_ref_seq_dif.pdbx_seq_db_accession_code 
_struct_ref_seq_dif.db_mon_id 
_struct_ref_seq_dif.pdbx_seq_db_seq_num 
_struct_ref_seq_dif.details 
_struct_ref_seq_dif.pdbx_auth_seq_num 
_struct_ref_seq_dif.pdbx_ordinal 
1 1IVL GLU A 3  ? GB 196585 VAL 3  conflict 3  1  
1 1IVL ILE A 21 ? GB 196585 LEU 21 conflict 21 2  
1 1IVL ARG A 32 ? GB 196585 ASN 32 conflict 32 3  
1 1IVL PHE A 34 ? GB 196585 HIS 34 conflict 34 4  
1 1IVL LEU A 83 ? GB 196585 PHE 83 conflict 83 5  
1 1IVL ALA A 84 ? GB 196585 GLY 84 conflict 84 6  
1 1IVL VAL A 85 ? GB 196585 MET 85 conflict 85 7  
1 1IVL VAL A 91 ? GB 196585 SER 91 conflict 91 8  
1 1IVL SER A 92 ? GB 196585 ASN 92 conflict 92 9  
1 1IVL GLU A 93 ? GB 196585 SER 93 conflict 93 10 
1 1IVL PHE A 96 ? GB 196585 TYR 96 conflict 96 11 
2 1IVL GLU B 3  ? GB 196585 VAL 3  conflict 3  12 
2 1IVL ILE B 21 ? GB 196585 LEU 21 conflict 21 13 
2 1IVL ARG B 32 ? GB 196585 ASN 32 conflict 32 14 
2 1IVL PHE B 34 ? GB 196585 HIS 34 conflict 34 15 
2 1IVL LEU B 83 ? GB 196585 PHE 83 conflict 83 16 
2 1IVL ALA B 84 ? GB 196585 GLY 84 conflict 84 17 
2 1IVL VAL B 85 ? GB 196585 MET 85 conflict 85 18 
2 1IVL VAL B 91 ? GB 196585 SER 91 conflict 91 19 
2 1IVL SER B 92 ? GB 196585 ASN 92 conflict 92 20 
2 1IVL GLU B 93 ? GB 196585 SER 93 conflict 93 21 
2 1IVL PHE B 96 ? GB 196585 TYR 96 conflict 96 22 
# 
_pdbx_struct_assembly.id                   1 
_pdbx_struct_assembly.details              author_defined_assembly 
_pdbx_struct_assembly.method_details       ? 
_pdbx_struct_assembly.oligomeric_details   dimeric 
_pdbx_struct_assembly.oligomeric_count     2 
# 
_pdbx_struct_assembly_gen.assembly_id       1 
_pdbx_struct_assembly_gen.oper_expression   1 
_pdbx_struct_assembly_gen.asym_id_list      A,B,C,D,E 
# 
_pdbx_struct_oper_list.id                   1 
_pdbx_struct_oper_list.type                 'identity operation' 
_pdbx_struct_oper_list.name                 1_555 
_pdbx_struct_oper_list.symmetry_operation   x,y,z 
_pdbx_struct_oper_list.matrix[1][1]         1.0000000000 
_pdbx_struct_oper_list.matrix[1][2]         0.0000000000 
_pdbx_struct_oper_list.matrix[1][3]         0.0000000000 
_pdbx_struct_oper_list.vector[1]            0.0000000000 
_pdbx_struct_oper_list.matrix[2][1]         0.0000000000 
_pdbx_struct_oper_list.matrix[2][2]         1.0000000000 
_pdbx_struct_oper_list.matrix[2][3]         0.0000000000 
_pdbx_struct_oper_list.vector[2]            0.0000000000 
_pdbx_struct_oper_list.matrix[3][1]         0.0000000000 
_pdbx_struct_oper_list.matrix[3][2]         0.0000000000 
_pdbx_struct_oper_list.matrix[3][3]         1.0000000000 
_pdbx_struct_oper_list.vector[3]            0.0000000000 
# 
_struct_biol.id        1 
_struct_biol.details   ? 
# 
loop_
_struct_conf.conf_type_id 
_struct_conf.id 
_struct_conf.pdbx_PDB_helix_id 
_struct_conf.beg_label_comp_id 
_struct_conf.beg_label_asym_id 
_struct_conf.beg_label_seq_id 
_struct_conf.pdbx_beg_PDB_ins_code 
_struct_conf.end_label_comp_id 
_struct_conf.end_label_asym_id 
_struct_conf.end_label_seq_id 
_struct_conf.pdbx_end_PDB_ins_code 
_struct_conf.beg_auth_comp_id 
_struct_conf.beg_auth_asym_id 
_struct_conf.beg_auth_seq_id 
_struct_conf.end_auth_comp_id 
_struct_conf.end_auth_asym_id 
_struct_conf.end_auth_seq_id 
_struct_conf.pdbx_PDB_helix_class 
_struct_conf.details 
_struct_conf.pdbx_PDB_helix_length 
HELX_P HELX_P1 1 GLU A 79 ? LEU A 83 ? GLU A 79 LEU A 83 5 ? 5 
HELX_P HELX_P2 2 GLU B 79 ? LEU B 83 ? GLU B 79 LEU B 83 5 ? 5 
# 
_struct_conf_type.id          HELX_P 
_struct_conf_type.criteria    ? 
_struct_conf_type.reference   ? 
# 
loop_
_struct_conn.id 
_struct_conn.conn_type_id 
_struct_conn.pdbx_leaving_atom_flag 
_struct_conn.pdbx_PDB_id 
_struct_conn.ptnr1_label_asym_id 
_struct_conn.ptnr1_label_comp_id 
_struct_conn.ptnr1_label_seq_id 
_struct_conn.ptnr1_label_atom_id 
_struct_conn.pdbx_ptnr1_label_alt_id 
_struct_conn.pdbx_ptnr1_PDB_ins_code 
_struct_conn.pdbx_ptnr1_standard_comp_id 
_struct_conn.ptnr1_symmetry 
_struct_conn.ptnr2_label_asym_id 
_struct_conn.ptnr2_label_comp_id 
_struct_conn.ptnr2_label_seq_id 
_struct_conn.ptnr2_label_atom_id 
_struct_conn.pdbx_ptnr2_label_alt_id 
_struct_conn.pdbx_ptnr2_PDB_ins_code 
_struct_conn.ptnr1_auth_asym_id 
_struct_conn.ptnr1_auth_comp_id 
_struct_conn.ptnr1_auth_seq_id 
_struct_conn.ptnr2_auth_asym_id 
_struct_conn.ptnr2_auth_comp_id 
_struct_conn.ptnr2_auth_seq_id 
_struct_conn.ptnr2_symmetry 
_struct_conn.pdbx_ptnr3_label_atom_id 
_struct_conn.pdbx_ptnr3_label_seq_id 
_struct_conn.pdbx_ptnr3_label_comp_id 
_struct_conn.pdbx_ptnr3_label_asym_id 
_struct_conn.pdbx_ptnr3_label_alt_id 
_struct_conn.pdbx_ptnr3_PDB_ins_code 
_struct_conn.details 
_struct_conn.pdbx_dist_value 
_struct_conn.pdbx_value_order 
_struct_conn.pdbx_role 
disulf1 disulf ? ? A CYS 23 SG ? ? ? 1_555 A CYS 88 SG ? ? A CYS 23 A CYS 88 1_555 ? ? ? ? ? ? ? 2.042 ? ? 
disulf2 disulf ? ? B CYS 23 SG ? ? ? 1_555 B CYS 88 SG ? ? B CYS 23 B CYS 88 1_555 ? ? ? ? ? ? ? 2.002 ? ? 
# 
_struct_conn_type.id          disulf 
_struct_conn_type.criteria    ? 
_struct_conn_type.reference   ? 
# 
loop_
_pdbx_modification_feature.ordinal 
_pdbx_modification_feature.label_comp_id 
_pdbx_modification_feature.label_asym_id 
_pdbx_modification_feature.label_seq_id 
_pdbx_modification_feature.label_alt_id 
_pdbx_modification_feature.modified_residue_label_comp_id 
_pdbx_modification_feature.modified_residue_label_asym_id 
_pdbx_modification_feature.modified_residue_label_seq_id 
_pdbx_modification_feature.modified_residue_label_alt_id 
_pdbx_modification_feature.auth_comp_id 
_pdbx_modification_feature.auth_asym_id 
_pdbx_modification_feature.auth_seq_id 
_pdbx_modification_feature.PDB_ins_code 
_pdbx_modification_feature.symmetry 
_pdbx_modification_feature.modified_residue_auth_comp_id 
_pdbx_modification_feature.modified_residue_auth_asym_id 
_pdbx_modification_feature.modified_residue_auth_seq_id 
_pdbx_modification_feature.modified_residue_PDB_ins_code 
_pdbx_modification_feature.modified_residue_symmetry 
_pdbx_modification_feature.comp_id_linking_atom 
_pdbx_modification_feature.modified_residue_id_linking_atom 
_pdbx_modification_feature.modified_residue_id 
_pdbx_modification_feature.ref_pcm_id 
_pdbx_modification_feature.ref_comp_id 
_pdbx_modification_feature.type 
_pdbx_modification_feature.category 
1 CYS A 23 ? CYS A 88 ? CYS A 23 ? 1_555 CYS A 88 ? 1_555 SG SG . . . None 'Disulfide bridge' 
2 CYS B 23 ? CYS B 88 ? CYS B 23 ? 1_555 CYS B 88 ? 1_555 SG SG . . . None 'Disulfide bridge' 
# 
loop_
_struct_mon_prot_cis.pdbx_id 
_struct_mon_prot_cis.label_comp_id 
_struct_mon_prot_cis.label_seq_id 
_struct_mon_prot_cis.label_asym_id 
_struct_mon_prot_cis.label_alt_id 
_struct_mon_prot_cis.pdbx_PDB_ins_code 
_struct_mon_prot_cis.auth_comp_id 
_struct_mon_prot_cis.auth_seq_id 
_struct_mon_prot_cis.auth_asym_id 
_struct_mon_prot_cis.pdbx_label_comp_id_2 
_struct_mon_prot_cis.pdbx_label_seq_id_2 
_struct_mon_prot_cis.pdbx_label_asym_id_2 
_struct_mon_prot_cis.pdbx_PDB_ins_code_2 
_struct_mon_prot_cis.pdbx_auth_comp_id_2 
_struct_mon_prot_cis.pdbx_auth_seq_id_2 
_struct_mon_prot_cis.pdbx_auth_asym_id_2 
_struct_mon_prot_cis.pdbx_PDB_model_num 
_struct_mon_prot_cis.pdbx_omega_angle 
1 SER 7  A . ? SER 7  A PRO 8  A ? PRO 8  A 1 -10.22 
2 TRP 94 A . ? TRP 94 A PRO 95 A ? PRO 95 A 1 -4.39  
3 SER 7  B . ? SER 7  B PRO 8  B ? PRO 8  B 1 -1.74  
4 TRP 94 B . ? TRP 94 B PRO 95 B ? PRO 95 B 1 -8.26  
# 
loop_
_struct_sheet.id 
_struct_sheet.type 
_struct_sheet.number_strands 
_struct_sheet.details 
A ? 4 ? 
B ? 6 ? 
C ? 4 ? 
D ? 6 ? 
# 
loop_
_struct_sheet_order.sheet_id 
_struct_sheet_order.range_id_1 
_struct_sheet_order.range_id_2 
_struct_sheet_order.offset 
_struct_sheet_order.sense 
A 1 2 ? anti-parallel 
A 2 3 ? anti-parallel 
A 3 4 ? anti-parallel 
B 1 2 ? parallel      
B 2 3 ? anti-parallel 
B 3 4 ? anti-parallel 
B 4 5 ? anti-parallel 
B 5 6 ? anti-parallel 
C 1 2 ? anti-parallel 
C 2 3 ? anti-parallel 
C 3 4 ? anti-parallel 
D 1 2 ? parallel      
D 2 3 ? anti-parallel 
D 3 4 ? anti-parallel 
D 4 5 ? anti-parallel 
D 5 6 ? anti-parallel 
# 
loop_
_struct_sheet_range.sheet_id 
_struct_sheet_range.id 
_struct_sheet_range.beg_label_comp_id 
_struct_sheet_range.beg_label_asym_id 
_struct_sheet_range.beg_label_seq_id 
_struct_sheet_range.pdbx_beg_PDB_ins_code 
_struct_sheet_range.end_label_comp_id 
_struct_sheet_range.end_label_asym_id 
_struct_sheet_range.end_label_seq_id 
_struct_sheet_range.pdbx_end_PDB_ins_code 
_struct_sheet_range.beg_auth_comp_id 
_struct_sheet_range.beg_auth_asym_id 
_struct_sheet_range.beg_auth_seq_id 
_struct_sheet_range.end_auth_comp_id 
_struct_sheet_range.end_auth_asym_id 
_struct_sheet_range.end_auth_seq_id 
A 1 LEU A 4   ? SER A 7   ? LEU A 4   SER A 7   
A 2 SER A 18  ? ALA A 25  ? SER A 18  ALA A 25  
A 3 ASP A 70  ? ASN A 76  ? ASP A 70  ASN A 76  
A 4 PHE A 62  ? GLY A 66  ? PHE A 62  GLY A 66  
B 1 THR A 10  ? VAL A 13  ? THR A 10  VAL A 13  
B 2 THR A 102 ? ILE A 106 ? THR A 102 ILE A 106 
B 3 ALA A 84  ? GLN A 90  ? ALA A 84  GLN A 90  
B 4 LEU A 33  ? GLN A 38  ? LEU A 33  GLN A 38  
B 5 ARG A 45  ? LYS A 49  ? ARG A 45  LYS A 49  
B 6 GLN A 53  ? SER A 54  ? GLN A 53  SER A 54  
C 1 LEU B 4   ? SER B 7   ? LEU B 4   SER B 7   
C 2 VAL B 19  ? ALA B 25  ? VAL B 19  ALA B 25  
C 3 ASP B 70  ? ILE B 75  ? ASP B 70  ILE B 75  
C 4 PHE B 62  ? SER B 67  ? PHE B 62  SER B 67  
D 1 THR B 10  ? VAL B 13  ? THR B 10  VAL B 13  
D 2 THR B 102 ? ILE B 106 ? THR B 102 ILE B 106 
D 3 ALA B 84  ? GLN B 90  ? ALA B 84  GLN B 90  
D 4 LEU B 33  ? GLN B 38  ? LEU B 33  GLN B 38  
D 5 ARG B 45  ? LYS B 49  ? ARG B 45  LYS B 49  
D 6 GLN B 53  ? SER B 54  ? GLN B 53  SER B 54  
# 
loop_
_pdbx_struct_sheet_hbond.sheet_id 
_pdbx_struct_sheet_hbond.range_id_1 
_pdbx_struct_sheet_hbond.range_id_2 
_pdbx_struct_sheet_hbond.range_1_label_atom_id 
_pdbx_struct_sheet_hbond.range_1_label_comp_id 
_pdbx_struct_sheet_hbond.range_1_label_asym_id 
_pdbx_struct_sheet_hbond.range_1_label_seq_id 
_pdbx_struct_sheet_hbond.range_1_PDB_ins_code 
_pdbx_struct_sheet_hbond.range_1_auth_atom_id 
_pdbx_struct_sheet_hbond.range_1_auth_comp_id 
_pdbx_struct_sheet_hbond.range_1_auth_asym_id 
_pdbx_struct_sheet_hbond.range_1_auth_seq_id 
_pdbx_struct_sheet_hbond.range_2_label_atom_id 
_pdbx_struct_sheet_hbond.range_2_label_comp_id 
_pdbx_struct_sheet_hbond.range_2_label_asym_id 
_pdbx_struct_sheet_hbond.range_2_label_seq_id 
_pdbx_struct_sheet_hbond.range_2_PDB_ins_code 
_pdbx_struct_sheet_hbond.range_2_auth_atom_id 
_pdbx_struct_sheet_hbond.range_2_auth_comp_id 
_pdbx_struct_sheet_hbond.range_2_auth_asym_id 
_pdbx_struct_sheet_hbond.range_2_auth_seq_id 
A 1 2 O SER A 7   ? O SER A 7   N SER A 22  ? N SER A 22  
A 2 3 O CYS A 23  ? O CYS A 23  N PHE A 71  ? N PHE A 71  
A 3 4 N SER A 74  ? N SER A 74  O SER A 63  ? O SER A 63  
B 1 2 N LEU A 11  ? N LEU A 11  O LYS A 103 ? O LYS A 103 
B 2 3 N LEU A 104 ? N LEU A 104 O ALA A 84  ? O ALA A 84  
B 3 4 O GLN A 89  ? O GLN A 89  N PHE A 34  ? N PHE A 34  
B 4 5 O GLN A 37  ? O GLN A 37  N ARG A 45  ? N ARG A 45  
B 5 6 N LYS A 49  ? N LYS A 49  O GLN A 53  ? O GLN A 53  
C 1 2 O SER B 7   ? O SER B 7   N SER B 22  ? N SER B 22  
C 2 3 N CYS B 23  ? N CYS B 23  O PHE B 71  ? O PHE B 71  
C 3 4 N SER B 74  ? N SER B 74  O SER B 63  ? O SER B 63  
D 1 2 N LEU B 11  ? N LEU B 11  O LYS B 103 ? O LYS B 103 
D 2 3 N LEU B 104 ? N LEU B 104 O ALA B 84  ? O ALA B 84  
D 3 4 O GLN B 89  ? O GLN B 89  N PHE B 34  ? N PHE B 34  
D 4 5 O GLN B 37  ? O GLN B 37  N ARG B 45  ? N ARG B 45  
D 5 6 N LYS B 49  ? N LYS B 49  O GLN B 53  ? O GLN B 53  
# 
_struct_site.id                   AC1 
_struct_site.pdbx_evidence_code   Software 
_struct_site.pdbx_auth_asym_id    A 
_struct_site.pdbx_auth_comp_id    IPA 
_struct_site.pdbx_auth_seq_id     108 
_struct_site.pdbx_auth_ins_code   ? 
_struct_site.pdbx_num_residues    4 
_struct_site.details              'BINDING SITE FOR RESIDUE IPA A 108' 
# 
loop_
_struct_site_gen.id 
_struct_site_gen.site_id 
_struct_site_gen.pdbx_num_res 
_struct_site_gen.label_comp_id 
_struct_site_gen.label_asym_id 
_struct_site_gen.label_seq_id 
_struct_site_gen.pdbx_auth_ins_code 
_struct_site_gen.auth_comp_id 
_struct_site_gen.auth_asym_id 
_struct_site_gen.auth_seq_id 
_struct_site_gen.label_atom_id 
_struct_site_gen.label_alt_id 
_struct_site_gen.symmetry 
_struct_site_gen.details 
1 AC1 4 GLN A 38 ? GLN A 38 . ? 1_555 ? 
2 AC1 4 PHE A 98 ? PHE A 98 . ? 1_555 ? 
3 AC1 4 TYR B 36 ? TYR B 36 . ? 1_555 ? 
4 AC1 4 GLN B 89 ? GLN B 89 . ? 1_555 ? 
# 
_pdbx_entry_details.entry_id                   1IVL 
_pdbx_entry_details.compound_details           ? 
_pdbx_entry_details.source_details             ? 
_pdbx_entry_details.nonpolymer_details         ? 
_pdbx_entry_details.sequence_details           
;THE SEQUENCE PRESENTED IN THIS ENTRY IS DESCRIBED IN THE
JRNL ARTICLE LISTED ABOVE.
;
_pdbx_entry_details.has_ligand_of_interest     ? 
_pdbx_entry_details.has_protein_modification   Y 
# 
loop_
_pdbx_validate_torsion.id 
_pdbx_validate_torsion.PDB_model_num 
_pdbx_validate_torsion.auth_comp_id 
_pdbx_validate_torsion.auth_asym_id 
_pdbx_validate_torsion.auth_seq_id 
_pdbx_validate_torsion.PDB_ins_code 
_pdbx_validate_torsion.label_alt_id 
_pdbx_validate_torsion.phi 
_pdbx_validate_torsion.psi 
1 1 ALA A 51 ? ? 80.70   -49.06 
2 1 SER A 52 ? ? -140.05 0.00   
3 1 SER A 77 ? ? 88.58   79.12  
4 1 ALA B 51 ? ? 73.19   -44.65 
5 1 SER B 77 ? ? 65.29   77.65  
# 
loop_
_pdbx_validate_planes.id 
_pdbx_validate_planes.PDB_model_num 
_pdbx_validate_planes.auth_comp_id 
_pdbx_validate_planes.auth_asym_id 
_pdbx_validate_planes.auth_seq_id 
_pdbx_validate_planes.PDB_ins_code 
_pdbx_validate_planes.label_alt_id 
_pdbx_validate_planes.rmsd 
_pdbx_validate_planes.type 
1 1 ARG A 24 ? ? 0.113 'SIDE CHAIN' 
2 1 TYR A 50 ? ? 0.076 'SIDE CHAIN' 
3 1 TYR B 50 ? ? 0.067 'SIDE CHAIN' 
4 1 TYR B 86 ? ? 0.068 'SIDE CHAIN' 
# 
loop_
_chem_comp_atom.comp_id 
_chem_comp_atom.atom_id 
_chem_comp_atom.type_symbol 
_chem_comp_atom.pdbx_aromatic_flag 
_chem_comp_atom.pdbx_stereo_config 
_chem_comp_atom.pdbx_ordinal 
ALA N    N N N 1   
ALA CA   C N S 2   
ALA C    C N N 3   
ALA O    O N N 4   
ALA CB   C N N 5   
ALA OXT  O N N 6   
ALA H    H N N 7   
ALA H2   H N N 8   
ALA HA   H N N 9   
ALA HB1  H N N 10  
ALA HB2  H N N 11  
ALA HB3  H N N 12  
ALA HXT  H N N 13  
ARG N    N N N 14  
ARG CA   C N S 15  
ARG C    C N N 16  
ARG O    O N N 17  
ARG CB   C N N 18  
ARG CG   C N N 19  
ARG CD   C N N 20  
ARG NE   N N N 21  
ARG CZ   C N N 22  
ARG NH1  N N N 23  
ARG NH2  N N N 24  
ARG OXT  O N N 25  
ARG H    H N N 26  
ARG H2   H N N 27  
ARG HA   H N N 28  
ARG HB2  H N N 29  
ARG HB3  H N N 30  
ARG HG2  H N N 31  
ARG HG3  H N N 32  
ARG HD2  H N N 33  
ARG HD3  H N N 34  
ARG HE   H N N 35  
ARG HH11 H N N 36  
ARG HH12 H N N 37  
ARG HH21 H N N 38  
ARG HH22 H N N 39  
ARG HXT  H N N 40  
ASN N    N N N 41  
ASN CA   C N S 42  
ASN C    C N N 43  
ASN O    O N N 44  
ASN CB   C N N 45  
ASN CG   C N N 46  
ASN OD1  O N N 47  
ASN ND2  N N N 48  
ASN OXT  O N N 49  
ASN H    H N N 50  
ASN H2   H N N 51  
ASN HA   H N N 52  
ASN HB2  H N N 53  
ASN HB3  H N N 54  
ASN HD21 H N N 55  
ASN HD22 H N N 56  
ASN HXT  H N N 57  
ASP N    N N N 58  
ASP CA   C N S 59  
ASP C    C N N 60  
ASP O    O N N 61  
ASP CB   C N N 62  
ASP CG   C N N 63  
ASP OD1  O N N 64  
ASP OD2  O N N 65  
ASP OXT  O N N 66  
ASP H    H N N 67  
ASP H2   H N N 68  
ASP HA   H N N 69  
ASP HB2  H N N 70  
ASP HB3  H N N 71  
ASP HD2  H N N 72  
ASP HXT  H N N 73  
CYS N    N N N 74  
CYS CA   C N R 75  
CYS C    C N N 76  
CYS O    O N N 77  
CYS CB   C N N 78  
CYS SG   S N N 79  
CYS OXT  O N N 80  
CYS H    H N N 81  
CYS H2   H N N 82  
CYS HA   H N N 83  
CYS HB2  H N N 84  
CYS HB3  H N N 85  
CYS HG   H N N 86  
CYS HXT  H N N 87  
GLN N    N N N 88  
GLN CA   C N S 89  
GLN C    C N N 90  
GLN O    O N N 91  
GLN CB   C N N 92  
GLN CG   C N N 93  
GLN CD   C N N 94  
GLN OE1  O N N 95  
GLN NE2  N N N 96  
GLN OXT  O N N 97  
GLN H    H N N 98  
GLN H2   H N N 99  
GLN HA   H N N 100 
GLN HB2  H N N 101 
GLN HB3  H N N 102 
GLN HG2  H N N 103 
GLN HG3  H N N 104 
GLN HE21 H N N 105 
GLN HE22 H N N 106 
GLN HXT  H N N 107 
GLU N    N N N 108 
GLU CA   C N S 109 
GLU C    C N N 110 
GLU O    O N N 111 
GLU CB   C N N 112 
GLU CG   C N N 113 
GLU CD   C N N 114 
GLU OE1  O N N 115 
GLU OE2  O N N 116 
GLU OXT  O N N 117 
GLU H    H N N 118 
GLU H2   H N N 119 
GLU HA   H N N 120 
GLU HB2  H N N 121 
GLU HB3  H N N 122 
GLU HG2  H N N 123 
GLU HG3  H N N 124 
GLU HE2  H N N 125 
GLU HXT  H N N 126 
GLY N    N N N 127 
GLY CA   C N N 128 
GLY C    C N N 129 
GLY O    O N N 130 
GLY OXT  O N N 131 
GLY H    H N N 132 
GLY H2   H N N 133 
GLY HA2  H N N 134 
GLY HA3  H N N 135 
GLY HXT  H N N 136 
HIS N    N N N 137 
HIS CA   C N S 138 
HIS C    C N N 139 
HIS O    O N N 140 
HIS CB   C N N 141 
HIS CG   C Y N 142 
HIS ND1  N Y N 143 
HIS CD2  C Y N 144 
HIS CE1  C Y N 145 
HIS NE2  N Y N 146 
HIS OXT  O N N 147 
HIS H    H N N 148 
HIS H2   H N N 149 
HIS HA   H N N 150 
HIS HB2  H N N 151 
HIS HB3  H N N 152 
HIS HD1  H N N 153 
HIS HD2  H N N 154 
HIS HE1  H N N 155 
HIS HE2  H N N 156 
HIS HXT  H N N 157 
HOH O    O N N 158 
HOH H1   H N N 159 
HOH H2   H N N 160 
ILE N    N N N 161 
ILE CA   C N S 162 
ILE C    C N N 163 
ILE O    O N N 164 
ILE CB   C N S 165 
ILE CG1  C N N 166 
ILE CG2  C N N 167 
ILE CD1  C N N 168 
ILE OXT  O N N 169 
ILE H    H N N 170 
ILE H2   H N N 171 
ILE HA   H N N 172 
ILE HB   H N N 173 
ILE HG12 H N N 174 
ILE HG13 H N N 175 
ILE HG21 H N N 176 
ILE HG22 H N N 177 
ILE HG23 H N N 178 
ILE HD11 H N N 179 
ILE HD12 H N N 180 
ILE HD13 H N N 181 
ILE HXT  H N N 182 
IPA C1   C N N 183 
IPA C2   C N N 184 
IPA C3   C N N 185 
IPA O2   O N N 186 
IPA H11  H N N 187 
IPA H12  H N N 188 
IPA H13  H N N 189 
IPA H2   H N N 190 
IPA H31  H N N 191 
IPA H32  H N N 192 
IPA H33  H N N 193 
IPA HO2  H N N 194 
LEU N    N N N 195 
LEU CA   C N S 196 
LEU C    C N N 197 
LEU O    O N N 198 
LEU CB   C N N 199 
LEU CG   C N N 200 
LEU CD1  C N N 201 
LEU CD2  C N N 202 
LEU OXT  O N N 203 
LEU H    H N N 204 
LEU H2   H N N 205 
LEU HA   H N N 206 
LEU HB2  H N N 207 
LEU HB3  H N N 208 
LEU HG   H N N 209 
LEU HD11 H N N 210 
LEU HD12 H N N 211 
LEU HD13 H N N 212 
LEU HD21 H N N 213 
LEU HD22 H N N 214 
LEU HD23 H N N 215 
LEU HXT  H N N 216 
LYS N    N N N 217 
LYS CA   C N S 218 
LYS C    C N N 219 
LYS O    O N N 220 
LYS CB   C N N 221 
LYS CG   C N N 222 
LYS CD   C N N 223 
LYS CE   C N N 224 
LYS NZ   N N N 225 
LYS OXT  O N N 226 
LYS H    H N N 227 
LYS H2   H N N 228 
LYS HA   H N N 229 
LYS HB2  H N N 230 
LYS HB3  H N N 231 
LYS HG2  H N N 232 
LYS HG3  H N N 233 
LYS HD2  H N N 234 
LYS HD3  H N N 235 
LYS HE2  H N N 236 
LYS HE3  H N N 237 
LYS HZ1  H N N 238 
LYS HZ2  H N N 239 
LYS HZ3  H N N 240 
LYS HXT  H N N 241 
MET N    N N N 242 
MET CA   C N S 243 
MET C    C N N 244 
MET O    O N N 245 
MET CB   C N N 246 
MET CG   C N N 247 
MET SD   S N N 248 
MET CE   C N N 249 
MET OXT  O N N 250 
MET H    H N N 251 
MET H2   H N N 252 
MET HA   H N N 253 
MET HB2  H N N 254 
MET HB3  H N N 255 
MET HG2  H N N 256 
MET HG3  H N N 257 
MET HE1  H N N 258 
MET HE2  H N N 259 
MET HE3  H N N 260 
MET HXT  H N N 261 
PHE N    N N N 262 
PHE CA   C N S 263 
PHE C    C N N 264 
PHE O    O N N 265 
PHE CB   C N N 266 
PHE CG   C Y N 267 
PHE CD1  C Y N 268 
PHE CD2  C Y N 269 
PHE CE1  C Y N 270 
PHE CE2  C Y N 271 
PHE CZ   C Y N 272 
PHE OXT  O N N 273 
PHE H    H N N 274 
PHE H2   H N N 275 
PHE HA   H N N 276 
PHE HB2  H N N 277 
PHE HB3  H N N 278 
PHE HD1  H N N 279 
PHE HD2  H N N 280 
PHE HE1  H N N 281 
PHE HE2  H N N 282 
PHE HZ   H N N 283 
PHE HXT  H N N 284 
PRO N    N N N 285 
PRO CA   C N S 286 
PRO C    C N N 287 
PRO O    O N N 288 
PRO CB   C N N 289 
PRO CG   C N N 290 
PRO CD   C N N 291 
PRO OXT  O N N 292 
PRO H    H N N 293 
PRO HA   H N N 294 
PRO HB2  H N N 295 
PRO HB3  H N N 296 
PRO HG2  H N N 297 
PRO HG3  H N N 298 
PRO HD2  H N N 299 
PRO HD3  H N N 300 
PRO HXT  H N N 301 
SER N    N N N 302 
SER CA   C N S 303 
SER C    C N N 304 
SER O    O N N 305 
SER CB   C N N 306 
SER OG   O N N 307 
SER OXT  O N N 308 
SER H    H N N 309 
SER H2   H N N 310 
SER HA   H N N 311 
SER HB2  H N N 312 
SER HB3  H N N 313 
SER HG   H N N 314 
SER HXT  H N N 315 
THR N    N N N 316 
THR CA   C N S 317 
THR C    C N N 318 
THR O    O N N 319 
THR CB   C N R 320 
THR OG1  O N N 321 
THR CG2  C N N 322 
THR OXT  O N N 323 
THR H    H N N 324 
THR H2   H N N 325 
THR HA   H N N 326 
THR HB   H N N 327 
THR HG1  H N N 328 
THR HG21 H N N 329 
THR HG22 H N N 330 
THR HG23 H N N 331 
THR HXT  H N N 332 
TRP N    N N N 333 
TRP CA   C N S 334 
TRP C    C N N 335 
TRP O    O N N 336 
TRP CB   C N N 337 
TRP CG   C Y N 338 
TRP CD1  C Y N 339 
TRP CD2  C Y N 340 
TRP NE1  N Y N 341 
TRP CE2  C Y N 342 
TRP CE3  C Y N 343 
TRP CZ2  C Y N 344 
TRP CZ3  C Y N 345 
TRP CH2  C Y N 346 
TRP OXT  O N N 347 
TRP H    H N N 348 
TRP H2   H N N 349 
TRP HA   H N N 350 
TRP HB2  H N N 351 
TRP HB3  H N N 352 
TRP HD1  H N N 353 
TRP HE1  H N N 354 
TRP HE3  H N N 355 
TRP HZ2  H N N 356 
TRP HZ3  H N N 357 
TRP HH2  H N N 358 
TRP HXT  H N N 359 
TYR N    N N N 360 
TYR CA   C N S 361 
TYR C    C N N 362 
TYR O    O N N 363 
TYR CB   C N N 364 
TYR CG   C Y N 365 
TYR CD1  C Y N 366 
TYR CD2  C Y N 367 
TYR CE1  C Y N 368 
TYR CE2  C Y N 369 
TYR CZ   C Y N 370 
TYR OH   O N N 371 
TYR OXT  O N N 372 
TYR H    H N N 373 
TYR H2   H N N 374 
TYR HA   H N N 375 
TYR HB2  H N N 376 
TYR HB3  H N N 377 
TYR HD1  H N N 378 
TYR HD2  H N N 379 
TYR HE1  H N N 380 
TYR HE2  H N N 381 
TYR HH   H N N 382 
TYR HXT  H N N 383 
VAL N    N N N 384 
VAL CA   C N S 385 
VAL C    C N N 386 
VAL O    O N N 387 
VAL CB   C N N 388 
VAL CG1  C N N 389 
VAL CG2  C N N 390 
VAL OXT  O N N 391 
VAL H    H N N 392 
VAL H2   H N N 393 
VAL HA   H N N 394 
VAL HB   H N N 395 
VAL HG11 H N N 396 
VAL HG12 H N N 397 
VAL HG13 H N N 398 
VAL HG21 H N N 399 
VAL HG22 H N N 400 
VAL HG23 H N N 401 
VAL HXT  H N N 402 
# 
loop_
_chem_comp_bond.comp_id 
_chem_comp_bond.atom_id_1 
_chem_comp_bond.atom_id_2 
_chem_comp_bond.value_order 
_chem_comp_bond.pdbx_aromatic_flag 
_chem_comp_bond.pdbx_stereo_config 
_chem_comp_bond.pdbx_ordinal 
ALA N   CA   sing N N 1   
ALA N   H    sing N N 2   
ALA N   H2   sing N N 3   
ALA CA  C    sing N N 4   
ALA CA  CB   sing N N 5   
ALA CA  HA   sing N N 6   
ALA C   O    doub N N 7   
ALA C   OXT  sing N N 8   
ALA CB  HB1  sing N N 9   
ALA CB  HB2  sing N N 10  
ALA CB  HB3  sing N N 11  
ALA OXT HXT  sing N N 12  
ARG N   CA   sing N N 13  
ARG N   H    sing N N 14  
ARG N   H2   sing N N 15  
ARG CA  C    sing N N 16  
ARG CA  CB   sing N N 17  
ARG CA  HA   sing N N 18  
ARG C   O    doub N N 19  
ARG C   OXT  sing N N 20  
ARG CB  CG   sing N N 21  
ARG CB  HB2  sing N N 22  
ARG CB  HB3  sing N N 23  
ARG CG  CD   sing N N 24  
ARG CG  HG2  sing N N 25  
ARG CG  HG3  sing N N 26  
ARG CD  NE   sing N N 27  
ARG CD  HD2  sing N N 28  
ARG CD  HD3  sing N N 29  
ARG NE  CZ   sing N N 30  
ARG NE  HE   sing N N 31  
ARG CZ  NH1  sing N N 32  
ARG CZ  NH2  doub N N 33  
ARG NH1 HH11 sing N N 34  
ARG NH1 HH12 sing N N 35  
ARG NH2 HH21 sing N N 36  
ARG NH2 HH22 sing N N 37  
ARG OXT HXT  sing N N 38  
ASN N   CA   sing N N 39  
ASN N   H    sing N N 40  
ASN N   H2   sing N N 41  
ASN CA  C    sing N N 42  
ASN CA  CB   sing N N 43  
ASN CA  HA   sing N N 44  
ASN C   O    doub N N 45  
ASN C   OXT  sing N N 46  
ASN CB  CG   sing N N 47  
ASN CB  HB2  sing N N 48  
ASN CB  HB3  sing N N 49  
ASN CG  OD1  doub N N 50  
ASN CG  ND2  sing N N 51  
ASN ND2 HD21 sing N N 52  
ASN ND2 HD22 sing N N 53  
ASN OXT HXT  sing N N 54  
ASP N   CA   sing N N 55  
ASP N   H    sing N N 56  
ASP N   H2   sing N N 57  
ASP CA  C    sing N N 58  
ASP CA  CB   sing N N 59  
ASP CA  HA   sing N N 60  
ASP C   O    doub N N 61  
ASP C   OXT  sing N N 62  
ASP CB  CG   sing N N 63  
ASP CB  HB2  sing N N 64  
ASP CB  HB3  sing N N 65  
ASP CG  OD1  doub N N 66  
ASP CG  OD2  sing N N 67  
ASP OD2 HD2  sing N N 68  
ASP OXT HXT  sing N N 69  
CYS N   CA   sing N N 70  
CYS N   H    sing N N 71  
CYS N   H2   sing N N 72  
CYS CA  C    sing N N 73  
CYS CA  CB   sing N N 74  
CYS CA  HA   sing N N 75  
CYS C   O    doub N N 76  
CYS C   OXT  sing N N 77  
CYS CB  SG   sing N N 78  
CYS CB  HB2  sing N N 79  
CYS CB  HB3  sing N N 80  
CYS SG  HG   sing N N 81  
CYS OXT HXT  sing N N 82  
GLN N   CA   sing N N 83  
GLN N   H    sing N N 84  
GLN N   H2   sing N N 85  
GLN CA  C    sing N N 86  
GLN CA  CB   sing N N 87  
GLN CA  HA   sing N N 88  
GLN C   O    doub N N 89  
GLN C   OXT  sing N N 90  
GLN CB  CG   sing N N 91  
GLN CB  HB2  sing N N 92  
GLN CB  HB3  sing N N 93  
GLN CG  CD   sing N N 94  
GLN CG  HG2  sing N N 95  
GLN CG  HG3  sing N N 96  
GLN CD  OE1  doub N N 97  
GLN CD  NE2  sing N N 98  
GLN NE2 HE21 sing N N 99  
GLN NE2 HE22 sing N N 100 
GLN OXT HXT  sing N N 101 
GLU N   CA   sing N N 102 
GLU N   H    sing N N 103 
GLU N   H2   sing N N 104 
GLU CA  C    sing N N 105 
GLU CA  CB   sing N N 106 
GLU CA  HA   sing N N 107 
GLU C   O    doub N N 108 
GLU C   OXT  sing N N 109 
GLU CB  CG   sing N N 110 
GLU CB  HB2  sing N N 111 
GLU CB  HB3  sing N N 112 
GLU CG  CD   sing N N 113 
GLU CG  HG2  sing N N 114 
GLU CG  HG3  sing N N 115 
GLU CD  OE1  doub N N 116 
GLU CD  OE2  sing N N 117 
GLU OE2 HE2  sing N N 118 
GLU OXT HXT  sing N N 119 
GLY N   CA   sing N N 120 
GLY N   H    sing N N 121 
GLY N   H2   sing N N 122 
GLY CA  C    sing N N 123 
GLY CA  HA2  sing N N 124 
GLY CA  HA3  sing N N 125 
GLY C   O    doub N N 126 
GLY C   OXT  sing N N 127 
GLY OXT HXT  sing N N 128 
HIS N   CA   sing N N 129 
HIS N   H    sing N N 130 
HIS N   H2   sing N N 131 
HIS CA  C    sing N N 132 
HIS CA  CB   sing N N 133 
HIS CA  HA   sing N N 134 
HIS C   O    doub N N 135 
HIS C   OXT  sing N N 136 
HIS CB  CG   sing N N 137 
HIS CB  HB2  sing N N 138 
HIS CB  HB3  sing N N 139 
HIS CG  ND1  sing Y N 140 
HIS CG  CD2  doub Y N 141 
HIS ND1 CE1  doub Y N 142 
HIS ND1 HD1  sing N N 143 
HIS CD2 NE2  sing Y N 144 
HIS CD2 HD2  sing N N 145 
HIS CE1 NE2  sing Y N 146 
HIS CE1 HE1  sing N N 147 
HIS NE2 HE2  sing N N 148 
HIS OXT HXT  sing N N 149 
HOH O   H1   sing N N 150 
HOH O   H2   sing N N 151 
ILE N   CA   sing N N 152 
ILE N   H    sing N N 153 
ILE N   H2   sing N N 154 
ILE CA  C    sing N N 155 
ILE CA  CB   sing N N 156 
ILE CA  HA   sing N N 157 
ILE C   O    doub N N 158 
ILE C   OXT  sing N N 159 
ILE CB  CG1  sing N N 160 
ILE CB  CG2  sing N N 161 
ILE CB  HB   sing N N 162 
ILE CG1 CD1  sing N N 163 
ILE CG1 HG12 sing N N 164 
ILE CG1 HG13 sing N N 165 
ILE CG2 HG21 sing N N 166 
ILE CG2 HG22 sing N N 167 
ILE CG2 HG23 sing N N 168 
ILE CD1 HD11 sing N N 169 
ILE CD1 HD12 sing N N 170 
ILE CD1 HD13 sing N N 171 
ILE OXT HXT  sing N N 172 
IPA C1  C2   sing N N 173 
IPA C1  H11  sing N N 174 
IPA C1  H12  sing N N 175 
IPA C1  H13  sing N N 176 
IPA C2  C3   sing N N 177 
IPA C2  O2   sing N N 178 
IPA C2  H2   sing N N 179 
IPA C3  H31  sing N N 180 
IPA C3  H32  sing N N 181 
IPA C3  H33  sing N N 182 
IPA O2  HO2  sing N N 183 
LEU N   CA   sing N N 184 
LEU N   H    sing N N 185 
LEU N   H2   sing N N 186 
LEU CA  C    sing N N 187 
LEU CA  CB   sing N N 188 
LEU CA  HA   sing N N 189 
LEU C   O    doub N N 190 
LEU C   OXT  sing N N 191 
LEU CB  CG   sing N N 192 
LEU CB  HB2  sing N N 193 
LEU CB  HB3  sing N N 194 
LEU CG  CD1  sing N N 195 
LEU CG  CD2  sing N N 196 
LEU CG  HG   sing N N 197 
LEU CD1 HD11 sing N N 198 
LEU CD1 HD12 sing N N 199 
LEU CD1 HD13 sing N N 200 
LEU CD2 HD21 sing N N 201 
LEU CD2 HD22 sing N N 202 
LEU CD2 HD23 sing N N 203 
LEU OXT HXT  sing N N 204 
LYS N   CA   sing N N 205 
LYS N   H    sing N N 206 
LYS N   H2   sing N N 207 
LYS CA  C    sing N N 208 
LYS CA  CB   sing N N 209 
LYS CA  HA   sing N N 210 
LYS C   O    doub N N 211 
LYS C   OXT  sing N N 212 
LYS CB  CG   sing N N 213 
LYS CB  HB2  sing N N 214 
LYS CB  HB3  sing N N 215 
LYS CG  CD   sing N N 216 
LYS CG  HG2  sing N N 217 
LYS CG  HG3  sing N N 218 
LYS CD  CE   sing N N 219 
LYS CD  HD2  sing N N 220 
LYS CD  HD3  sing N N 221 
LYS CE  NZ   sing N N 222 
LYS CE  HE2  sing N N 223 
LYS CE  HE3  sing N N 224 
LYS NZ  HZ1  sing N N 225 
LYS NZ  HZ2  sing N N 226 
LYS NZ  HZ3  sing N N 227 
LYS OXT HXT  sing N N 228 
MET N   CA   sing N N 229 
MET N   H    sing N N 230 
MET N   H2   sing N N 231 
MET CA  C    sing N N 232 
MET CA  CB   sing N N 233 
MET CA  HA   sing N N 234 
MET C   O    doub N N 235 
MET C   OXT  sing N N 236 
MET CB  CG   sing N N 237 
MET CB  HB2  sing N N 238 
MET CB  HB3  sing N N 239 
MET CG  SD   sing N N 240 
MET CG  HG2  sing N N 241 
MET CG  HG3  sing N N 242 
MET SD  CE   sing N N 243 
MET CE  HE1  sing N N 244 
MET CE  HE2  sing N N 245 
MET CE  HE3  sing N N 246 
MET OXT HXT  sing N N 247 
PHE N   CA   sing N N 248 
PHE N   H    sing N N 249 
PHE N   H2   sing N N 250 
PHE CA  C    sing N N 251 
PHE CA  CB   sing N N 252 
PHE CA  HA   sing N N 253 
PHE C   O    doub N N 254 
PHE C   OXT  sing N N 255 
PHE CB  CG   sing N N 256 
PHE CB  HB2  sing N N 257 
PHE CB  HB3  sing N N 258 
PHE CG  CD1  doub Y N 259 
PHE CG  CD2  sing Y N 260 
PHE CD1 CE1  sing Y N 261 
PHE CD1 HD1  sing N N 262 
PHE CD2 CE2  doub Y N 263 
PHE CD2 HD2  sing N N 264 
PHE CE1 CZ   doub Y N 265 
PHE CE1 HE1  sing N N 266 
PHE CE2 CZ   sing Y N 267 
PHE CE2 HE2  sing N N 268 
PHE CZ  HZ   sing N N 269 
PHE OXT HXT  sing N N 270 
PRO N   CA   sing N N 271 
PRO N   CD   sing N N 272 
PRO N   H    sing N N 273 
PRO CA  C    sing N N 274 
PRO CA  CB   sing N N 275 
PRO CA  HA   sing N N 276 
PRO C   O    doub N N 277 
PRO C   OXT  sing N N 278 
PRO CB  CG   sing N N 279 
PRO CB  HB2  sing N N 280 
PRO CB  HB3  sing N N 281 
PRO CG  CD   sing N N 282 
PRO CG  HG2  sing N N 283 
PRO CG  HG3  sing N N 284 
PRO CD  HD2  sing N N 285 
PRO CD  HD3  sing N N 286 
PRO OXT HXT  sing N N 287 
SER N   CA   sing N N 288 
SER N   H    sing N N 289 
SER N   H2   sing N N 290 
SER CA  C    sing N N 291 
SER CA  CB   sing N N 292 
SER CA  HA   sing N N 293 
SER C   O    doub N N 294 
SER C   OXT  sing N N 295 
SER CB  OG   sing N N 296 
SER CB  HB2  sing N N 297 
SER CB  HB3  sing N N 298 
SER OG  HG   sing N N 299 
SER OXT HXT  sing N N 300 
THR N   CA   sing N N 301 
THR N   H    sing N N 302 
THR N   H2   sing N N 303 
THR CA  C    sing N N 304 
THR CA  CB   sing N N 305 
THR CA  HA   sing N N 306 
THR C   O    doub N N 307 
THR C   OXT  sing N N 308 
THR CB  OG1  sing N N 309 
THR CB  CG2  sing N N 310 
THR CB  HB   sing N N 311 
THR OG1 HG1  sing N N 312 
THR CG2 HG21 sing N N 313 
THR CG2 HG22 sing N N 314 
THR CG2 HG23 sing N N 315 
THR OXT HXT  sing N N 316 
TRP N   CA   sing N N 317 
TRP N   H    sing N N 318 
TRP N   H2   sing N N 319 
TRP CA  C    sing N N 320 
TRP CA  CB   sing N N 321 
TRP CA  HA   sing N N 322 
TRP C   O    doub N N 323 
TRP C   OXT  sing N N 324 
TRP CB  CG   sing N N 325 
TRP CB  HB2  sing N N 326 
TRP CB  HB3  sing N N 327 
TRP CG  CD1  doub Y N 328 
TRP CG  CD2  sing Y N 329 
TRP CD1 NE1  sing Y N 330 
TRP CD1 HD1  sing N N 331 
TRP CD2 CE2  doub Y N 332 
TRP CD2 CE3  sing Y N 333 
TRP NE1 CE2  sing Y N 334 
TRP NE1 HE1  sing N N 335 
TRP CE2 CZ2  sing Y N 336 
TRP CE3 CZ3  doub Y N 337 
TRP CE3 HE3  sing N N 338 
TRP CZ2 CH2  doub Y N 339 
TRP CZ2 HZ2  sing N N 340 
TRP CZ3 CH2  sing Y N 341 
TRP CZ3 HZ3  sing N N 342 
TRP CH2 HH2  sing N N 343 
TRP OXT HXT  sing N N 344 
TYR N   CA   sing N N 345 
TYR N   H    sing N N 346 
TYR N   H2   sing N N 347 
TYR CA  C    sing N N 348 
TYR CA  CB   sing N N 349 
TYR CA  HA   sing N N 350 
TYR C   O    doub N N 351 
TYR C   OXT  sing N N 352 
TYR CB  CG   sing N N 353 
TYR CB  HB2  sing N N 354 
TYR CB  HB3  sing N N 355 
TYR CG  CD1  doub Y N 356 
TYR CG  CD2  sing Y N 357 
TYR CD1 CE1  sing Y N 358 
TYR CD1 HD1  sing N N 359 
TYR CD2 CE2  doub Y N 360 
TYR CD2 HD2  sing N N 361 
TYR CE1 CZ   doub Y N 362 
TYR CE1 HE1  sing N N 363 
TYR CE2 CZ   sing Y N 364 
TYR CE2 HE2  sing N N 365 
TYR CZ  OH   sing N N 366 
TYR OH  HH   sing N N 367 
TYR OXT HXT  sing N N 368 
VAL N   CA   sing N N 369 
VAL N   H    sing N N 370 
VAL N   H2   sing N N 371 
VAL CA  C    sing N N 372 
VAL CA  CB   sing N N 373 
VAL CA  HA   sing N N 374 
VAL C   O    doub N N 375 
VAL C   OXT  sing N N 376 
VAL CB  CG1  sing N N 377 
VAL CB  CG2  sing N N 378 
VAL CB  HB   sing N N 379 
VAL CG1 HG11 sing N N 380 
VAL CG1 HG12 sing N N 381 
VAL CG1 HG13 sing N N 382 
VAL CG2 HG21 sing N N 383 
VAL CG2 HG22 sing N N 384 
VAL CG2 HG23 sing N N 385 
VAL OXT HXT  sing N N 386 
# 
_atom_sites.entry_id                    1IVL 
_atom_sites.fract_transf_matrix[1][1]   0.01821327 
_atom_sites.fract_transf_matrix[1][2]   0.00729276 
_atom_sites.fract_transf_matrix[1][3]   0.00836263 
_atom_sites.fract_transf_matrix[2][1]   -0.00744057 
_atom_sites.fract_transf_matrix[2][2]   0.01526570 
_atom_sites.fract_transf_matrix[2][3]   0.00289239 
_atom_sites.fract_transf_matrix[3][1]   -0.00348535 
_atom_sites.fract_transf_matrix[3][2]   -0.00375794 
_atom_sites.fract_transf_matrix[3][3]   0.01086805 
_atom_sites.fract_transf_vector[1]      0.336093 
_atom_sites.fract_transf_vector[2]      0.438529 
_atom_sites.fract_transf_vector[3]      0.299331 
# 
loop_
_atom_sites_footnote.id 
_atom_sites_footnote.text 
1 'CIS PROLINE - PRO A     8'                            
2 'CIS PROLINE - PRO A    95'                            
3 'CIS PROLINE - PRO B     8'                            
4 'CIS PROLINE - PRO B    95'                            
5 'RESIDUES ARG A 24 AND B 24 ARE PARTIALLY DISORDERED.' 
# 
loop_
_atom_type.symbol 
C 
N 
O 
S 
# 
loop_
_atom_site.group_PDB 
_atom_site.id 
_atom_site.type_symbol 
_atom_site.label_atom_id 
_atom_site.label_alt_id 
_atom_site.label_comp_id 
_atom_site.label_asym_id 
_atom_site.label_entity_id 
_atom_site.label_seq_id 
_atom_site.pdbx_PDB_ins_code 
_atom_site.Cartn_x 
_atom_site.Cartn_y 
_atom_site.Cartn_z 
_atom_site.occupancy 
_atom_site.B_iso_or_equiv 
_atom_site.pdbx_formal_charge 
_atom_site.auth_seq_id 
_atom_site.auth_comp_id 
_atom_site.auth_asym_id 
_atom_site.auth_atom_id 
_atom_site.pdbx_PDB_model_num 
ATOM   1    N N   . ASP A 1 1   ? -9.527  13.384  4.521   1.00 13.08 ? 1   ASP A N   1 
ATOM   2    C CA  . ASP A 1 1   ? -8.172  12.792  4.398   1.00 14.55 ? 1   ASP A CA  1 
ATOM   3    C C   . ASP A 1 1   ? -7.554  13.540  3.267   1.00 13.21 ? 1   ASP A C   1 
ATOM   4    O O   . ASP A 1 1   ? -8.256  14.158  2.495   1.00 10.41 ? 1   ASP A O   1 
ATOM   5    C CB  . ASP A 1 1   ? -8.252  11.308  4.018   1.00 17.44 ? 1   ASP A CB  1 
ATOM   6    C CG  . ASP A 1 1   ? -9.173  10.500  4.929   1.00 19.20 ? 1   ASP A CG  1 
ATOM   7    O OD1 . ASP A 1 1   ? -9.482  10.972  6.051   1.00 20.36 ? 1   ASP A OD1 1 
ATOM   8    O OD2 . ASP A 1 1   ? -9.541  9.367   4.531   1.00 21.25 ? 1   ASP A OD2 1 
ATOM   9    N N   . ILE A 1 2   ? -6.239  13.517  3.193   1.00 14.01 ? 2   ILE A N   1 
ATOM   10   C CA  . ILE A 1 2   ? -5.557  14.026  2.025   1.00 15.24 ? 2   ILE A CA  1 
ATOM   11   C C   . ILE A 1 2   ? -5.574  12.969  0.912   1.00 16.70 ? 2   ILE A C   1 
ATOM   12   O O   . ILE A 1 2   ? -5.185  11.831  1.115   1.00 17.17 ? 2   ILE A O   1 
ATOM   13   C CB  . ILE A 1 2   ? -4.120  14.442  2.377   1.00 14.51 ? 2   ILE A CB  1 
ATOM   14   C CG1 . ILE A 1 2   ? -4.144  15.468  3.515   1.00 11.34 ? 2   ILE A CG1 1 
ATOM   15   C CG2 . ILE A 1 2   ? -3.438  15.052  1.149   1.00 16.47 ? 2   ILE A CG2 1 
ATOM   16   C CD1 . ILE A 1 2   ? -2.861  15.504  4.301   1.00 8.10  ? 2   ILE A CD1 1 
ATOM   17   N N   . GLU A 1 3   ? -6.261  13.281  -0.174  1.00 18.89 ? 3   GLU A N   1 
ATOM   18   C CA  . GLU A 1 3   ? -6.365  12.336  -1.271  1.00 20.39 ? 3   GLU A CA  1 
ATOM   19   C C   . GLU A 1 3   ? -5.198  12.445  -2.236  1.00 19.31 ? 3   GLU A C   1 
ATOM   20   O O   . GLU A 1 3   ? -4.666  13.546  -2.472  1.00 19.28 ? 3   GLU A O   1 
ATOM   21   C CB  . GLU A 1 3   ? -7.671  12.541  -2.001  1.00 23.54 ? 3   GLU A CB  1 
ATOM   22   C CG  . GLU A 1 3   ? -8.725  11.646  -1.459  1.00 32.12 ? 3   GLU A CG  1 
ATOM   23   C CD  . GLU A 1 3   ? -10.076 12.321  -1.374  1.00 37.20 ? 3   GLU A CD  1 
ATOM   24   O OE1 . GLU A 1 3   ? -10.131 13.587  -1.435  1.00 39.42 ? 3   GLU A OE1 1 
ATOM   25   O OE2 . GLU A 1 3   ? -11.086 11.568  -1.247  1.00 40.43 ? 3   GLU A OE2 1 
ATOM   26   N N   . LEU A 1 4   ? -4.761  11.290  -2.733  1.00 17.91 ? 4   LEU A N   1 
ATOM   27   C CA  . LEU A 1 4   ? -3.669  11.211  -3.713  1.00 16.41 ? 4   LEU A CA  1 
ATOM   28   C C   . LEU A 1 4   ? -4.233  10.646  -4.995  1.00 15.59 ? 4   LEU A C   1 
ATOM   29   O O   . LEU A 1 4   ? -4.983  9.662   -4.968  1.00 15.23 ? 4   LEU A O   1 
ATOM   30   C CB  . LEU A 1 4   ? -2.557  10.299  -3.227  1.00 14.40 ? 4   LEU A CB  1 
ATOM   31   C CG  . LEU A 1 4   ? -1.380  10.830  -2.429  1.00 14.49 ? 4   LEU A CG  1 
ATOM   32   C CD1 . LEU A 1 4   ? -1.673  12.142  -1.769  1.00 13.24 ? 4   LEU A CD1 1 
ATOM   33   C CD2 . LEU A 1 4   ? -1.034  9.777   -1.401  1.00 12.75 ? 4   LEU A CD2 1 
ATOM   34   N N   . THR A 1 5   ? -3.990  11.350  -6.095  1.00 14.83 ? 5   THR A N   1 
ATOM   35   C CA  . THR A 1 5   ? -4.397  10.854  -7.402  1.00 15.13 ? 5   THR A CA  1 
ATOM   36   C C   . THR A 1 5   ? -3.164  10.535  -8.226  1.00 13.73 ? 5   THR A C   1 
ATOM   37   O O   . THR A 1 5   ? -2.234  11.326  -8.291  1.00 12.32 ? 5   THR A O   1 
ATOM   38   C CB  . THR A 1 5   ? -5.248  11.884  -8.159  1.00 16.60 ? 5   THR A CB  1 
ATOM   39   O OG1 . THR A 1 5   ? -6.251  12.408  -7.277  1.00 19.58 ? 5   THR A OG1 1 
ATOM   40   C CG2 . THR A 1 5   ? -5.923  11.231  -9.362  1.00 16.50 ? 5   THR A CG2 1 
ATOM   41   N N   . GLN A 1 6   ? -3.123  9.319   -8.744  1.00 13.50 ? 6   GLN A N   1 
ATOM   42   C CA  . GLN A 1 6   ? -1.995  8.843   -9.517  1.00 14.34 ? 6   GLN A CA  1 
ATOM   43   C C   . GLN A 1 6   ? -2.368  8.760   -11.013 1.00 13.48 ? 6   GLN A C   1 
ATOM   44   O O   . GLN A 1 6   ? -3.493  8.410   -11.374 1.00 11.61 ? 6   GLN A O   1 
ATOM   45   C CB  . GLN A 1 6   ? -1.541  7.468   -9.011  1.00 13.45 ? 6   GLN A CB  1 
ATOM   46   C CG  . GLN A 1 6   ? -0.322  7.531   -8.136  1.00 16.19 ? 6   GLN A CG  1 
ATOM   47   C CD  . GLN A 1 6   ? 0.186   6.153   -7.707  1.00 15.67 ? 6   GLN A CD  1 
ATOM   48   O OE1 . GLN A 1 6   ? -0.182  5.648   -6.646  1.00 18.69 ? 6   GLN A OE1 1 
ATOM   49   N NE2 . GLN A 1 6   ? 1.110   5.600   -8.469  1.00 14.90 ? 6   GLN A NE2 1 
ATOM   50   N N   . SER A 1 7   ? -1.381  9.021   -11.867 1.00 13.54 ? 7   SER A N   1 
ATOM   51   C CA  . SER A 1 7   ? -1.596  9.028   -13.310 1.00 13.65 ? 7   SER A CA  1 
ATOM   52   C C   . SER A 1 7   ? -0.324  8.560   -14.015 1.00 11.89 ? 7   SER A C   1 
ATOM   53   O O   . SER A 1 7   ? 0.760   8.965   -13.618 1.00 11.15 ? 7   SER A O   1 
ATOM   54   C CB  . SER A 1 7   ? -1.915  10.446  -13.774 1.00 15.21 ? 7   SER A CB  1 
ATOM   55   O OG  . SER A 1 7   ? -2.530  10.375  -15.051 1.00 20.39 ? 7   SER A OG  1 
ATOM   56   N N   . PRO A 1 8   ? -0.447  7.810   -15.132 1.00 10.86 ? 8   PRO A N   1 
ATOM   57   C CA  . PRO A 1 8   ? -1.671  7.210   -15.648 1.00 11.73 ? 8   PRO A CA  1 
ATOM   58   C C   . PRO A 1 8   ? -2.028  5.966   -14.859 1.00 12.66 ? 8   PRO A C   1 
ATOM   59   O O   . PRO A 1 8   ? -1.334  5.611   -13.909 1.00 11.98 ? 8   PRO A O   1 
ATOM   60   C CB  . PRO A 1 8   ? -1.298  6.849   -17.091 1.00 11.61 ? 8   PRO A CB  1 
ATOM   61   C CG  . PRO A 1 8   ? 0.114   6.507   -16.988 1.00 10.45 ? 8   PRO A CG  1 
ATOM   62   C CD  . PRO A 1 8   ? 0.695   7.494   -16.013 1.00 11.44 ? 8   PRO A CD  1 
ATOM   63   N N   . ALA A 1 9   ? -3.061  5.264   -15.314 1.00 13.91 ? 9   ALA A N   1 
ATOM   64   C CA  . ALA A 1 9   ? -3.390  3.959   -14.761 1.00 14.71 ? 9   ALA A CA  1 
ATOM   65   C C   . ALA A 1 9   ? -2.327  2.924   -15.204 1.00 16.01 ? 9   ALA A C   1 
ATOM   66   O O   . ALA A 1 9   ? -1.690  2.268   -14.375 1.00 16.46 ? 9   ALA A O   1 
ATOM   67   C CB  . ALA A 1 9   ? -4.768  3.554   -15.218 1.00 13.67 ? 9   ALA A CB  1 
ATOM   68   N N   . THR A 1 10  ? -2.131  2.788   -16.509 1.00 16.20 ? 10  THR A N   1 
ATOM   69   C CA  . THR A 1 10  ? -1.045  1.975   -17.046 1.00 17.06 ? 10  THR A CA  1 
ATOM   70   C C   . THR A 1 10  ? -0.326  2.793   -18.132 1.00 17.09 ? 10  THR A C   1 
ATOM   71   O O   . THR A 1 10  ? -0.888  3.738   -18.695 1.00 16.41 ? 10  THR A O   1 
ATOM   72   C CB  . THR A 1 10  ? -1.572  0.694   -17.698 1.00 17.88 ? 10  THR A CB  1 
ATOM   73   O OG1 . THR A 1 10  ? -2.303  1.035   -18.886 1.00 20.47 ? 10  THR A OG1 1 
ATOM   74   C CG2 . THR A 1 10  ? -2.513  -0.024  -16.788 1.00 17.57 ? 10  THR A CG2 1 
ATOM   75   N N   . LEU A 1 11  ? 0.932   2.478   -18.385 1.00 16.79 ? 11  LEU A N   1 
ATOM   76   C CA  . LEU A 1 11  ? 1.598   3.043   -19.542 1.00 16.74 ? 11  LEU A CA  1 
ATOM   77   C C   . LEU A 1 11  ? 2.513   1.962   -20.093 1.00 18.08 ? 11  LEU A C   1 
ATOM   78   O O   . LEU A 1 11  ? 2.848   0.978   -19.391 1.00 18.41 ? 11  LEU A O   1 
ATOM   79   C CB  . LEU A 1 11  ? 2.396   4.298   -19.166 1.00 15.82 ? 11  LEU A CB  1 
ATOM   80   C CG  . LEU A 1 11  ? 3.649   4.150   -18.300 1.00 15.91 ? 11  LEU A CG  1 
ATOM   81   C CD1 . LEU A 1 11  ? 4.408   5.449   -18.222 1.00 16.57 ? 11  LEU A CD1 1 
ATOM   82   C CD2 . LEU A 1 11  ? 3.256   3.743   -16.899 1.00 17.94 ? 11  LEU A CD2 1 
ATOM   83   N N   . SER A 1 12  ? 2.887   2.131   -21.351 1.00 16.92 ? 12  SER A N   1 
ATOM   84   C CA  . SER A 1 12  ? 3.673   1.150   -22.054 1.00 17.34 ? 12  SER A CA  1 
ATOM   85   C C   . SER A 1 12  ? 4.860   1.846   -22.648 1.00 16.66 ? 12  SER A C   1 
ATOM   86   O O   . SER A 1 12  ? 4.692   2.825   -23.353 1.00 16.06 ? 12  SER A O   1 
ATOM   87   C CB  . SER A 1 12  ? 2.846   0.586   -23.173 1.00 17.66 ? 12  SER A CB  1 
ATOM   88   O OG  . SER A 1 12  ? 3.139   -0.761  -23.305 1.00 24.24 ? 12  SER A OG  1 
ATOM   89   N N   . VAL A 1 13  ? 6.043   1.312   -22.422 1.00 17.62 ? 13  VAL A N   1 
ATOM   90   C CA  . VAL A 1 13  ? 7.251   1.791   -23.089 1.00 19.61 ? 13  VAL A CA  1 
ATOM   91   C C   . VAL A 1 13  ? 8.104   0.622   -23.573 1.00 20.27 ? 13  VAL A C   1 
ATOM   92   O O   . VAL A 1 13  ? 7.830   -0.531  -23.242 1.00 20.89 ? 13  VAL A O   1 
ATOM   93   C CB  . VAL A 1 13  ? 8.121   2.658   -22.162 1.00 20.60 ? 13  VAL A CB  1 
ATOM   94   C CG1 . VAL A 1 13  ? 7.537   4.061   -22.068 1.00 21.84 ? 13  VAL A CG1 1 
ATOM   95   C CG2 . VAL A 1 13  ? 8.222   2.000   -20.781 1.00 20.55 ? 13  VAL A CG2 1 
ATOM   96   N N   . THR A 1 14  ? 9.109   0.916   -24.391 1.00 19.98 ? 14  THR A N   1 
ATOM   97   C CA  . THR A 1 14  ? 10.013  -0.109  -24.870 1.00 19.15 ? 14  THR A CA  1 
ATOM   98   C C   . THR A 1 14  ? 11.263  0.187   -24.079 1.00 18.68 ? 14  THR A C   1 
ATOM   99   O O   . THR A 1 14  ? 11.445  1.299   -23.579 1.00 18.80 ? 14  THR A O   1 
ATOM   100  C CB  . THR A 1 14  ? 10.296  0.009   -26.429 1.00 19.99 ? 14  THR A CB  1 
ATOM   101  O OG1 . THR A 1 14  ? 10.586  1.367   -26.760 1.00 21.11 ? 14  THR A OG1 1 
ATOM   102  C CG2 . THR A 1 14  ? 9.091   -0.404  -27.263 1.00 17.89 ? 14  THR A CG2 1 
ATOM   103  N N   . PRO A 1 15  ? 12.046  -0.849  -23.781 1.00 18.68 ? 15  PRO A N   1 
ATOM   104  C CA  . PRO A 1 15  ? 13.197  -0.665  -22.902 1.00 17.68 ? 15  PRO A CA  1 
ATOM   105  C C   . PRO A 1 15  ? 14.111  0.452   -23.405 1.00 18.43 ? 15  PRO A C   1 
ATOM   106  O O   . PRO A 1 15  ? 14.336  0.581   -24.615 1.00 19.34 ? 15  PRO A O   1 
ATOM   107  C CB  . PRO A 1 15  ? 13.883  -2.018  -22.952 1.00 17.71 ? 15  PRO A CB  1 
ATOM   108  C CG  . PRO A 1 15  ? 12.809  -2.969  -23.277 1.00 18.44 ? 15  PRO A CG  1 
ATOM   109  C CD  . PRO A 1 15  ? 11.892  -2.250  -24.209 1.00 18.27 ? 15  PRO A CD  1 
ATOM   110  N N   . GLY A 1 16  ? 14.707  1.195   -22.479 1.00 17.82 ? 16  GLY A N   1 
ATOM   111  C CA  . GLY A 1 16  ? 15.587  2.282   -22.851 1.00 17.70 ? 16  GLY A CA  1 
ATOM   112  C C   . GLY A 1 16  ? 14.908  3.636   -22.929 1.00 18.00 ? 16  GLY A C   1 
ATOM   113  O O   . GLY A 1 16  ? 15.588  4.661   -22.952 1.00 18.71 ? 16  GLY A O   1 
ATOM   114  N N   . ASN A 1 17  ? 13.583  3.659   -23.025 1.00 19.32 ? 17  ASN A N   1 
ATOM   115  C CA  . ASN A 1 17  ? 12.863  4.925   -23.017 1.00 20.36 ? 17  ASN A CA  1 
ATOM   116  C C   . ASN A 1 17  ? 12.723  5.449   -21.581 1.00 21.10 ? 17  ASN A C   1 
ATOM   117  O O   . ASN A 1 17  ? 13.165  4.802   -20.649 1.00 21.90 ? 17  ASN A O   1 
ATOM   118  C CB  . ASN A 1 17  ? 11.496  4.769   -23.666 1.00 20.49 ? 17  ASN A CB  1 
ATOM   119  C CG  . ASN A 1 17  ? 11.047  6.028   -24.399 1.00 22.57 ? 17  ASN A CG  1 
ATOM   120  O OD1 . ASN A 1 17  ? 11.476  7.163   -24.089 1.00 23.12 ? 17  ASN A OD1 1 
ATOM   121  N ND2 . ASN A 1 17  ? 10.166  5.845   -25.367 1.00 24.14 ? 17  ASN A ND2 1 
ATOM   122  N N   . SER A 1 18  ? 12.401  6.725   -21.447 1.00 20.56 ? 18  SER A N   1 
ATOM   123  C CA  . SER A 1 18  ? 12.306  7.347   -20.150 1.00 21.11 ? 18  SER A CA  1 
ATOM   124  C C   . SER A 1 18  ? 10.851  7.463   -19.792 1.00 20.47 ? 18  SER A C   1 
ATOM   125  O O   . SER A 1 18  ? 10.000  7.270   -20.656 1.00 20.46 ? 18  SER A O   1 
ATOM   126  C CB  . SER A 1 18  ? 12.949  8.711   -20.184 1.00 22.56 ? 18  SER A CB  1 
ATOM   127  O OG  . SER A 1 18  ? 14.328  8.553   -19.854 1.00 28.81 ? 18  SER A OG  1 
ATOM   128  N N   . VAL A 1 19  ? 10.556  7.551   -18.502 1.00 19.34 ? 19  VAL A N   1 
ATOM   129  C CA  . VAL A 1 19  ? 9.160   7.493   -18.073 1.00 19.21 ? 19  VAL A CA  1 
ATOM   130  C C   . VAL A 1 19  ? 8.939   8.354   -16.824 1.00 18.44 ? 19  VAL A C   1 
ATOM   131  O O   . VAL A 1 19  ? 9.877   8.678   -16.108 1.00 17.81 ? 19  VAL A O   1 
ATOM   132  C CB  . VAL A 1 19  ? 8.742   5.989   -17.892 1.00 18.98 ? 19  VAL A CB  1 
ATOM   133  C CG1 . VAL A 1 19  ? 8.390   5.674   -16.506 1.00 17.53 ? 19  VAL A CG1 1 
ATOM   134  C CG2 . VAL A 1 19  ? 7.625   5.661   -18.812 1.00 19.89 ? 19  VAL A CG2 1 
ATOM   135  N N   . SER A 1 20  ? 7.736   8.899   -16.707 1.00 20.02 ? 20  SER A N   1 
ATOM   136  C CA  . SER A 1 20  ? 7.366   9.787   -15.599 1.00 20.43 ? 20  SER A CA  1 
ATOM   137  C C   . SER A 1 20  ? 6.041   9.345   -15.072 1.00 19.81 ? 20  SER A C   1 
ATOM   138  O O   . SER A 1 20  ? 5.065   9.300   -15.818 1.00 20.06 ? 20  SER A O   1 
ATOM   139  C CB  . SER A 1 20  ? 7.208   11.222  -16.069 1.00 19.50 ? 20  SER A CB  1 
ATOM   140  O OG  . SER A 1 20  ? 8.485   11.782  -16.257 1.00 25.93 ? 20  SER A OG  1 
ATOM   141  N N   . ILE A 1 21  ? 5.964   9.214   -13.760 1.00 18.98 ? 21  ILE A N   1 
ATOM   142  C CA  . ILE A 1 21  ? 4.730   8.773   -13.130 1.00 18.79 ? 21  ILE A CA  1 
ATOM   143  C C   . ILE A 1 21  ? 4.313   9.849   -12.123 1.00 18.00 ? 21  ILE A C   1 
ATOM   144  O O   . ILE A 1 21  ? 5.164   10.408  -11.450 1.00 18.76 ? 21  ILE A O   1 
ATOM   145  C CB  . ILE A 1 21  ? 4.986   7.453   -12.429 1.00 18.49 ? 21  ILE A CB  1 
ATOM   146  C CG1 . ILE A 1 21  ? 5.020   6.333   -13.461 1.00 18.35 ? 21  ILE A CG1 1 
ATOM   147  C CG2 . ILE A 1 21  ? 3.930   7.217   -11.359 1.00 20.91 ? 21  ILE A CG2 1 
ATOM   148  C CD1 . ILE A 1 21  ? 5.542   5.025   -12.903 1.00 17.58 ? 21  ILE A CD1 1 
ATOM   149  N N   . SER A 1 22  ? 3.046   10.236  -12.105 1.00 17.94 ? 22  SER A N   1 
ATOM   150  C CA  . SER A 1 22  ? 2.680   11.364  -11.278 1.00 17.76 ? 22  SER A CA  1 
ATOM   151  C C   . SER A 1 22  ? 1.737   10.958  -10.164 1.00 17.56 ? 22  SER A C   1 
ATOM   152  O O   . SER A 1 22  ? 0.967   10.006  -10.295 1.00 17.38 ? 22  SER A O   1 
ATOM   153  C CB  . SER A 1 22  ? 2.072   12.501  -12.118 1.00 17.35 ? 22  SER A CB  1 
ATOM   154  O OG  . SER A 1 22  ? 0.674   12.363  -12.254 1.00 19.35 ? 22  SER A OG  1 
ATOM   155  N N   . CYS A 1 23  ? 1.783   11.751  -9.096  1.00 18.28 ? 23  CYS A N   1 
ATOM   156  C CA  . CYS A 1 23  ? 0.974   11.581  -7.897  1.00 17.97 ? 23  CYS A CA  1 
ATOM   157  C C   . CYS A 1 23  ? 0.710   12.983  -7.307  1.00 17.17 ? 23  CYS A C   1 
ATOM   158  O O   . CYS A 1 23  ? 1.620   13.800  -7.161  1.00 16.35 ? 23  CYS A O   1 
ATOM   159  C CB  . CYS A 1 23  ? 1.751   10.692  -6.933  1.00 18.61 ? 23  CYS A CB  1 
ATOM   160  S SG  . CYS A 1 23  ? 1.115   10.580  -5.248  1.00 20.86 ? 23  CYS A SG  1 
ATOM   161  N N   . ARG A 1 24  ? -0.565  13.333  -7.249  1.00 18.46 ? 24  ARG A N   1 
ATOM   162  C CA  . ARG A 1 24  ? -1.009  14.669  -6.848  1.00 19.60 ? 24  ARG A CA  1 
ATOM   163  C C   . ARG A 1 24  ? -1.789  14.620  -5.532  1.00 17.16 ? 24  ARG A C   1 
ATOM   164  O O   . ARG A 1 24  ? -2.756  13.864  -5.420  1.00 16.59 ? 24  ARG A O   1 
ATOM   165  C CB  . ARG A 1 24  ? -1.913  15.230  -7.942  1.00 23.36 ? 24  ARG A CB  1 
ATOM   166  C CG  . ARG A 1 24  ? -1.200  16.129  -8.904  1.00 30.53 ? 24  ARG A CG  1 
ATOM   167  C CD  . ARG A 1 24  ? 0.008   15.460  -9.542  0.00 35.57 ? 24  ARG A CD  1 
ATOM   168  N NE  . ARG A 1 24  ? 0.246   16.049  -10.860 0.00 41.18 ? 24  ARG A NE  1 
ATOM   169  C CZ  . ARG A 1 24  ? -0.590  15.919  -11.899 0.00 43.62 ? 24  ARG A CZ  1 
ATOM   170  N NH1 . ARG A 1 24  ? -1.325  14.808  -12.025 0.00 44.16 ? 24  ARG A NH1 1 
ATOM   171  N NH2 . ARG A 1 24  ? -0.530  16.782  -12.923 0.00 44.76 ? 24  ARG A NH2 1 
ATOM   172  N N   . ALA A 1 25  ? -1.324  15.365  -4.527  1.00 15.95 ? 25  ALA A N   1 
ATOM   173  C CA  . ALA A 1 25  ? -2.025  15.491  -3.235  1.00 13.75 ? 25  ALA A CA  1 
ATOM   174  C C   . ALA A 1 25  ? -3.119  16.559  -3.343  1.00 14.03 ? 25  ALA A C   1 
ATOM   175  O O   . ALA A 1 25  ? -2.890  17.634  -3.907  1.00 14.85 ? 25  ALA A O   1 
ATOM   176  C CB  . ALA A 1 25  ? -1.043  15.892  -2.164  1.00 12.04 ? 25  ALA A CB  1 
ATOM   177  N N   . SER A 1 26  ? -4.273  16.328  -2.738  1.00 13.28 ? 26  SER A N   1 
ATOM   178  C CA  . SER A 1 26  ? -5.321  17.352  -2.741  1.00 12.18 ? 26  SER A CA  1 
ATOM   179  C C   . SER A 1 26  ? -4.972  18.540  -1.857  1.00 11.06 ? 26  SER A C   1 
ATOM   180  O O   . SER A 1 26  ? -5.605  19.567  -1.941  1.00 12.44 ? 26  SER A O   1 
ATOM   181  C CB  . SER A 1 26  ? -6.654  16.767  -2.277  1.00 11.42 ? 26  SER A CB  1 
ATOM   182  O OG  . SER A 1 26  ? -6.498  16.274  -0.968  1.00 14.49 ? 26  SER A OG  1 
ATOM   183  N N   . GLN A 1 27  ? -3.987  18.413  -0.995  1.00 10.49 ? 27  GLN A N   1 
ATOM   184  C CA  . GLN A 1 27  ? -3.629  19.526  -0.117  1.00 10.81 ? 27  GLN A CA  1 
ATOM   185  C C   . GLN A 1 27  ? -2.125  19.479  -0.043  1.00 10.57 ? 27  GLN A C   1 
ATOM   186  O O   . GLN A 1 27  ? -1.560  18.408  -0.201  1.00 12.63 ? 27  GLN A O   1 
ATOM   187  C CB  . GLN A 1 27  ? -4.212  19.334  1.293   1.00 9.76  ? 27  GLN A CB  1 
ATOM   188  C CG  . GLN A 1 27  ? -5.709  19.270  1.343   1.00 10.63 ? 27  GLN A CG  1 
ATOM   189  C CD  . GLN A 1 27  ? -6.257  18.716  2.656   1.00 12.47 ? 27  GLN A CD  1 
ATOM   190  O OE1 . GLN A 1 27  ? -7.330  18.125  2.684   1.00 14.68 ? 27  GLN A OE1 1 
ATOM   191  N NE2 . GLN A 1 27  ? -5.538  18.911  3.734   1.00 11.08 ? 27  GLN A NE2 1 
ATOM   192  N N   . SER A 1 28  ? -1.483  20.590  0.298   1.00 10.17 ? 28  SER A N   1 
ATOM   193  C CA  . SER A 1 28  ? -0.025  20.609  0.424   1.00 10.40 ? 28  SER A CA  1 
ATOM   194  C C   . SER A 1 28  ? 0.511   19.720  1.566   1.00 10.66 ? 28  SER A C   1 
ATOM   195  O O   . SER A 1 28  ? 0.082   19.840  2.730   1.00 11.05 ? 28  SER A O   1 
ATOM   196  C CB  . SER A 1 28  ? 0.480   22.035  0.591   1.00 8.34  ? 28  SER A CB  1 
ATOM   197  O OG  . SER A 1 28  ? 1.894   22.044  0.797   1.00 11.99 ? 28  SER A OG  1 
ATOM   198  N N   . ILE A 1 29  ? 1.487   18.881  1.223   1.00 9.89  ? 29  ILE A N   1 
ATOM   199  C CA  . ILE A 1 29  ? 2.117   17.976  2.153   1.00 9.66  ? 29  ILE A CA  1 
ATOM   200  C C   . ILE A 1 29  ? 3.607   18.106  2.059   1.00 11.08 ? 29  ILE A C   1 
ATOM   201  O O   . ILE A 1 29  ? 4.321   17.254  2.593   1.00 12.33 ? 29  ILE A O   1 
ATOM   202  C CB  . ILE A 1 29  ? 1.766   16.481  1.906   1.00 9.66  ? 29  ILE A CB  1 
ATOM   203  C CG1 . ILE A 1 29  ? 2.380   15.982  0.578   1.00 9.66  ? 29  ILE A CG1 1 
ATOM   204  C CG2 . ILE A 1 29  ? 0.246   16.278  1.970   1.00 6.69  ? 29  ILE A CG2 1 
ATOM   205  C CD1 . ILE A 1 29  ? 1.971   14.556  0.211   1.00 8.12  ? 29  ILE A CD1 1 
ATOM   206  N N   . GLY A 1 30  ? 4.093   19.199  1.460   1.00 10.79 ? 30  GLY A N   1 
ATOM   207  C CA  . GLY A 1 30  ? 5.536   19.439  1.460   1.00 9.12  ? 30  GLY A CA  1 
ATOM   208  C C   . GLY A 1 30  ? 6.258   18.288  0.798   1.00 9.64  ? 30  GLY A C   1 
ATOM   209  O O   . GLY A 1 30  ? 5.810   17.822  -0.255  1.00 9.54  ? 30  GLY A O   1 
ATOM   210  N N   . ASN A 1 31  ? 7.233   17.697  1.482   1.00 10.12 ? 31  ASN A N   1 
ATOM   211  C CA  . ASN A 1 31  ? 7.991   16.600  0.883   1.00 11.13 ? 31  ASN A CA  1 
ATOM   212  C C   . ASN A 1 31  ? 7.566   15.229  1.428   1.00 11.97 ? 31  ASN A C   1 
ATOM   213  O O   . ASN A 1 31  ? 8.256   14.235  1.213   1.00 11.71 ? 31  ASN A O   1 
ATOM   214  C CB  . ASN A 1 31  ? 9.499   16.811  1.090   1.00 10.95 ? 31  ASN A CB  1 
ATOM   215  C CG  . ASN A 1 31  ? 9.909   16.665  2.528   1.00 11.69 ? 31  ASN A CG  1 
ATOM   216  O OD1 . ASN A 1 31  ? 9.077   16.531  3.393   1.00 14.14 ? 31  ASN A OD1 1 
ATOM   217  N ND2 . ASN A 1 31  ? 11.190  16.702  2.791   1.00 12.13 ? 31  ASN A ND2 1 
ATOM   218  N N   . ARG A 1 32  ? 6.394   15.148  2.050   1.00 11.21 ? 32  ARG A N   1 
ATOM   219  C CA  . ARG A 1 32  ? 6.085   13.988  2.895   1.00 11.68 ? 32  ARG A CA  1 
ATOM   220  C C   . ARG A 1 32  ? 5.386   12.872  2.112   1.00 12.02 ? 32  ARG A C   1 
ATOM   221  O O   . ARG A 1 32  ? 4.219   12.535  2.361   1.00 11.97 ? 32  ARG A O   1 
ATOM   222  C CB  . ARG A 1 32  ? 5.287   14.442  4.134   1.00 9.56  ? 32  ARG A CB  1 
ATOM   223  C CG  . ARG A 1 32  ? 6.186   15.222  5.093   1.00 10.18 ? 32  ARG A CG  1 
ATOM   224  C CD  . ARG A 1 32  ? 5.462   15.786  6.308   1.00 10.79 ? 32  ARG A CD  1 
ATOM   225  N NE  . ARG A 1 32  ? 4.453   16.806  5.979   1.00 10.53 ? 32  ARG A NE  1 
ATOM   226  C CZ  . ARG A 1 32  ? 4.729   18.086  5.733   1.00 7.66  ? 32  ARG A CZ  1 
ATOM   227  N NH1 . ARG A 1 32  ? 5.964   18.516  5.818   1.00 5.21  ? 32  ARG A NH1 1 
ATOM   228  N NH2 . ARG A 1 32  ? 3.757   18.928  5.405   1.00 8.39  ? 32  ARG A NH2 1 
ATOM   229  N N   . LEU A 1 33  ? 6.125   12.287  1.171   1.00 11.91 ? 33  LEU A N   1 
ATOM   230  C CA  . LEU A 1 33  ? 5.539   11.429  0.145   1.00 11.83 ? 33  LEU A CA  1 
ATOM   231  C C   . LEU A 1 33  ? 6.576   10.360  -0.141  1.00 11.15 ? 33  LEU A C   1 
ATOM   232  O O   . LEU A 1 33  ? 7.758   10.676  -0.278  1.00 9.50  ? 33  LEU A O   1 
ATOM   233  C CB  . LEU A 1 33  ? 5.256   12.252  -1.124  1.00 12.81 ? 33  LEU A CB  1 
ATOM   234  C CG  . LEU A 1 33  ? 4.405   11.816  -2.319  1.00 13.89 ? 33  LEU A CG  1 
ATOM   235  C CD1 . LEU A 1 33  ? 5.191   10.886  -3.212  1.00 15.00 ? 33  LEU A CD1 1 
ATOM   236  C CD2 . LEU A 1 33  ? 3.107   11.210  -1.881  1.00 13.26 ? 33  LEU A CD2 1 
ATOM   237  N N   . PHE A 1 34  ? 6.144   9.100   -0.043  1.00 10.49 ? 34  PHE A N   1 
ATOM   238  C CA  . PHE A 1 34  ? 6.996   7.948   -0.287  1.00 10.06 ? 34  PHE A CA  1 
ATOM   239  C C   . PHE A 1 34  ? 6.579   7.259   -1.587  1.00 8.44  ? 34  PHE A C   1 
ATOM   240  O O   . PHE A 1 34  ? 5.393   7.180   -1.898  1.00 6.07  ? 34  PHE A O   1 
ATOM   241  C CB  . PHE A 1 34  ? 6.900   6.954   0.889   1.00 12.77 ? 34  PHE A CB  1 
ATOM   242  C CG  . PHE A 1 34  ? 7.620   7.416   2.130   1.00 14.80 ? 34  PHE A CG  1 
ATOM   243  C CD1 . PHE A 1 34  ? 7.863   8.765   2.355   1.00 16.18 ? 34  PHE A CD1 1 
ATOM   244  C CD2 . PHE A 1 34  ? 8.011   6.516   3.095   1.00 17.37 ? 34  PHE A CD2 1 
ATOM   245  C CE1 . PHE A 1 34  ? 8.483   9.212   3.502   1.00 16.57 ? 34  PHE A CE1 1 
ATOM   246  C CE2 . PHE A 1 34  ? 8.643   6.967   4.265   1.00 18.83 ? 34  PHE A CE2 1 
ATOM   247  C CZ  . PHE A 1 34  ? 8.880   8.316   4.456   1.00 17.80 ? 34  PHE A CZ  1 
ATOM   248  N N   . TRP A 1 35  ? 7.557   6.811   -2.374  1.00 8.10  ? 35  TRP A N   1 
ATOM   249  C CA  . TRP A 1 35  ? 7.228   5.983   -3.530  1.00 6.98  ? 35  TRP A CA  1 
ATOM   250  C C   . TRP A 1 35  ? 7.602   4.521   -3.288  1.00 6.95  ? 35  TRP A C   1 
ATOM   251  O O   . TRP A 1 35  ? 8.724   4.242   -2.832  1.00 7.80  ? 35  TRP A O   1 
ATOM   252  C CB  . TRP A 1 35  ? 7.942   6.510   -4.799  1.00 7.13  ? 35  TRP A CB  1 
ATOM   253  C CG  . TRP A 1 35  ? 7.334   7.761   -5.415  1.00 5.16  ? 35  TRP A CG  1 
ATOM   254  C CD1 . TRP A 1 35  ? 7.801   9.039   -5.290  1.00 5.74  ? 35  TRP A CD1 1 
ATOM   255  C CD2 . TRP A 1 35  ? 6.216   7.832   -6.314  1.00 5.61  ? 35  TRP A CD2 1 
ATOM   256  N NE1 . TRP A 1 35  ? 7.058   9.894   -6.067  1.00 6.92  ? 35  TRP A NE1 1 
ATOM   257  C CE2 . TRP A 1 35  ? 6.091   9.181   -6.718  1.00 5.36  ? 35  TRP A CE2 1 
ATOM   258  C CE3 . TRP A 1 35  ? 5.319   6.882   -6.832  1.00 5.04  ? 35  TRP A CE3 1 
ATOM   259  C CZ2 . TRP A 1 35  ? 5.119   9.603   -7.630  1.00 5.93  ? 35  TRP A CZ2 1 
ATOM   260  C CZ3 . TRP A 1 35  ? 4.360   7.294   -7.716  1.00 5.45  ? 35  TRP A CZ3 1 
ATOM   261  C CH2 . TRP A 1 35  ? 4.264   8.658   -8.120  1.00 4.80  ? 35  TRP A CH2 1 
ATOM   262  N N   . TYR A 1 36  ? 6.731   3.605   -3.732  1.00 8.27  ? 36  TYR A N   1 
ATOM   263  C CA  . TYR A 1 36  ? 6.979   2.155   -3.654  1.00 10.38 ? 36  TYR A CA  1 
ATOM   264  C C   . TYR A 1 36  ? 6.908   1.505   -5.029  1.00 11.14 ? 36  TYR A C   1 
ATOM   265  O O   . TYR A 1 36  ? 6.121   1.923   -5.905  1.00 10.24 ? 36  TYR A O   1 
ATOM   266  C CB  . TYR A 1 36  ? 5.928   1.433   -2.782  1.00 11.83 ? 36  TYR A CB  1 
ATOM   267  C CG  . TYR A 1 36  ? 5.852   1.887   -1.335  1.00 14.67 ? 36  TYR A CG  1 
ATOM   268  C CD1 . TYR A 1 36  ? 6.799   1.458   -0.379  1.00 13.16 ? 36  TYR A CD1 1 
ATOM   269  C CD2 . TYR A 1 36  ? 4.879   2.812   -0.938  1.00 15.12 ? 36  TYR A CD2 1 
ATOM   270  C CE1 . TYR A 1 36  ? 6.782   1.961   0.926   1.00 14.10 ? 36  TYR A CE1 1 
ATOM   271  C CE2 . TYR A 1 36  ? 4.860   3.323   0.360   1.00 15.75 ? 36  TYR A CE2 1 
ATOM   272  C CZ  . TYR A 1 36  ? 5.804   2.898   1.291   1.00 16.31 ? 36  TYR A CZ  1 
ATOM   273  O OH  . TYR A 1 36  ? 5.689   3.367   2.595   1.00 16.48 ? 36  TYR A OH  1 
ATOM   274  N N   . GLN A 1 37  ? 7.547   0.336   -5.116  1.00 11.52 ? 37  GLN A N   1 
ATOM   275  C CA  . GLN A 1 37  ? 7.434   -0.529  -6.289  1.00 11.22 ? 37  GLN A CA  1 
ATOM   276  C C   . GLN A 1 37  ? 6.955   -1.876  -5.788  1.00 12.15 ? 37  GLN A C   1 
ATOM   277  O O   . GLN A 1 37  ? 7.465   -2.343  -4.790  1.00 12.85 ? 37  GLN A O   1 
ATOM   278  C CB  . GLN A 1 37  ? 8.819   -0.684  -6.933  1.00 9.77  ? 37  GLN A CB  1 
ATOM   279  C CG  . GLN A 1 37  ? 8.913   -1.719  -8.015  1.00 11.15 ? 37  GLN A CG  1 
ATOM   280  C CD  . GLN A 1 37  ? 10.360  -1.909  -8.448  1.00 12.71 ? 37  GLN A CD  1 
ATOM   281  O OE1 . GLN A 1 37  ? 11.232  -2.249  -7.629  1.00 12.89 ? 37  GLN A OE1 1 
ATOM   282  N NE2 . GLN A 1 37  ? 10.650  -1.557  -9.686  1.00 11.97 ? 37  GLN A NE2 1 
ATOM   283  N N   . GLN A 1 38  ? 5.999   -2.489  -6.480  1.00 13.36 ? 38  GLN A N   1 
ATOM   284  C CA  . GLN A 1 38  ? 5.632   -3.884  -6.275  1.00 14.43 ? 38  GLN A CA  1 
ATOM   285  C C   . GLN A 1 38  ? 5.692   -4.692  -7.553  1.00 15.78 ? 38  GLN A C   1 
ATOM   286  O O   . GLN A 1 38  ? 4.875   -4.487  -8.458  1.00 16.09 ? 38  GLN A O   1 
ATOM   287  C CB  . GLN A 1 38  ? 4.218   -3.982  -5.748  1.00 16.13 ? 38  GLN A CB  1 
ATOM   288  C CG  . GLN A 1 38  ? 4.166   -4.001  -4.276  1.00 18.84 ? 38  GLN A CG  1 
ATOM   289  C CD  . GLN A 1 38  ? 2.766   -3.851  -3.819  1.00 21.76 ? 38  GLN A CD  1 
ATOM   290  O OE1 . GLN A 1 38  ? 2.006   -3.086  -4.422  1.00 23.68 ? 38  GLN A OE1 1 
ATOM   291  N NE2 . GLN A 1 38  ? 2.344   -4.708  -2.886  1.00 20.96 ? 38  GLN A NE2 1 
ATOM   292  N N   . LYS A 1 39  ? 6.612   -5.645  -7.626  1.00 16.63 ? 39  LYS A N   1 
ATOM   293  C CA  . LYS A 1 39  ? 6.718   -6.457  -8.828  1.00 16.83 ? 39  LYS A CA  1 
ATOM   294  C C   . LYS A 1 39  ? 5.750   -7.619  -8.830  1.00 17.71 ? 39  LYS A C   1 
ATOM   295  O O   . LYS A 1 39  ? 5.602   -8.287  -9.840  1.00 17.94 ? 39  LYS A O   1 
ATOM   296  C CB  . LYS A 1 39  ? 8.146   -6.962  -9.003  1.00 16.35 ? 39  LYS A CB  1 
ATOM   297  C CG  . LYS A 1 39  ? 9.144   -5.851  -9.271  1.00 16.34 ? 39  LYS A CG  1 
ATOM   298  C CD  . LYS A 1 39  ? 10.564  -6.367  -9.479  1.00 16.52 ? 39  LYS A CD  1 
ATOM   299  C CE  . LYS A 1 39  ? 11.397  -5.301  -10.154 1.00 15.53 ? 39  LYS A CE  1 
ATOM   300  N NZ  . LYS A 1 39  ? 12.839  -5.595  -10.236 1.00 15.36 ? 39  LYS A NZ  1 
ATOM   301  N N   . SER A 1 40  ? 5.190   -7.962  -7.671  1.00 18.34 ? 40  SER A N   1 
ATOM   302  C CA  . SER A 1 40  ? 4.180   -9.024  -7.628  1.00 18.25 ? 40  SER A CA  1 
ATOM   303  C C   . SER A 1 40  ? 3.338   -8.823  -6.363  1.00 19.22 ? 40  SER A C   1 
ATOM   304  O O   . SER A 1 40  ? 3.402   -7.757  -5.761  1.00 19.20 ? 40  SER A O   1 
ATOM   305  C CB  . SER A 1 40  ? 4.860   -10.402 -7.647  1.00 16.71 ? 40  SER A CB  1 
ATOM   306  O OG  . SER A 1 40  ? 3.907   -11.414 -7.907  1.00 16.33 ? 40  SER A OG  1 
ATOM   307  N N   . HIS A 1 41  ? 2.542   -9.813  -5.961  1.00 20.55 ? 41  HIS A N   1 
ATOM   308  C CA  . HIS A 1 41  ? 1.794   -9.726  -4.689  1.00 21.06 ? 41  HIS A CA  1 
ATOM   309  C C   . HIS A 1 41  ? 2.732   -10.017 -3.542  1.00 19.95 ? 41  HIS A C   1 
ATOM   310  O O   . HIS A 1 41  ? 2.918   -11.172 -3.170  1.00 20.44 ? 41  HIS A O   1 
ATOM   311  C CB  . HIS A 1 41  ? 0.672   -10.747 -4.663  1.00 24.32 ? 41  HIS A CB  1 
ATOM   312  C CG  . HIS A 1 41  ? -0.082  -10.836 -5.948  1.00 27.94 ? 41  HIS A CG  1 
ATOM   313  N ND1 . HIS A 1 41  ? -0.487  -9.719  -6.648  1.00 29.60 ? 41  HIS A ND1 1 
ATOM   314  C CD2 . HIS A 1 41  ? -0.470  -11.905 -6.683  1.00 30.11 ? 41  HIS A CD2 1 
ATOM   315  C CE1 . HIS A 1 41  ? -1.093  -10.095 -7.759  1.00 29.84 ? 41  HIS A CE1 1 
ATOM   316  N NE2 . HIS A 1 41  ? -1.103  -11.414 -7.803  1.00 31.34 ? 41  HIS A NE2 1 
ATOM   317  N N   . GLU A 1 42  ? 3.381   -8.973  -3.042  1.00 17.97 ? 42  GLU A N   1 
ATOM   318  C CA  . GLU A 1 42  ? 4.471   -9.095  -2.084  1.00 16.01 ? 42  GLU A CA  1 
ATOM   319  C C   . GLU A 1 42  ? 4.512   -7.750  -1.360  1.00 14.84 ? 42  GLU A C   1 
ATOM   320  O O   . GLU A 1 42  ? 3.842   -6.810  -1.778  1.00 14.93 ? 42  GLU A O   1 
ATOM   321  C CB  . GLU A 1 42  ? 5.794   -9.333  -2.820  1.00 15.84 ? 42  GLU A CB  1 
ATOM   322  C CG  . GLU A 1 42  ? 6.258   -8.107  -3.659  1.00 16.36 ? 42  GLU A CG  1 
ATOM   323  C CD  . GLU A 1 42  ? 7.078   -8.466  -4.875  1.00 15.26 ? 42  GLU A CD  1 
ATOM   324  O OE1 . GLU A 1 42  ? 7.062   -9.644  -5.288  1.00 11.64 ? 42  GLU A OE1 1 
ATOM   325  O OE2 . GLU A 1 42  ? 7.700   -7.542  -5.436  1.00 16.10 ? 42  GLU A OE2 1 
ATOM   326  N N   . SER A 1 43  ? 5.295   -7.643  -0.301  1.00 12.78 ? 43  SER A N   1 
ATOM   327  C CA  . SER A 1 43  ? 5.414   -6.386  0.407   1.00 13.44 ? 43  SER A CA  1 
ATOM   328  C C   . SER A 1 43  ? 6.071   -5.399  -0.541  1.00 14.53 ? 43  SER A C   1 
ATOM   329  O O   . SER A 1 43  ? 7.089   -5.708  -1.154  1.00 16.66 ? 43  SER A O   1 
ATOM   330  C CB  . SER A 1 43  ? 6.291   -6.552  1.656   1.00 12.39 ? 43  SER A CB  1 
ATOM   331  O OG  . SER A 1 43  ? 5.772   -7.562  2.500   1.00 12.55 ? 43  SER A OG  1 
ATOM   332  N N   . PRO A 1 44  ? 5.627   -4.148  -0.524  1.00 14.61 ? 44  PRO A N   1 
ATOM   333  C CA  . PRO A 1 44  ? 6.265   -3.135  -1.378  1.00 14.32 ? 44  PRO A CA  1 
ATOM   334  C C   . PRO A 1 44  ? 7.764   -2.870  -1.115  1.00 13.35 ? 44  PRO A C   1 
ATOM   335  O O   . PRO A 1 44  ? 8.208   -2.809  0.025   1.00 13.27 ? 44  PRO A O   1 
ATOM   336  C CB  . PRO A 1 44  ? 5.419   -1.887  -1.129  1.00 14.27 ? 44  PRO A CB  1 
ATOM   337  C CG  . PRO A 1 44  ? 4.808   -2.160  0.243   1.00 14.38 ? 44  PRO A CG  1 
ATOM   338  C CD  . PRO A 1 44  ? 4.441   -3.606  0.145   1.00 14.36 ? 44  PRO A CD  1 
ATOM   339  N N   . ARG A 1 45  ? 8.496   -2.557  -2.181  1.00 12.27 ? 45  ARG A N   1 
ATOM   340  C CA  . ARG A 1 45  ? 9.860   -2.073  -2.067  1.00 11.28 ? 45  ARG A CA  1 
ATOM   341  C C   . ARG A 1 45  ? 9.849   -0.536  -2.068  1.00 10.89 ? 45  ARG A C   1 
ATOM   342  O O   . ARG A 1 45  ? 9.189   0.109   -2.907  1.00 12.08 ? 45  ARG A O   1 
ATOM   343  C CB  . ARG A 1 45  ? 10.695  -2.633  -3.226  1.00 10.06 ? 45  ARG A CB  1 
ATOM   344  C CG  . ARG A 1 45  ? 12.107  -2.094  -3.307  1.00 10.55 ? 45  ARG A CG  1 
ATOM   345  C CD  . ARG A 1 45  ? 12.657  -2.335  -4.675  1.00 11.41 ? 45  ARG A CD  1 
ATOM   346  N NE  . ARG A 1 45  ? 14.050  -1.908  -4.787  1.00 12.22 ? 45  ARG A NE  1 
ATOM   347  C CZ  . ARG A 1 45  ? 14.748  -2.014  -5.910  1.00 10.39 ? 45  ARG A CZ  1 
ATOM   348  N NH1 . ARG A 1 45  ? 14.120  -2.353  -7.025  1.00 10.92 ? 45  ARG A NH1 1 
ATOM   349  N NH2 . ARG A 1 45  ? 16.004  -1.624  -5.952  1.00 9.87  ? 45  ARG A NH2 1 
ATOM   350  N N   . LEU A 1 46  ? 10.489  0.049   -1.064  1.00 10.88 ? 46  LEU A N   1 
ATOM   351  C CA  . LEU A 1 46  ? 10.558  1.499   -0.934  1.00 11.39 ? 46  LEU A CA  1 
ATOM   352  C C   . LEU A 1 46  ? 11.670  2.007   -1.843  1.00 12.71 ? 46  LEU A C   1 
ATOM   353  O O   . LEU A 1 46  ? 12.838  1.614   -1.701  1.00 12.69 ? 46  LEU A O   1 
ATOM   354  C CB  . LEU A 1 46  ? 10.853  1.880   0.521   1.00 9.32  ? 46  LEU A CB  1 
ATOM   355  C CG  . LEU A 1 46  ? 10.997  3.391   0.824   1.00 10.93 ? 46  LEU A CG  1 
ATOM   356  C CD1 . LEU A 1 46  ? 9.705   4.138   0.471   1.00 8.89  ? 46  LEU A CD1 1 
ATOM   357  C CD2 . LEU A 1 46  ? 11.346  3.599   2.319   1.00 9.63  ? 46  LEU A CD2 1 
ATOM   358  N N   . LEU A 1 47  ? 11.301  2.864   -2.794  1.00 14.43 ? 47  LEU A N   1 
ATOM   359  C CA  . LEU A 1 47  ? 12.256  3.428   -3.760  1.00 13.93 ? 47  LEU A CA  1 
ATOM   360  C C   . LEU A 1 47  ? 12.754  4.817   -3.308  1.00 14.91 ? 47  LEU A C   1 
ATOM   361  O O   . LEU A 1 47  ? 13.970  5.067   -3.216  1.00 14.96 ? 47  LEU A O   1 
ATOM   362  C CB  . LEU A 1 47  ? 11.588  3.551   -5.138  1.00 12.77 ? 47  LEU A CB  1 
ATOM   363  C CG  . LEU A 1 47  ? 11.287  2.279   -5.945  1.00 12.66 ? 47  LEU A CG  1 
ATOM   364  C CD1 . LEU A 1 47  ? 10.836  2.635   -7.381  1.00 10.64 ? 47  LEU A CD1 1 
ATOM   365  C CD2 . LEU A 1 47  ? 12.553  1.407   -5.966  1.00 11.04 ? 47  LEU A CD2 1 
ATOM   366  N N   . ILE A 1 48  ? 11.802  5.692   -2.976  1.00 15.40 ? 48  ILE A N   1 
ATOM   367  C CA  . ILE A 1 48  ? 12.090  7.092   -2.670  1.00 15.72 ? 48  ILE A CA  1 
ATOM   368  C C   . ILE A 1 48  ? 11.356  7.460   -1.392  1.00 15.04 ? 48  ILE A C   1 
ATOM   369  O O   . ILE A 1 48  ? 10.143  7.249   -1.306  1.00 14.23 ? 48  ILE A O   1 
ATOM   370  C CB  . ILE A 1 48  ? 11.611  8.054   -3.851  1.00 15.50 ? 48  ILE A CB  1 
ATOM   371  C CG1 . ILE A 1 48  ? 12.740  8.243   -4.882  1.00 17.77 ? 48  ILE A CG1 1 
ATOM   372  C CG2 . ILE A 1 48  ? 11.366  9.447   -3.343  1.00 15.78 ? 48  ILE A CG2 1 
ATOM   373  C CD1 . ILE A 1 48  ? 12.434  7.607   -6.166  1.00 18.06 ? 48  ILE A CD1 1 
ATOM   374  N N   . LYS A 1 49  ? 12.069  8.076   -0.456  1.00 15.02 ? 49  LYS A N   1 
ATOM   375  C CA  . LYS A 1 49  ? 11.441  8.640   0.730   1.00 16.99 ? 49  LYS A CA  1 
ATOM   376  C C   . LYS A 1 49  ? 11.503  10.171  0.715   1.00 17.49 ? 49  LYS A C   1 
ATOM   377  O O   . LYS A 1 49  ? 12.375  10.755  0.082   1.00 16.61 ? 49  LYS A O   1 
ATOM   378  C CB  . LYS A 1 49  ? 12.078  8.088   2.004   1.00 17.22 ? 49  LYS A CB  1 
ATOM   379  C CG  . LYS A 1 49  ? 13.545  8.203   2.038   1.00 22.16 ? 49  LYS A CG  1 
ATOM   380  C CD  . LYS A 1 49  ? 14.070  8.147   3.454   1.00 25.99 ? 49  LYS A CD  1 
ATOM   381  C CE  . LYS A 1 49  ? 13.555  6.912   4.171   1.00 29.15 ? 49  LYS A CE  1 
ATOM   382  N NZ  . LYS A 1 49  ? 13.864  6.973   5.645   1.00 33.05 ? 49  LYS A NZ  1 
ATOM   383  N N   . TYR A 1 50  ? 10.453  10.806  1.222   1.00 17.28 ? 50  TYR A N   1 
ATOM   384  C CA  . TYR A 1 50  ? 10.442  12.260  1.352   1.00 17.24 ? 50  TYR A CA  1 
ATOM   385  C C   . TYR A 1 50  ? 10.590  12.942  -0.001  1.00 14.79 ? 50  TYR A C   1 
ATOM   386  O O   . TYR A 1 50  ? 11.442  13.800  -0.199  1.00 14.29 ? 50  TYR A O   1 
ATOM   387  C CB  . TYR A 1 50  ? 11.523  12.716  2.345   1.00 18.54 ? 50  TYR A CB  1 
ATOM   388  C CG  . TYR A 1 50  ? 11.140  12.376  3.758   1.00 21.94 ? 50  TYR A CG  1 
ATOM   389  C CD1 . TYR A 1 50  ? 9.909   12.764  4.262   1.00 22.62 ? 50  TYR A CD1 1 
ATOM   390  C CD2 . TYR A 1 50  ? 11.885  11.466  4.498   1.00 24.26 ? 50  TYR A CD2 1 
ATOM   391  C CE1 . TYR A 1 50  ? 9.421   12.241  5.433   1.00 24.55 ? 50  TYR A CE1 1 
ATOM   392  C CE2 . TYR A 1 50  ? 11.403  10.938  5.694   1.00 24.60 ? 50  TYR A CE2 1 
ATOM   393  C CZ  . TYR A 1 50  ? 10.165  11.330  6.151   1.00 25.86 ? 50  TYR A CZ  1 
ATOM   394  O OH  . TYR A 1 50  ? 9.661   10.820  7.339   1.00 27.41 ? 50  TYR A OH  1 
ATOM   395  N N   . ALA A 1 51  ? 9.850   12.410  -0.958  1.00 14.46 ? 51  ALA A N   1 
ATOM   396  C CA  . ALA A 1 51  ? 9.660   13.027  -2.284  1.00 14.19 ? 51  ALA A CA  1 
ATOM   397  C C   . ALA A 1 51  ? 10.811  12.775  -3.238  1.00 12.72 ? 51  ALA A C   1 
ATOM   398  O O   . ALA A 1 51  ? 10.616  12.310  -4.336  1.00 13.07 ? 51  ALA A O   1 
ATOM   399  C CB  . ALA A 1 51  ? 9.409   14.526  -2.149  1.00 11.97 ? 51  ALA A CB  1 
ATOM   400  N N   . SER A 1 52  ? 12.022  13.005  -2.788  1.00 13.96 ? 52  SER A N   1 
ATOM   401  C CA  . SER A 1 52  ? 13.117  13.059  -3.710  1.00 15.07 ? 52  SER A CA  1 
ATOM   402  C C   . SER A 1 52  ? 14.376  12.393  -3.179  1.00 17.14 ? 52  SER A C   1 
ATOM   403  O O   . SER A 1 52  ? 15.396  12.457  -3.844  1.00 18.53 ? 52  SER A O   1 
ATOM   404  C CB  . SER A 1 52  ? 13.396  14.521  -4.051  1.00 14.71 ? 52  SER A CB  1 
ATOM   405  O OG  . SER A 1 52  ? 13.605  15.277  -2.876  1.00 14.50 ? 52  SER A OG  1 
ATOM   406  N N   . GLN A 1 53  ? 14.359  11.842  -1.964  1.00 17.43 ? 53  GLN A N   1 
ATOM   407  C CA  . GLN A 1 53  ? 15.546  11.162  -1.440  1.00 18.82 ? 53  GLN A CA  1 
ATOM   408  C C   . GLN A 1 53  ? 15.499  9.677   -1.789  1.00 19.08 ? 53  GLN A C   1 
ATOM   409  O O   . GLN A 1 53  ? 14.617  8.952   -1.326  1.00 20.25 ? 53  GLN A O   1 
ATOM   410  C CB  . GLN A 1 53  ? 15.665  11.330  0.066   1.00 20.46 ? 53  GLN A CB  1 
ATOM   411  C CG  . GLN A 1 53  ? 16.107  12.733  0.502   1.00 26.02 ? 53  GLN A CG  1 
ATOM   412  C CD  . GLN A 1 53  ? 15.779  13.048  1.980   1.00 28.54 ? 53  GLN A CD  1 
ATOM   413  O OE1 . GLN A 1 53  ? 15.362  14.173  2.320   1.00 29.71 ? 53  GLN A OE1 1 
ATOM   414  N NE2 . GLN A 1 53  ? 15.951  12.051  2.856   1.00 29.05 ? 53  GLN A NE2 1 
ATOM   415  N N   . SER A 1 54  ? 16.383  9.258   -2.690  1.00 18.95 ? 54  SER A N   1 
ATOM   416  C CA  . SER A 1 54  ? 16.461  7.867   -3.134  1.00 19.60 ? 54  SER A CA  1 
ATOM   417  C C   . SER A 1 54  ? 17.070  7.012   -2.046  1.00 18.53 ? 54  SER A C   1 
ATOM   418  O O   . SER A 1 54  ? 18.003  7.437   -1.382  1.00 17.46 ? 54  SER A O   1 
ATOM   419  C CB  . SER A 1 54  ? 17.337  7.748   -4.382  1.00 20.36 ? 54  SER A CB  1 
ATOM   420  O OG  . SER A 1 54  ? 16.685  8.293   -5.507  1.00 22.49 ? 54  SER A OG  1 
ATOM   421  N N   . ILE A 1 55  ? 16.523  5.812   -1.877  1.00 19.61 ? 55  ILE A N   1 
ATOM   422  C CA  . ILE A 1 55  ? 17.035  4.814   -0.939  1.00 18.69 ? 55  ILE A CA  1 
ATOM   423  C C   . ILE A 1 55  ? 18.415  4.339   -1.406  1.00 18.90 ? 55  ILE A C   1 
ATOM   424  O O   . ILE A 1 55  ? 18.625  4.120   -2.595  1.00 18.47 ? 55  ILE A O   1 
ATOM   425  C CB  . ILE A 1 55  ? 16.069  3.592   -0.879  1.00 19.39 ? 55  ILE A CB  1 
ATOM   426  C CG1 . ILE A 1 55  ? 14.694  4.028   -0.353  1.00 16.97 ? 55  ILE A CG1 1 
ATOM   427  C CG2 . ILE A 1 55  ? 16.677  2.446   -0.030  1.00 19.38 ? 55  ILE A CG2 1 
ATOM   428  C CD1 . ILE A 1 55  ? 14.733  4.966   0.777   1.00 14.93 ? 55  ILE A CD1 1 
ATOM   429  N N   . SER A 1 56  ? 19.371  4.314   -0.483  1.00 18.94 ? 56  SER A N   1 
ATOM   430  C CA  . SER A 1 56  ? 20.707  3.766   -0.711  1.00 19.74 ? 56  SER A CA  1 
ATOM   431  C C   . SER A 1 56  ? 20.686  2.453   -1.472  1.00 18.99 ? 56  SER A C   1 
ATOM   432  O O   . SER A 1 56  ? 19.941  1.548   -1.110  1.00 19.49 ? 56  SER A O   1 
ATOM   433  C CB  . SER A 1 56  ? 21.385  3.525   0.624   1.00 21.20 ? 56  SER A CB  1 
ATOM   434  O OG  . SER A 1 56  ? 22.643  4.174   0.663   1.00 26.72 ? 56  SER A OG  1 
ATOM   435  N N   . GLY A 1 57  ? 21.395  2.410   -2.600  1.00 18.11 ? 57  GLY A N   1 
ATOM   436  C CA  . GLY A 1 57  ? 21.462  1.197   -3.393  1.00 16.31 ? 57  GLY A CA  1 
ATOM   437  C C   . GLY A 1 57  ? 20.415  0.928   -4.457  1.00 15.48 ? 57  GLY A C   1 
ATOM   438  O O   . GLY A 1 57  ? 20.527  -0.069  -5.169  1.00 14.96 ? 57  GLY A O   1 
ATOM   439  N N   . ILE A 1 58  ? 19.396  1.773   -4.592  1.00 15.49 ? 58  ILE A N   1 
ATOM   440  C CA  . ILE A 1 58  ? 18.498  1.607   -5.728  1.00 15.67 ? 58  ILE A CA  1 
ATOM   441  C C   . ILE A 1 58  ? 19.180  2.130   -6.982  1.00 15.32 ? 58  ILE A C   1 
ATOM   442  O O   . ILE A 1 58  ? 20.159  2.892   -6.890  1.00 14.01 ? 58  ILE A O   1 
ATOM   443  C CB  . ILE A 1 58  ? 17.117  2.310   -5.550  1.00 17.01 ? 58  ILE A CB  1 
ATOM   444  C CG1 . ILE A 1 58  ? 17.218  3.796   -5.869  1.00 18.60 ? 58  ILE A CG1 1 
ATOM   445  C CG2 . ILE A 1 58  ? 16.574  2.079   -4.141  1.00 16.23 ? 58  ILE A CG2 1 
ATOM   446  C CD1 . ILE A 1 58  ? 15.850  4.460   -5.987  1.00 18.95 ? 58  ILE A CD1 1 
ATOM   447  N N   . PRO A 1 59  ? 18.788  1.600   -8.163  1.00 15.45 ? 59  PRO A N   1 
ATOM   448  C CA  . PRO A 1 59  ? 19.438  2.054   -9.395  1.00 15.33 ? 59  PRO A CA  1 
ATOM   449  C C   . PRO A 1 59  ? 19.341  3.578   -9.553  1.00 16.28 ? 59  PRO A C   1 
ATOM   450  O O   . PRO A 1 59  ? 18.322  4.191   -9.186  1.00 14.87 ? 59  PRO A O   1 
ATOM   451  C CB  . PRO A 1 59  ? 18.666  1.307   -10.475 1.00 13.88 ? 59  PRO A CB  1 
ATOM   452  C CG  . PRO A 1 59  ? 18.329  0.015   -9.796  1.00 13.94 ? 59  PRO A CG  1 
ATOM   453  C CD  . PRO A 1 59  ? 17.844  0.504   -8.453  1.00 13.89 ? 59  PRO A CD  1 
ATOM   454  N N   . SER A 1 60  ? 20.378  4.174   -10.140 1.00 16.01 ? 60  SER A N   1 
ATOM   455  C CA  . SER A 1 60  ? 20.390  5.614   -10.342 1.00 16.79 ? 60  SER A CA  1 
ATOM   456  C C   . SER A 1 60  ? 19.441  6.092   -11.433 1.00 15.78 ? 60  SER A C   1 
ATOM   457  O O   . SER A 1 60  ? 19.103  7.281   -11.477 1.00 16.48 ? 60  SER A O   1 
ATOM   458  C CB  . SER A 1 60  ? 21.820  6.131   -10.591 1.00 17.67 ? 60  SER A CB  1 
ATOM   459  O OG  . SER A 1 60  ? 22.508  5.367   -11.568 1.00 21.99 ? 60  SER A OG  1 
ATOM   460  N N   . ARG A 1 61  ? 18.899  5.172   -12.222 1.00 14.11 ? 61  ARG A N   1 
ATOM   461  C CA  . ARG A 1 61  ? 17.872  5.569   -13.173 1.00 13.22 ? 61  ARG A CA  1 
ATOM   462  C C   . ARG A 1 61  ? 16.546  6.015   -12.501 1.00 14.24 ? 61  ARG A C   1 
ATOM   463  O O   . ARG A 1 61  ? 15.701  6.644   -13.157 1.00 14.03 ? 61  ARG A O   1 
ATOM   464  C CB  . ARG A 1 61  ? 17.592  4.450   -14.173 1.00 12.70 ? 61  ARG A CB  1 
ATOM   465  C CG  . ARG A 1 61  ? 16.971  3.183   -13.567 1.00 13.08 ? 61  ARG A CG  1 
ATOM   466  C CD  . ARG A 1 61  ? 16.800  2.103   -14.632 1.00 14.32 ? 61  ARG A CD  1 
ATOM   467  N NE  . ARG A 1 61  ? 16.224  0.870   -14.104 1.00 15.06 ? 61  ARG A NE  1 
ATOM   468  C CZ  . ARG A 1 61  ? 16.937  -0.143  -13.601 1.00 14.06 ? 61  ARG A CZ  1 
ATOM   469  N NH1 . ARG A 1 61  ? 18.270  -0.084  -13.539 1.00 11.25 ? 61  ARG A NH1 1 
ATOM   470  N NH2 . ARG A 1 61  ? 16.307  -1.238  -13.192 1.00 14.06 ? 61  ARG A NH2 1 
ATOM   471  N N   . PHE A 1 62  ? 16.337  5.660   -11.228 1.00 13.01 ? 62  PHE A N   1 
ATOM   472  C CA  . PHE A 1 62  ? 15.119  6.059   -10.499 1.00 11.90 ? 62  PHE A CA  1 
ATOM   473  C C   . PHE A 1 62  ? 15.343  7.408   -9.823  1.00 11.26 ? 62  PHE A C   1 
ATOM   474  O O   . PHE A 1 62  ? 16.378  7.626   -9.201  1.00 12.64 ? 62  PHE A O   1 
ATOM   475  C CB  . PHE A 1 62  ? 14.788  5.029   -9.411  1.00 10.48 ? 62  PHE A CB  1 
ATOM   476  C CG  . PHE A 1 62  ? 14.201  3.761   -9.929  1.00 8.33  ? 62  PHE A CG  1 
ATOM   477  C CD1 . PHE A 1 62  ? 12.900  3.710   -10.320 1.00 7.73  ? 62  PHE A CD1 1 
ATOM   478  C CD2 . PHE A 1 62  ? 14.970  2.617   -10.024 1.00 9.97  ? 62  PHE A CD2 1 
ATOM   479  C CE1 . PHE A 1 62  ? 12.348  2.544   -10.797 1.00 8.75  ? 62  PHE A CE1 1 
ATOM   480  C CE2 . PHE A 1 62  ? 14.444  1.434   -10.519 1.00 9.55  ? 62  PHE A CE2 1 
ATOM   481  C CZ  . PHE A 1 62  ? 13.121  1.400   -10.902 1.00 10.28 ? 62  PHE A CZ  1 
ATOM   482  N N   . SER A 1 63  ? 14.386  8.318   -9.916  1.00 11.97 ? 63  SER A N   1 
ATOM   483  C CA  . SER A 1 63  ? 14.453  9.488   -9.051  1.00 12.07 ? 63  SER A CA  1 
ATOM   484  C C   . SER A 1 63  ? 13.085  10.062  -8.855  1.00 11.46 ? 63  SER A C   1 
ATOM   485  O O   . SER A 1 63  ? 12.172  9.778   -9.634  1.00 11.85 ? 63  SER A O   1 
ATOM   486  C CB  . SER A 1 63  ? 15.350  10.562  -9.634  1.00 13.54 ? 63  SER A CB  1 
ATOM   487  O OG  . SER A 1 63  ? 14.733  11.120  -10.776 1.00 18.47 ? 63  SER A OG  1 
ATOM   488  N N   . GLY A 1 64  ? 12.939  10.851  -7.796  1.00 11.06 ? 64  GLY A N   1 
ATOM   489  C CA  . GLY A 1 64  ? 11.658  11.465  -7.508  1.00 10.46 ? 64  GLY A CA  1 
ATOM   490  C C   . GLY A 1 64  ? 11.847  12.952  -7.334  1.00 10.18 ? 64  GLY A C   1 
ATOM   491  O O   . GLY A 1 64  ? 12.908  13.398  -6.936  1.00 10.74 ? 64  GLY A O   1 
ATOM   492  N N   . SER A 1 65  ? 10.823  13.735  -7.620  1.00 9.96  ? 65  SER A N   1 
ATOM   493  C CA  . SER A 1 65  ? 10.903  15.153  -7.319  1.00 10.93 ? 65  SER A CA  1 
ATOM   494  C C   . SER A 1 65  ? 9.529   15.675  -6.940  1.00 9.79  ? 65  SER A C   1 
ATOM   495  O O   . SER A 1 65  ? 8.525   15.043  -7.244  1.00 8.74  ? 65  SER A O   1 
ATOM   496  C CB  . SER A 1 65  ? 11.394  15.900  -8.544  1.00 12.29 ? 65  SER A CB  1 
ATOM   497  O OG  . SER A 1 65  ? 10.536  15.554  -9.601  1.00 15.85 ? 65  SER A OG  1 
ATOM   498  N N   . GLY A 1 66  ? 9.501   16.889  -6.408  1.00 10.07 ? 66  GLY A N   1 
ATOM   499  C CA  . GLY A 1 66  ? 8.242   17.502  -6.045  1.00 10.71 ? 66  GLY A CA  1 
ATOM   500  C C   . GLY A 1 66  ? 8.266   17.914  -4.580  1.00 11.58 ? 66  GLY A C   1 
ATOM   501  O O   . GLY A 1 66  ? 9.147   17.486  -3.791  1.00 10.95 ? 66  GLY A O   1 
ATOM   502  N N   . SER A 1 67  ? 7.449   18.919  -4.286  1.00 12.23 ? 67  SER A N   1 
ATOM   503  C CA  . SER A 1 67  ? 7.193   19.379  -2.922  1.00 13.48 ? 67  SER A CA  1 
ATOM   504  C C   . SER A 1 67  ? 5.939   20.253  -2.930  1.00 13.61 ? 67  SER A C   1 
ATOM   505  O O   . SER A 1 67  ? 5.801   21.155  -3.774  1.00 15.11 ? 67  SER A O   1 
ATOM   506  C CB  . SER A 1 67  ? 8.390   20.143  -2.351  1.00 13.21 ? 67  SER A CB  1 
ATOM   507  O OG  . SER A 1 67  ? 8.098   20.554  -1.023  1.00 15.43 ? 67  SER A OG  1 
ATOM   508  N N   . GLY A 1 68  ? 4.947   19.835  -2.150  1.00 11.50 ? 68  GLY A N   1 
ATOM   509  C CA  . GLY A 1 68  ? 3.687   20.524  -2.118  1.00 8.54  ? 68  GLY A CA  1 
ATOM   510  C C   . GLY A 1 68  ? 2.565   19.577  -2.474  1.00 10.40 ? 68  GLY A C   1 
ATOM   511  O O   . GLY A 1 68  ? 2.089   18.804  -1.622  1.00 9.73  ? 68  GLY A O   1 
ATOM   512  N N   . THR A 1 69  ? 2.128   19.642  -3.727  1.00 9.94  ? 69  THR A N   1 
ATOM   513  C CA  . THR A 1 69  ? 1.038   18.838  -4.200  1.00 12.24 ? 69  THR A CA  1 
ATOM   514  C C   . THR A 1 69  ? 1.415   17.971  -5.407  1.00 13.43 ? 69  THR A C   1 
ATOM   515  O O   . THR A 1 69  ? 0.703   17.016  -5.731  1.00 14.95 ? 69  THR A O   1 
ATOM   516  C CB  . THR A 1 69  ? -0.156  19.733  -4.577  1.00 13.84 ? 69  THR A CB  1 
ATOM   517  O OG1 . THR A 1 69  ? 0.258   20.696  -5.557  1.00 15.92 ? 69  THR A OG1 1 
ATOM   518  C CG2 . THR A 1 69  ? -0.650  20.496  -3.346  1.00 14.77 ? 69  THR A CG2 1 
ATOM   519  N N   . ASP A 1 70  ? 2.495   18.288  -6.102  1.00 13.44 ? 70  ASP A N   1 
ATOM   520  C CA  . ASP A 1 70  ? 2.704   17.618  -7.387  1.00 14.89 ? 70  ASP A CA  1 
ATOM   521  C C   . ASP A 1 70  ? 3.997   16.837  -7.352  1.00 12.72 ? 70  ASP A C   1 
ATOM   522  O O   . ASP A 1 70  ? 5.048   17.396  -7.060  1.00 12.95 ? 70  ASP A O   1 
ATOM   523  C CB  . ASP A 1 70  ? 2.735   18.642  -8.524  1.00 18.59 ? 70  ASP A CB  1 
ATOM   524  C CG  . ASP A 1 70  ? 1.343   19.058  -8.967  1.00 23.40 ? 70  ASP A CG  1 
ATOM   525  O OD1 . ASP A 1 70  ? 0.735   19.942  -8.329  1.00 26.33 ? 70  ASP A OD1 1 
ATOM   526  O OD2 . ASP A 1 70  ? 0.823   18.464  -9.929  1.00 27.87 ? 70  ASP A OD2 1 
ATOM   527  N N   . PHE A 1 71  ? 3.889   15.522  -7.460  1.00 11.10 ? 71  PHE A N   1 
ATOM   528  C CA  . PHE A 1 71  ? 5.062   14.686  -7.281  1.00 10.45 ? 71  PHE A CA  1 
ATOM   529  C C   . PHE A 1 71  ? 5.330   13.821  -8.525  1.00 9.54  ? 71  PHE A C   1 
ATOM   530  O O   . PHE A 1 71  ? 4.407   13.375  -9.188  1.00 9.45  ? 71  PHE A O   1 
ATOM   531  C CB  . PHE A 1 71  ? 4.914   13.824  -6.006  1.00 9.45  ? 71  PHE A CB  1 
ATOM   532  C CG  . PHE A 1 71  ? 4.783   14.633  -4.739  1.00 8.74  ? 71  PHE A CG  1 
ATOM   533  C CD1 . PHE A 1 71  ? 5.898   15.099  -4.091  1.00 5.74  ? 71  PHE A CD1 1 
ATOM   534  C CD2 . PHE A 1 71  ? 3.526   15.016  -4.264  1.00 7.52  ? 71  PHE A CD2 1 
ATOM   535  C CE1 . PHE A 1 71  ? 5.784   15.935  -3.015  1.00 6.61  ? 71  PHE A CE1 1 
ATOM   536  C CE2 . PHE A 1 71  ? 3.415   15.837  -3.190  1.00 4.37  ? 71  PHE A CE2 1 
ATOM   537  C CZ  . PHE A 1 71  ? 4.532   16.296  -2.568  1.00 5.62  ? 71  PHE A CZ  1 
ATOM   538  N N   . THR A 1 72  ? 6.594   13.662  -8.881  1.00 9.77  ? 72  THR A N   1 
ATOM   539  C CA  . THR A 1 72  ? 6.886   12.855  -10.034 1.00 12.62 ? 72  THR A CA  1 
ATOM   540  C C   . THR A 1 72  ? 7.928   11.807  -9.705  1.00 11.77 ? 72  THR A C   1 
ATOM   541  O O   . THR A 1 72  ? 8.886   12.083  -8.995  1.00 11.76 ? 72  THR A O   1 
ATOM   542  C CB  . THR A 1 72  ? 7.340   13.748  -11.241 1.00 14.90 ? 72  THR A CB  1 
ATOM   543  O OG1 . THR A 1 72  ? 6.277   14.655  -11.577 1.00 16.29 ? 72  THR A OG1 1 
ATOM   544  C CG2 . THR A 1 72  ? 7.603   12.886  -12.504 1.00 16.59 ? 72  THR A CG2 1 
ATOM   545  N N   . LEU A 1 73  ? 7.630   10.568  -10.076 1.00 11.00 ? 73  LEU A N   1 
ATOM   546  C CA  . LEU A 1 73  ? 8.640   9.520   -10.072 1.00 11.69 ? 73  LEU A CA  1 
ATOM   547  C C   . LEU A 1 73  ? 9.162   9.410   -11.499 1.00 11.66 ? 73  LEU A C   1 
ATOM   548  O O   . LEU A 1 73  ? 8.386   9.147   -12.414 1.00 12.08 ? 73  LEU A O   1 
ATOM   549  C CB  . LEU A 1 73  ? 8.018   8.164   -9.657  1.00 11.27 ? 73  LEU A CB  1 
ATOM   550  C CG  . LEU A 1 73  ? 8.940   6.937   -9.761  1.00 11.18 ? 73  LEU A CG  1 
ATOM   551  C CD1 . LEU A 1 73  ? 10.145  7.116   -8.835  1.00 10.39 ? 73  LEU A CD1 1 
ATOM   552  C CD2 . LEU A 1 73  ? 8.155   5.676   -9.438  1.00 12.29 ? 73  LEU A CD2 1 
ATOM   553  N N   . SER A 1 74  ? 10.473  9.460   -11.666 1.00 12.46 ? 74  SER A N   1 
ATOM   554  C CA  . SER A 1 74  ? 11.051  9.313   -12.998 1.00 15.03 ? 74  SER A CA  1 
ATOM   555  C C   . SER A 1 74  ? 11.918  8.070   -13.087 1.00 14.99 ? 74  SER A C   1 
ATOM   556  O O   . SER A 1 74  ? 12.752  7.819   -12.209 1.00 14.33 ? 74  SER A O   1 
ATOM   557  C CB  . SER A 1 74  ? 11.897  10.539  -13.333 1.00 15.49 ? 74  SER A CB  1 
ATOM   558  O OG  . SER A 1 74  ? 11.036  11.599  -13.720 1.00 21.74 ? 74  SER A OG  1 
ATOM   559  N N   . ILE A 1 75  ? 11.664  7.252   -14.098 1.00 16.02 ? 75  ILE A N   1 
ATOM   560  C CA  . ILE A 1 75  ? 12.666  6.280   -14.510 1.00 18.70 ? 75  ILE A CA  1 
ATOM   561  C C   . ILE A 1 75  ? 13.294  6.692   -15.851 1.00 20.37 ? 75  ILE A C   1 
ATOM   562  O O   . ILE A 1 75  ? 12.634  6.802   -16.886 1.00 19.56 ? 75  ILE A O   1 
ATOM   563  C CB  . ILE A 1 75  ? 12.102  4.854   -14.605 1.00 17.86 ? 75  ILE A CB  1 
ATOM   564  C CG1 . ILE A 1 75  ? 11.171  4.575   -13.421 1.00 17.63 ? 75  ILE A CG1 1 
ATOM   565  C CG2 . ILE A 1 75  ? 13.255  3.866   -14.636 1.00 15.92 ? 75  ILE A CG2 1 
ATOM   566  C CD1 . ILE A 1 75  ? 10.131  3.535   -13.696 1.00 16.61 ? 75  ILE A CD1 1 
ATOM   567  N N   . ASN A 1 76  ? 14.551  7.061   -15.774 1.00 23.28 ? 76  ASN A N   1 
ATOM   568  C CA  . ASN A 1 76  ? 15.231  7.575   -16.927 1.00 27.82 ? 76  ASN A CA  1 
ATOM   569  C C   . ASN A 1 76  ? 16.002  6.412   -17.532 1.00 27.92 ? 76  ASN A C   1 
ATOM   570  O O   . ASN A 1 76  ? 17.000  5.975   -16.950 1.00 30.14 ? 76  ASN A O   1 
ATOM   571  C CB  . ASN A 1 76  ? 16.166  8.697   -16.488 1.00 30.99 ? 76  ASN A CB  1 
ATOM   572  C CG  . ASN A 1 76  ? 17.499  8.614   -17.153 1.00 35.83 ? 76  ASN A CG  1 
ATOM   573  O OD1 . ASN A 1 76  ? 18.471  8.140   -16.533 1.00 38.69 ? 76  ASN A OD1 1 
ATOM   574  N ND2 . ASN A 1 76  ? 17.507  8.809   -18.486 1.00 37.73 ? 76  ASN A ND2 1 
ATOM   575  N N   . SER A 1 77  ? 15.425  5.809   -18.564 1.00 26.81 ? 77  SER A N   1 
ATOM   576  C CA  . SER A 1 77  ? 15.987  4.636   -19.225 1.00 26.05 ? 77  SER A CA  1 
ATOM   577  C C   . SER A 1 77  ? 15.527  3.323   -18.575 1.00 24.76 ? 77  SER A C   1 
ATOM   578  O O   . SER A 1 77  ? 16.283  2.637   -17.888 1.00 24.04 ? 77  SER A O   1 
ATOM   579  C CB  . SER A 1 77  ? 17.522  4.727   -19.270 1.00 26.05 ? 77  SER A CB  1 
ATOM   580  O OG  . SER A 1 77  ? 18.045  3.935   -20.318 1.00 28.43 ? 77  SER A OG  1 
ATOM   581  N N   . VAL A 1 78  ? 14.309  2.925   -18.913 1.00 23.41 ? 78  VAL A N   1 
ATOM   582  C CA  . VAL A 1 78  ? 13.682  1.753   -18.324 1.00 22.66 ? 78  VAL A CA  1 
ATOM   583  C C   . VAL A 1 78  ? 14.345  0.430   -18.738 1.00 21.91 ? 78  VAL A C   1 
ATOM   584  O O   . VAL A 1 78  ? 14.751  0.235   -19.898 1.00 20.92 ? 78  VAL A O   1 
ATOM   585  C CB  . VAL A 1 78  ? 12.163  1.694   -18.663 1.00 22.97 ? 78  VAL A CB  1 
ATOM   586  C CG1 . VAL A 1 78  ? 11.459  2.891   -18.111 1.00 24.05 ? 78  VAL A CG1 1 
ATOM   587  C CG2 . VAL A 1 78  ? 11.953  1.662   -20.151 1.00 24.80 ? 78  VAL A CG2 1 
ATOM   588  N N   . GLU A 1 79  ? 14.389  -0.497  -17.786 1.00 20.72 ? 79  GLU A N   1 
ATOM   589  C CA  . GLU A 1 79  ? 14.844  -1.862  -18.027 1.00 19.71 ? 79  GLU A CA  1 
ATOM   590  C C   . GLU A 1 79  ? 13.623  -2.759  -17.934 1.00 18.27 ? 79  GLU A C   1 
ATOM   591  O O   . GLU A 1 79  ? 12.602  -2.352  -17.377 1.00 17.76 ? 79  GLU A O   1 
ATOM   592  C CB  . GLU A 1 79  ? 15.885  -2.249  -16.987 1.00 20.45 ? 79  GLU A CB  1 
ATOM   593  C CG  . GLU A 1 79  ? 17.057  -1.282  -16.914 1.00 22.34 ? 79  GLU A CG  1 
ATOM   594  C CD  . GLU A 1 79  ? 18.057  -1.499  -18.035 1.00 25.54 ? 79  GLU A CD  1 
ATOM   595  O OE1 . GLU A 1 79  ? 18.091  -2.613  -18.593 1.00 27.69 ? 79  GLU A OE1 1 
ATOM   596  O OE2 . GLU A 1 79  ? 18.801  -0.553  -18.381 1.00 27.48 ? 79  GLU A OE2 1 
ATOM   597  N N   . THR A 1 80  ? 13.635  -3.893  -18.624 1.00 16.65 ? 80  THR A N   1 
ATOM   598  C CA  . THR A 1 80  ? 12.453  -4.738  -18.603 1.00 16.00 ? 80  THR A CA  1 
ATOM   599  C C   . THR A 1 80  ? 12.205  -5.221  -17.166 1.00 15.21 ? 80  THR A C   1 
ATOM   600  O O   . THR A 1 80  ? 11.093  -5.530  -16.810 1.00 15.07 ? 80  THR A O   1 
ATOM   601  C CB  . THR A 1 80  ? 12.598  -5.966  -19.532 1.00 16.59 ? 80  THR A CB  1 
ATOM   602  O OG1 . THR A 1 80  ? 13.739  -6.720  -19.138 1.00 17.68 ? 80  THR A OG1 1 
ATOM   603  C CG2 . THR A 1 80  ? 12.803  -5.551  -20.963 1.00 16.73 ? 80  THR A CG2 1 
ATOM   604  N N   . GLU A 1 81  ? 13.226  -5.199  -16.317 1.00 15.12 ? 81  GLU A N   1 
ATOM   605  C CA  . GLU A 1 81  ? 13.035  -5.622  -14.938 1.00 16.80 ? 81  GLU A CA  1 
ATOM   606  C C   . GLU A 1 81  ? 12.228  -4.624  -14.105 1.00 18.24 ? 81  GLU A C   1 
ATOM   607  O O   . GLU A 1 81  ? 11.966  -4.869  -12.924 1.00 20.14 ? 81  GLU A O   1 
ATOM   608  C CB  . GLU A 1 81  ? 14.379  -5.913  -14.261 1.00 14.35 ? 81  GLU A CB  1 
ATOM   609  C CG  . GLU A 1 81  ? 15.252  -4.716  -13.972 1.00 14.18 ? 81  GLU A CG  1 
ATOM   610  C CD  . GLU A 1 81  ? 16.682  -5.108  -13.646 1.00 14.99 ? 81  GLU A CD  1 
ATOM   611  O OE1 . GLU A 1 81  ? 16.930  -6.301  -13.412 1.00 17.05 ? 81  GLU A OE1 1 
ATOM   612  O OE2 . GLU A 1 81  ? 17.555  -4.228  -13.535 1.00 15.20 ? 81  GLU A OE2 1 
ATOM   613  N N   . ASP A 1 82  ? 11.794  -3.528  -14.723 1.00 17.76 ? 82  ASP A N   1 
ATOM   614  C CA  . ASP A 1 82  ? 11.133  -2.436  -14.006 1.00 16.69 ? 82  ASP A CA  1 
ATOM   615  C C   . ASP A 1 82  ? 9.637   -2.576  -14.135 1.00 16.16 ? 82  ASP A C   1 
ATOM   616  O O   . ASP A 1 82  ? 8.885   -1.780  -13.593 1.00 17.49 ? 82  ASP A O   1 
ATOM   617  C CB  . ASP A 1 82  ? 11.584  -1.083  -14.556 1.00 15.58 ? 82  ASP A CB  1 
ATOM   618  C CG  . ASP A 1 82  ? 12.970  -0.733  -14.146 1.00 16.85 ? 82  ASP A CG  1 
ATOM   619  O OD1 . ASP A 1 82  ? 13.458  -1.325  -13.160 1.00 15.96 ? 82  ASP A OD1 1 
ATOM   620  O OD2 . ASP A 1 82  ? 13.603  0.130   -14.808 1.00 18.61 ? 82  ASP A OD2 1 
ATOM   621  N N   . LEU A 1 83  ? 9.211   -3.566  -14.899 1.00 15.32 ? 83  LEU A N   1 
ATOM   622  C CA  . LEU A 1 83  ? 7.821   -3.921  -14.973 1.00 16.87 ? 83  LEU A CA  1 
ATOM   623  C C   . LEU A 1 83  ? 7.279   -4.142  -13.529 1.00 17.30 ? 83  LEU A C   1 
ATOM   624  O O   . LEU A 1 83  ? 7.827   -4.960  -12.763 1.00 18.14 ? 83  LEU A O   1 
ATOM   625  C CB  . LEU A 1 83  ? 7.681   -5.192  -15.817 1.00 17.69 ? 83  LEU A CB  1 
ATOM   626  C CG  . LEU A 1 83  ? 6.283   -5.789  -15.799 1.00 20.04 ? 83  LEU A CG  1 
ATOM   627  C CD1 . LEU A 1 83  ? 5.460   -5.131  -16.829 1.00 21.56 ? 83  LEU A CD1 1 
ATOM   628  C CD2 . LEU A 1 83  ? 6.338   -7.273  -16.061 1.00 21.39 ? 83  LEU A CD2 1 
ATOM   629  N N   . ALA A 1 84  ? 6.308   -3.322  -13.123 1.00 15.54 ? 84  ALA A N   1 
ATOM   630  C CA  . ALA A 1 84  ? 5.783   -3.322  -11.753 1.00 13.42 ? 84  ALA A CA  1 
ATOM   631  C C   . ALA A 1 84  ? 4.598   -2.371  -11.637 1.00 13.32 ? 84  ALA A C   1 
ATOM   632  O O   . ALA A 1 84  ? 4.209   -1.718  -12.616 1.00 12.96 ? 84  ALA A O   1 
ATOM   633  C CB  . ALA A 1 84  ? 6.873   -2.921  -10.761 1.00 12.29 ? 84  ALA A CB  1 
ATOM   634  N N   . VAL A 1 85  ? 3.938   -2.403  -10.480 1.00 12.59 ? 85  VAL A N   1 
ATOM   635  C CA  . VAL A 1 85  ? 2.989   -1.370  -10.094 1.00 11.51 ? 85  VAL A CA  1 
ATOM   636  C C   . VAL A 1 85  ? 3.658   -0.452  -9.065  1.00 11.38 ? 85  VAL A C   1 
ATOM   637  O O   . VAL A 1 85  ? 4.473   -0.911  -8.230  1.00 11.95 ? 85  VAL A O   1 
ATOM   638  C CB  . VAL A 1 85  ? 1.677   -2.011  -9.530  1.00 12.60 ? 85  VAL A CB  1 
ATOM   639  C CG1 . VAL A 1 85  ? 0.674   -0.948  -9.133  1.00 12.01 ? 85  VAL A CG1 1 
ATOM   640  C CG2 . VAL A 1 85  ? 1.043   -2.882  -10.589 1.00 12.19 ? 85  VAL A CG2 1 
ATOM   641  N N   . TYR A 1 86  ? 3.567   0.849   -9.334  1.00 10.15 ? 86  TYR A N   1 
ATOM   642  C CA  . TYR A 1 86  ? 4.128   1.870   -8.467  1.00 9.01  ? 86  TYR A CA  1 
ATOM   643  C C   . TYR A 1 86  ? 3.016   2.624   -7.738  1.00 9.57  ? 86  TYR A C   1 
ATOM   644  O O   . TYR A 1 86  ? 1.940   2.853   -8.293  1.00 10.03 ? 86  TYR A O   1 
ATOM   645  C CB  . TYR A 1 86  ? 4.975   2.826   -9.286  1.00 8.92  ? 86  TYR A CB  1 
ATOM   646  C CG  . TYR A 1 86  ? 6.106   2.120   -9.983  1.00 8.86  ? 86  TYR A CG  1 
ATOM   647  C CD1 . TYR A 1 86  ? 5.890   1.357   -11.124 1.00 9.56  ? 86  TYR A CD1 1 
ATOM   648  C CD2 . TYR A 1 86  ? 7.380   2.182   -9.471  1.00 8.65  ? 86  TYR A CD2 1 
ATOM   649  C CE1 . TYR A 1 86  ? 6.952   0.690   -11.755 1.00 9.36  ? 86  TYR A CE1 1 
ATOM   650  C CE2 . TYR A 1 86  ? 8.423   1.502   -10.052 1.00 9.90  ? 86  TYR A CE2 1 
ATOM   651  C CZ  . TYR A 1 86  ? 8.212   0.765   -11.201 1.00 10.24 ? 86  TYR A CZ  1 
ATOM   652  O OH  . TYR A 1 86  ? 9.299   0.112   -11.757 1.00 11.61 ? 86  TYR A OH  1 
ATOM   653  N N   . PHE A 1 87  ? 3.270   2.940   -6.466  1.00 9.98  ? 87  PHE A N   1 
ATOM   654  C CA  . PHE A 1 87  ? 2.300   3.582   -5.572  1.00 8.08  ? 87  PHE A CA  1 
ATOM   655  C C   . PHE A 1 87  ? 3.034   4.690   -4.850  1.00 6.91  ? 87  PHE A C   1 
ATOM   656  O O   . PHE A 1 87  ? 4.163   4.538   -4.416  1.00 6.46  ? 87  PHE A O   1 
ATOM   657  C CB  . PHE A 1 87  ? 1.786   2.588   -4.519  1.00 7.26  ? 87  PHE A CB  1 
ATOM   658  C CG  . PHE A 1 87  ? 0.718   1.656   -5.018  1.00 6.87  ? 87  PHE A CG  1 
ATOM   659  C CD1 . PHE A 1 87  ? -0.621  2.010   -4.944  1.00 8.58  ? 87  PHE A CD1 1 
ATOM   660  C CD2 . PHE A 1 87  ? 1.041   0.376   -5.421  1.00 6.92  ? 87  PHE A CD2 1 
ATOM   661  C CE1 . PHE A 1 87  ? -1.626  1.110   -5.258  1.00 6.93  ? 87  PHE A CE1 1 
ATOM   662  C CE2 . PHE A 1 87  ? 0.068   -0.515  -5.745  1.00 6.15  ? 87  PHE A CE2 1 
ATOM   663  C CZ  . PHE A 1 87  ? -1.270  -0.157  -5.671  1.00 8.09  ? 87  PHE A CZ  1 
ATOM   664  N N   . CYS A 1 88  ? 2.323   5.768   -4.614  1.00 8.41  ? 88  CYS A N   1 
ATOM   665  C CA  . CYS A 1 88  ? 2.772   6.793   -3.688  1.00 9.69  ? 88  CYS A CA  1 
ATOM   666  C C   . CYS A 1 88  ? 1.905   6.751   -2.415  1.00 7.70  ? 88  CYS A C   1 
ATOM   667  O O   . CYS A 1 88  ? 0.739   6.392   -2.455  1.00 8.48  ? 88  CYS A O   1 
ATOM   668  C CB  . CYS A 1 88  ? 2.686   8.174   -4.361  1.00 9.67  ? 88  CYS A CB  1 
ATOM   669  S SG  . CYS A 1 88  ? 1.017   8.567   -4.921  1.00 13.45 ? 88  CYS A SG  1 
ATOM   670  N N   . GLN A 1 89  ? 2.489   7.148   -1.300  1.00 9.08  ? 89  GLN A N   1 
ATOM   671  C CA  . GLN A 1 89  ? 1.784   7.187   -0.011  1.00 10.33 ? 89  GLN A CA  1 
ATOM   672  C C   . GLN A 1 89  ? 2.196   8.516   0.626   1.00 10.08 ? 89  GLN A C   1 
ATOM   673  O O   . GLN A 1 89  ? 3.380   8.881   0.627   1.00 8.83  ? 89  GLN A O   1 
ATOM   674  C CB  . GLN A 1 89  ? 2.245   6.036   0.914   1.00 10.32 ? 89  GLN A CB  1 
ATOM   675  C CG  . GLN A 1 89  ? 1.529   5.980   2.277   1.00 11.60 ? 89  GLN A CG  1 
ATOM   676  C CD  . GLN A 1 89  ? 2.106   4.939   3.275   1.00 11.61 ? 89  GLN A CD  1 
ATOM   677  O OE1 . GLN A 1 89  ? 3.281   4.566   3.236   1.00 12.98 ? 89  GLN A OE1 1 
ATOM   678  N NE2 . GLN A 1 89  ? 1.277   4.531   4.209   1.00 13.49 ? 89  GLN A NE2 1 
ATOM   679  N N   . GLN A 1 90  ? 1.231   9.239   1.184   1.00 11.36 ? 90  GLN A N   1 
ATOM   680  C CA  . GLN A 1 90  ? 1.623   10.397  1.964   1.00 12.38 ? 90  GLN A CA  1 
ATOM   681  C C   . GLN A 1 90  ? 1.732   9.976   3.418   1.00 12.47 ? 90  GLN A C   1 
ATOM   682  O O   . GLN A 1 90  ? 1.005   9.106   3.917   1.00 13.03 ? 90  GLN A O   1 
ATOM   683  C CB  . GLN A 1 90  ? 0.675   11.607  1.773   1.00 12.18 ? 90  GLN A CB  1 
ATOM   684  C CG  . GLN A 1 90  ? -0.800  11.402  2.176   1.00 12.01 ? 90  GLN A CG  1 
ATOM   685  C CD  . GLN A 1 90  ? -1.107  11.803  3.634   1.00 10.24 ? 90  GLN A CD  1 
ATOM   686  O OE1 . GLN A 1 90  ? -2.205  11.565  4.118   1.00 13.03 ? 90  GLN A OE1 1 
ATOM   687  N NE2 . GLN A 1 90  ? -0.160  12.419  4.309   1.00 8.14  ? 90  GLN A NE2 1 
ATOM   688  N N   . VAL A 1 91  ? 2.596   10.689  4.098   1.00 11.75 ? 91  VAL A N   1 
ATOM   689  C CA  . VAL A 1 91  ? 3.020   10.334  5.412   1.00 13.09 ? 91  VAL A CA  1 
ATOM   690  C C   . VAL A 1 91  ? 3.053   11.656  6.171   1.00 13.63 ? 91  VAL A C   1 
ATOM   691  O O   . VAL A 1 91  ? 3.777   11.822  7.126   1.00 14.92 ? 91  VAL A O   1 
ATOM   692  C CB  . VAL A 1 91  ? 4.349   9.611   5.230   1.00 12.41 ? 91  VAL A CB  1 
ATOM   693  C CG1 . VAL A 1 91  ? 5.521   10.370  5.748   1.00 10.81 ? 91  VAL A CG1 1 
ATOM   694  C CG2 . VAL A 1 91  ? 4.205   8.215   5.716   1.00 14.32 ? 91  VAL A CG2 1 
ATOM   695  N N   . SER A 1 92  ? 2.105   12.530  5.819   1.00 14.27 ? 92  SER A N   1 
ATOM   696  C CA  . SER A 1 92  ? 2.013   13.883  6.362   1.00 13.54 ? 92  SER A CA  1 
ATOM   697  C C   . SER A 1 92  ? 0.995   14.004  7.516   1.00 13.88 ? 92  SER A C   1 
ATOM   698  O O   . SER A 1 92  ? 1.211   14.738  8.485   1.00 14.36 ? 92  SER A O   1 
ATOM   699  C CB  . SER A 1 92  ? 1.598   14.851  5.269   1.00 12.53 ? 92  SER A CB  1 
ATOM   700  O OG  . SER A 1 92  ? 1.823   16.166  5.717   1.00 12.21 ? 92  SER A OG  1 
ATOM   701  N N   . GLU A 1 93  ? -0.175  13.423  7.315   1.00 13.86 ? 93  GLU A N   1 
ATOM   702  C CA  . GLU A 1 93  ? -1.230  13.492  8.289   1.00 14.14 ? 93  GLU A CA  1 
ATOM   703  C C   . GLU A 1 93  ? -2.021  12.188  8.242   1.00 15.47 ? 93  GLU A C   1 
ATOM   704  O O   . GLU A 1 93  ? -2.296  11.672  7.148   1.00 16.18 ? 93  GLU A O   1 
ATOM   705  C CB  . GLU A 1 93  ? -2.144  14.653  7.956   1.00 13.35 ? 93  GLU A CB  1 
ATOM   706  C CG  . GLU A 1 93  ? -3.064  15.058  9.096   1.00 11.75 ? 93  GLU A CG  1 
ATOM   707  C CD  . GLU A 1 93  ? -3.838  16.307  8.756   1.00 9.63  ? 93  GLU A CD  1 
ATOM   708  O OE1 . GLU A 1 93  ? -4.755  16.229  7.930   1.00 8.35  ? 93  GLU A OE1 1 
ATOM   709  O OE2 . GLU A 1 93  ? -3.506  17.368  9.298   1.00 10.54 ? 93  GLU A OE2 1 
ATOM   710  N N   . TRP A 1 94  ? -2.428  11.689  9.408   1.00 14.92 ? 94  TRP A N   1 
ATOM   711  C CA  . TRP A 1 94  ? -3.249  10.487  9.491   1.00 15.71 ? 94  TRP A CA  1 
ATOM   712  C C   . TRP A 1 94  ? -4.648  10.772  8.969   1.00 15.29 ? 94  TRP A C   1 
ATOM   713  O O   . TRP A 1 94  ? -5.221  11.804  9.285   1.00 15.78 ? 94  TRP A O   1 
ATOM   714  C CB  . TRP A 1 94  ? -3.330  10.012  10.951  1.00 18.16 ? 94  TRP A CB  1 
ATOM   715  C CG  . TRP A 1 94  ? -4.070  8.729   11.104  1.00 21.42 ? 94  TRP A CG  1 
ATOM   716  C CD1 . TRP A 1 94  ? -5.376  8.573   11.430  1.00 22.72 ? 94  TRP A CD1 1 
ATOM   717  C CD2 . TRP A 1 94  ? -3.567  7.425   10.807  1.00 24.28 ? 94  TRP A CD2 1 
ATOM   718  N NE1 . TRP A 1 94  ? -5.726  7.242   11.358  1.00 25.01 ? 94  TRP A NE1 1 
ATOM   719  C CE2 . TRP A 1 94  ? -4.632  6.518   10.982  1.00 24.35 ? 94  TRP A CE2 1 
ATOM   720  C CE3 . TRP A 1 94  ? -2.321  6.942   10.365  1.00 26.53 ? 94  TRP A CE3 1 
ATOM   721  C CZ2 . TRP A 1 94  ? -4.501  5.158   10.750  1.00 26.49 ? 94  TRP A CZ2 1 
ATOM   722  C CZ3 . TRP A 1 94  ? -2.188  5.587   10.117  1.00 27.53 ? 94  TRP A CZ3 1 
ATOM   723  C CH2 . TRP A 1 94  ? -3.277  4.709   10.316  1.00 27.80 ? 94  TRP A CH2 1 
ATOM   724  N N   . PRO A 1 95  ? -5.259  9.821   8.240   1.00 15.05 ? 95  PRO A N   1 
ATOM   725  C CA  . PRO A 1 95  ? -4.697  8.538   7.800   1.00 15.43 ? 95  PRO A CA  1 
ATOM   726  C C   . PRO A 1 95  ? -3.695  8.690   6.643   1.00 17.37 ? 95  PRO A C   1 
ATOM   727  O O   . PRO A 1 95  ? -3.814  9.607   5.823   1.00 18.18 ? 95  PRO A O   1 
ATOM   728  C CB  . PRO A 1 95  ? -5.929  7.742   7.386   1.00 14.27 ? 95  PRO A CB  1 
ATOM   729  C CG  . PRO A 1 95  ? -6.911  8.740   7.029   1.00 12.86 ? 95  PRO A CG  1 
ATOM   730  C CD  . PRO A 1 95  ? -6.672  9.942   7.869   1.00 13.32 ? 95  PRO A CD  1 
ATOM   731  N N   . PHE A 1 96  ? -2.676  7.840   6.624   1.00 17.46 ? 96  PHE A N   1 
ATOM   732  C CA  . PHE A 1 96  ? -1.623  7.934   5.628   1.00 18.22 ? 96  PHE A CA  1 
ATOM   733  C C   . PHE A 1 96  ? -2.055  7.299   4.314   1.00 17.77 ? 96  PHE A C   1 
ATOM   734  O O   . PHE A 1 96  ? -1.802  6.120   4.079   1.00 20.41 ? 96  PHE A O   1 
ATOM   735  C CB  . PHE A 1 96  ? -0.367  7.256   6.156   1.00 18.89 ? 96  PHE A CB  1 
ATOM   736  C CG  . PHE A 1 96  ? 0.306   8.013   7.260   1.00 21.98 ? 96  PHE A CG  1 
ATOM   737  C CD1 . PHE A 1 96  ? -0.040  9.336   7.530   1.00 21.53 ? 96  PHE A CD1 1 
ATOM   738  C CD2 . PHE A 1 96  ? 1.292   7.415   8.031   1.00 23.85 ? 96  PHE A CD2 1 
ATOM   739  C CE1 . PHE A 1 96  ? 0.569   10.040  8.520   1.00 21.58 ? 96  PHE A CE1 1 
ATOM   740  C CE2 . PHE A 1 96  ? 1.911   8.140   9.052   1.00 25.07 ? 96  PHE A CE2 1 
ATOM   741  C CZ  . PHE A 1 96  ? 1.543   9.452   9.289   1.00 23.55 ? 96  PHE A CZ  1 
ATOM   742  N N   . THR A 1 97  ? -2.700  8.085   3.461   1.00 16.39 ? 97  THR A N   1 
ATOM   743  C CA  . THR A 1 97  ? -3.379  7.611   2.250   1.00 14.14 ? 97  THR A CA  1 
ATOM   744  C C   . THR A 1 97  ? -2.421  7.237   1.127   1.00 12.05 ? 97  THR A C   1 
ATOM   745  O O   . THR A 1 97  ? -1.263  7.626   1.130   1.00 10.86 ? 97  THR A O   1 
ATOM   746  C CB  . THR A 1 97  ? -4.319  8.686   1.737   1.00 13.85 ? 97  THR A CB  1 
ATOM   747  O OG1 . THR A 1 97  ? -3.608  9.932   1.709   1.00 14.08 ? 97  THR A OG1 1 
ATOM   748  C CG2 . THR A 1 97  ? -5.493  8.827   2.693   1.00 13.48 ? 97  THR A CG2 1 
ATOM   749  N N   . PHE A 1 98  ? -2.935  6.468   0.177   1.00 12.06 ? 98  PHE A N   1 
ATOM   750  C CA  . PHE A 1 98  ? -2.159  5.932   -0.938  1.00 13.12 ? 98  PHE A CA  1 
ATOM   751  C C   . PHE A 1 98  ? -2.817  6.398   -2.260  1.00 12.92 ? 98  PHE A C   1 
ATOM   752  O O   . PHE A 1 98  ? -4.047  6.520   -2.339  1.00 11.98 ? 98  PHE A O   1 
ATOM   753  C CB  . PHE A 1 98  ? -2.158  4.388   -0.905  1.00 12.33 ? 98  PHE A CB  1 
ATOM   754  C CG  . PHE A 1 98  ? -1.325  3.783   0.206   1.00 12.87 ? 98  PHE A CG  1 
ATOM   755  C CD1 . PHE A 1 98  ? -1.895  3.469   1.425   1.00 13.96 ? 98  PHE A CD1 1 
ATOM   756  C CD2 . PHE A 1 98  ? -0.024  3.387   -0.023  1.00 13.71 ? 98  PHE A CD2 1 
ATOM   757  C CE1 . PHE A 1 98  ? -1.188  2.792   2.389   1.00 13.15 ? 98  PHE A CE1 1 
ATOM   758  C CE2 . PHE A 1 98  ? 0.685   2.701   0.941   1.00 14.72 ? 98  PHE A CE2 1 
ATOM   759  C CZ  . PHE A 1 98  ? 0.094   2.413   2.155   1.00 14.44 ? 98  PHE A CZ  1 
ATOM   760  N N   . GLY A 1 99  ? -1.982  6.678   -3.274  1.00 13.46 ? 99  GLY A N   1 
ATOM   761  C CA  . GLY A 1 99  ? -2.461  6.833   -4.640  1.00 10.66 ? 99  GLY A CA  1 
ATOM   762  C C   . GLY A 1 99  ? -3.095  5.550   -5.176  1.00 11.32 ? 99  GLY A C   1 
ATOM   763  O O   . GLY A 1 99  ? -3.004  4.483   -4.562  1.00 12.19 ? 99  GLY A O   1 
ATOM   764  N N   . GLY A 1 100 ? -3.728  5.642   -6.341  1.00 10.64 ? 100 GLY A N   1 
ATOM   765  C CA  . GLY A 1 100 ? -4.357  4.489   -6.943  1.00 9.78  ? 100 GLY A CA  1 
ATOM   766  C C   . GLY A 1 100 ? -3.462  3.482   -7.652  1.00 10.16 ? 100 GLY A C   1 
ATOM   767  O O   . GLY A 1 100 ? -3.965  2.434   -8.089  1.00 9.95  ? 100 GLY A O   1 
ATOM   768  N N   . GLY A 1 101 ? -2.162  3.754   -7.714  1.00 9.67  ? 101 GLY A N   1 
ATOM   769  C CA  . GLY A 1 101 ? -1.240  2.843   -8.347  1.00 12.47 ? 101 GLY A CA  1 
ATOM   770  C C   . GLY A 1 101 ? -1.046  3.109   -9.842  1.00 13.70 ? 101 GLY A C   1 
ATOM   771  O O   . GLY A 1 101 ? -1.932  3.624   -10.520 1.00 13.57 ? 101 GLY A O   1 
ATOM   772  N N   . THR A 1 102 ? 0.145   2.808   -10.335 1.00 14.24 ? 102 THR A N   1 
ATOM   773  C CA  . THR A 1 102 ? 0.426   2.883   -11.761 1.00 15.12 ? 102 THR A CA  1 
ATOM   774  C C   . THR A 1 102 ? 1.193   1.630   -12.184 1.00 15.92 ? 102 THR A C   1 
ATOM   775  O O   . THR A 1 102 ? 2.303   1.396   -11.707 1.00 14.72 ? 102 THR A O   1 
ATOM   776  C CB  . THR A 1 102 ? 1.300   4.099   -12.073 1.00 14.20 ? 102 THR A CB  1 
ATOM   777  O OG1 . THR A 1 102 ? 0.524   5.282   -11.872 1.00 13.05 ? 102 THR A OG1 1 
ATOM   778  C CG2 . THR A 1 102 ? 1.830   4.043   -13.530 1.00 12.99 ? 102 THR A CG2 1 
ATOM   779  N N   . LYS A 1 103 ? 0.647   0.920   -13.167 1.00 16.96 ? 103 LYS A N   1 
ATOM   780  C CA  . LYS A 1 103 ? 1.285   -0.255  -13.773 1.00 18.80 ? 103 LYS A CA  1 
ATOM   781  C C   . LYS A 1 103 ? 2.178   0.110   -14.978 1.00 19.01 ? 103 LYS A C   1 
ATOM   782  O O   . LYS A 1 103 ? 1.665   0.491   -16.040 1.00 18.48 ? 103 LYS A O   1 
ATOM   783  C CB  . LYS A 1 103 ? 0.199   -1.243  -14.217 1.00 19.94 ? 103 LYS A CB  1 
ATOM   784  C CG  . LYS A 1 103 ? 0.627   -2.209  -15.302 1.00 23.91 ? 103 LYS A CG  1 
ATOM   785  C CD  . LYS A 1 103 ? 1.843   -3.009  -14.878 1.00 28.21 ? 103 LYS A CD  1 
ATOM   786  C CE  . LYS A 1 103 ? 1.445   -4.401  -14.466 1.00 31.18 ? 103 LYS A CE  1 
ATOM   787  N NZ  . LYS A 1 103 ? 0.570   -4.989  -15.536 1.00 34.23 ? 103 LYS A NZ  1 
ATOM   788  N N   . LEU A 1 104 ? 3.490   -0.039  -14.807 1.00 18.40 ? 104 LEU A N   1 
ATOM   789  C CA  . LEU A 1 104 ? 4.466   0.141   -15.878 1.00 20.30 ? 104 LEU A CA  1 
ATOM   790  C C   . LEU A 1 104 ? 4.550   -1.133  -16.730 1.00 22.21 ? 104 LEU A C   1 
ATOM   791  O O   . LEU A 1 104 ? 5.034   -2.160  -16.251 1.00 22.04 ? 104 LEU A O   1 
ATOM   792  C CB  . LEU A 1 104 ? 5.850   0.417   -15.286 1.00 19.86 ? 104 LEU A CB  1 
ATOM   793  C CG  . LEU A 1 104 ? 6.868   1.254   -16.078 1.00 21.04 ? 104 LEU A CG  1 
ATOM   794  C CD1 . LEU A 1 104 ? 8.209   0.603   -16.085 1.00 19.12 ? 104 LEU A CD1 1 
ATOM   795  C CD2 . LEU A 1 104 ? 6.369   1.473   -17.507 1.00 21.17 ? 104 LEU A CD2 1 
ATOM   796  N N   . GLU A 1 105 ? 4.143   -1.050  -17.990 1.00 23.79 ? 105 GLU A N   1 
ATOM   797  C CA  . GLU A 1 105 ? 4.205   -2.190  -18.905 1.00 27.22 ? 105 GLU A CA  1 
ATOM   798  C C   . GLU A 1 105 ? 5.300   -1.963  -19.925 1.00 27.94 ? 105 GLU A C   1 
ATOM   799  O O   . GLU A 1 105 ? 5.520   -0.842  -20.362 1.00 28.02 ? 105 GLU A O   1 
ATOM   800  C CB  . GLU A 1 105 ? 2.871   -2.377  -19.619 1.00 29.42 ? 105 GLU A CB  1 
ATOM   801  C CG  . GLU A 1 105 ? 1.731   -2.719  -18.680 1.00 35.64 ? 105 GLU A CG  1 
ATOM   802  C CD  . GLU A 1 105 ? 0.462   -3.149  -19.407 1.00 40.07 ? 105 GLU A CD  1 
ATOM   803  O OE1 . GLU A 1 105 ? 0.274   -2.758  -20.596 1.00 41.82 ? 105 GLU A OE1 1 
ATOM   804  O OE2 . GLU A 1 105 ? -0.354  -3.896  -18.787 1.00 42.82 ? 105 GLU A OE2 1 
ATOM   805  N N   . ILE A 1 106 ? 6.081   -2.987  -20.212 1.00 29.15 ? 106 ILE A N   1 
ATOM   806  C CA  . ILE A 1 106 ? 7.210   -2.773  -21.089 1.00 32.23 ? 106 ILE A CA  1 
ATOM   807  C C   . ILE A 1 106 ? 7.074   -3.506  -22.416 1.00 33.90 ? 106 ILE A C   1 
ATOM   808  O O   . ILE A 1 106 ? 6.950   -4.718  -22.439 1.00 35.01 ? 106 ILE A O   1 
ATOM   809  C CB  . ILE A 1 106 ? 8.532   -3.144  -20.411 1.00 31.71 ? 106 ILE A CB  1 
ATOM   810  C CG1 . ILE A 1 106 ? 8.604   -2.523  -19.006 1.00 31.53 ? 106 ILE A CG1 1 
ATOM   811  C CG2 . ILE A 1 106 ? 9.689   -2.694  -21.304 1.00 31.92 ? 106 ILE A CG2 1 
ATOM   812  C CD1 . ILE A 1 106 ? 9.531   -1.329  -18.878 1.00 32.30 ? 106 ILE A CD1 1 
ATOM   813  N N   . LYS A 1 107 ? 6.779   -2.738  -23.453 1.00 36.15 ? 107 LYS A N   1 
ATOM   814  C CA  . LYS A 1 107 ? 6.780   -3.213  -24.827 1.00 38.67 ? 107 LYS A CA  1 
ATOM   815  C C   . LYS A 1 107 ? 8.115   -3.903  -25.134 1.00 39.40 ? 107 LYS A C   1 
ATOM   816  O O   . LYS A 1 107 ? 8.088   -5.115  -25.447 1.00 40.40 ? 107 LYS A O   1 
ATOM   817  C CB  . LYS A 1 107 ? 6.602   -2.030  -25.792 1.00 39.92 ? 107 LYS A CB  1 
ATOM   818  C CG  . LYS A 1 107 ? 5.209   -1.408  -25.864 1.00 42.12 ? 107 LYS A CG  1 
ATOM   819  C CD  . LYS A 1 107 ? 5.225   -0.058  -26.618 1.00 42.86 ? 107 LYS A CD  1 
ATOM   820  C CE  . LYS A 1 107 ? 5.728   -0.202  -28.072 1.00 44.04 ? 107 LYS A CE  1 
ATOM   821  N NZ  . LYS A 1 107 ? 6.327   1.052   -28.671 1.00 44.02 ? 107 LYS A NZ  1 
ATOM   822  O OXT . LYS A 1 107 ? 9.169   -3.224  -25.081 1.00 39.88 ? 107 LYS A OXT 1 
ATOM   823  N N   . ASP B 1 1   ? -15.273 4.482   -7.865  1.00 32.36 ? 1   ASP B N   1 
ATOM   824  C CA  . ASP B 1 1   ? -14.082 4.075   -7.060  1.00 31.75 ? 1   ASP B CA  1 
ATOM   825  C C   . ASP B 1 1   ? -14.616 3.206   -5.925  1.00 31.63 ? 1   ASP B C   1 
ATOM   826  O O   . ASP B 1 1   ? -15.632 3.554   -5.305  1.00 32.65 ? 1   ASP B O   1 
ATOM   827  C CB  . ASP B 1 1   ? -13.371 5.310   -6.500  1.00 31.24 ? 1   ASP B CB  1 
ATOM   828  C CG  . ASP B 1 1   ? -12.669 6.134   -7.582  1.00 31.58 ? 1   ASP B CG  1 
ATOM   829  O OD1 . ASP B 1 1   ? -13.044 6.024   -8.775  1.00 32.41 ? 1   ASP B OD1 1 
ATOM   830  O OD2 . ASP B 1 1   ? -11.717 6.873   -7.240  1.00 31.25 ? 1   ASP B OD2 1 
ATOM   831  N N   . ILE B 1 2   ? -14.091 1.991   -5.810  1.00 30.24 ? 2   ILE B N   1 
ATOM   832  C CA  . ILE B 1 2   ? -14.593 1.072   -4.801  1.00 28.27 ? 2   ILE B CA  1 
ATOM   833  C C   . ILE B 1 2   ? -14.140 1.577   -3.437  1.00 27.83 ? 2   ILE B C   1 
ATOM   834  O O   . ILE B 1 2   ? -13.018 2.049   -3.276  1.00 27.66 ? 2   ILE B O   1 
ATOM   835  C CB  . ILE B 1 2   ? -14.075 -0.347  -5.050  1.00 27.32 ? 2   ILE B CB  1 
ATOM   836  C CG1 . ILE B 1 2   ? -14.592 -0.849  -6.397  1.00 24.85 ? 2   ILE B CG1 1 
ATOM   837  C CG2 . ILE B 1 2   ? -14.454 -1.275  -3.876  1.00 27.45 ? 2   ILE B CG2 1 
ATOM   838  C CD1 . ILE B 1 2   ? -14.090 -2.201  -6.756  1.00 23.02 ? 2   ILE B CD1 1 
ATOM   839  N N   . GLU B 1 3   ? -15.062 1.620   -2.495  1.00 27.49 ? 3   GLU B N   1 
ATOM   840  C CA  . GLU B 1 3   ? -14.726 2.133   -1.182  1.00 28.15 ? 3   GLU B CA  1 
ATOM   841  C C   . GLU B 1 3   ? -14.674 1.031   -0.129  1.00 25.53 ? 3   GLU B C   1 
ATOM   842  O O   . GLU B 1 3   ? -15.463 0.092   -0.155  1.00 24.62 ? 3   GLU B O   1 
ATOM   843  C CB  . GLU B 1 3   ? -15.713 3.226   -0.790  1.00 31.73 ? 3   GLU B CB  1 
ATOM   844  C CG  . GLU B 1 3   ? -15.728 4.344   -1.818  1.00 39.36 ? 3   GLU B CG  1 
ATOM   845  C CD  . GLU B 1 3   ? -16.922 5.270   -1.678  1.00 42.93 ? 3   GLU B CD  1 
ATOM   846  O OE1 . GLU B 1 3   ? -18.022 4.910   -2.185  1.00 45.15 ? 3   GLU B OE1 1 
ATOM   847  O OE2 . GLU B 1 3   ? -16.746 6.363   -1.076  1.00 45.22 ? 3   GLU B OE2 1 
ATOM   848  N N   . LEU B 1 4   ? -13.671 1.132   0.738   1.00 24.21 ? 4   LEU B N   1 
ATOM   849  C CA  . LEU B 1 4   ? -13.362 0.140   1.763   1.00 21.61 ? 4   LEU B CA  1 
ATOM   850  C C   . LEU B 1 4   ? -13.539 0.736   3.161   1.00 19.45 ? 4   LEU B C   1 
ATOM   851  O O   . LEU B 1 4   ? -12.881 1.703   3.495   1.00 17.72 ? 4   LEU B O   1 
ATOM   852  C CB  . LEU B 1 4   ? -11.917 -0.323  1.584   1.00 21.14 ? 4   LEU B CB  1 
ATOM   853  C CG  . LEU B 1 4   ? -11.587 -1.556  0.726   1.00 21.71 ? 4   LEU B CG  1 
ATOM   854  C CD1 . LEU B 1 4   ? -12.714 -1.963  -0.191  1.00 21.02 ? 4   LEU B CD1 1 
ATOM   855  C CD2 . LEU B 1 4   ? -10.318 -1.286  -0.035  1.00 20.18 ? 4   LEU B CD2 1 
ATOM   856  N N   . THR B 1 5   ? -14.448 0.168   3.953   1.00 18.83 ? 5   THR B N   1 
ATOM   857  C CA  . THR B 1 5   ? -14.688 0.630   5.325   1.00 18.83 ? 5   THR B CA  1 
ATOM   858  C C   . THR B 1 5   ? -14.158 -0.412  6.311   1.00 16.91 ? 5   THR B C   1 
ATOM   859  O O   . THR B 1 5   ? -14.533 -1.579  6.255   1.00 13.78 ? 5   THR B O   1 
ATOM   860  C CB  . THR B 1 5   ? -16.216 0.845   5.626   1.00 20.71 ? 5   THR B CB  1 
ATOM   861  O OG1 . THR B 1 5   ? -16.848 1.524   4.537   1.00 22.99 ? 5   THR B OG1 1 
ATOM   862  C CG2 . THR B 1 5   ? -16.405 1.689   6.860   1.00 20.19 ? 5   THR B CG2 1 
ATOM   863  N N   . GLN B 1 6   ? -13.184 0.002   7.110   1.00 17.02 ? 6   GLN B N   1 
ATOM   864  C CA  . GLN B 1 6   ? -12.620 -0.837  8.162   1.00 18.28 ? 6   GLN B CA  1 
ATOM   865  C C   . GLN B 1 6   ? -13.290 -0.565  9.505   1.00 17.91 ? 6   GLN B C   1 
ATOM   866  O O   . GLN B 1 6   ? -13.656 0.573   9.815   1.00 17.57 ? 6   GLN B O   1 
ATOM   867  C CB  . GLN B 1 6   ? -11.108 -0.599  8.322   1.00 17.24 ? 6   GLN B CB  1 
ATOM   868  C CG  . GLN B 1 6   ? -10.322 -1.139  7.172   1.00 19.61 ? 6   GLN B CG  1 
ATOM   869  C CD  . GLN B 1 6   ? -8.864  -1.064  7.395   1.00 17.53 ? 6   GLN B CD  1 
ATOM   870  O OE1 . GLN B 1 6   ? -8.127  -0.704  6.500   1.00 18.65 ? 6   GLN B OE1 1 
ATOM   871  N NE2 . GLN B 1 6   ? -8.424  -1.409  8.590   1.00 18.11 ? 6   GLN B NE2 1 
ATOM   872  N N   . SER B 1 7   ? -13.253 -1.586  10.354  1.00 17.80 ? 7   SER B N   1 
ATOM   873  C CA  . SER B 1 7   ? -13.783 -1.509  11.695  1.00 17.23 ? 7   SER B CA  1 
ATOM   874  C C   . SER B 1 7   ? -12.997 -2.493  12.531  1.00 16.01 ? 7   SER B C   1 
ATOM   875  O O   . SER B 1 7   ? -12.631 -3.569  12.048  1.00 14.67 ? 7   SER B O   1 
ATOM   876  C CB  . SER B 1 7   ? -15.262 -1.886  11.681  1.00 18.65 ? 7   SER B CB  1 
ATOM   877  O OG  . SER B 1 7   ? -15.838 -1.603  12.937  1.00 20.01 ? 7   SER B OG  1 
ATOM   878  N N   . PRO B 1 8   ? -12.647 -2.103  13.773  1.00 16.39 ? 8   PRO B N   1 
ATOM   879  C CA  . PRO B 1 8   ? -12.952 -0.782  14.335  1.00 15.53 ? 8   PRO B CA  1 
ATOM   880  C C   . PRO B 1 8   ? -11.883 0.190   13.895  1.00 15.07 ? 8   PRO B C   1 
ATOM   881  O O   . PRO B 1 8   ? -11.001 -0.181  13.139  1.00 15.03 ? 8   PRO B O   1 
ATOM   882  C CB  . PRO B 1 8   ? -12.890 -1.035  15.834  1.00 15.41 ? 8   PRO B CB  1 
ATOM   883  C CG  . PRO B 1 8   ? -11.760 -2.025  15.956  1.00 14.60 ? 8   PRO B CG  1 
ATOM   884  C CD  . PRO B 1 8   ? -11.988 -2.962  14.786  1.00 16.18 ? 8   PRO B CD  1 
ATOM   885  N N   . ALA B 1 9   ? -11.877 1.384   14.472  1.00 15.00 ? 9   ALA B N   1 
ATOM   886  C CA  . ALA B 1 9   ? -10.832 2.362   14.178  1.00 14.58 ? 9   ALA B CA  1 
ATOM   887  C C   . ALA B 1 9   ? -9.596  2.002   14.979  1.00 15.17 ? 9   ALA B C   1 
ATOM   888  O O   . ALA B 1 9   ? -8.480  1.958   14.447  1.00 13.86 ? 9   ALA B O   1 
ATOM   889  C CB  . ALA B 1 9   ? -11.309 3.781   14.532  1.00 13.99 ? 9   ALA B CB  1 
ATOM   890  N N   . THR B 1 10  ? -9.794  1.815   16.281  1.00 15.43 ? 10  THR B N   1 
ATOM   891  C CA  . THR B 1 10  ? -8.734  1.365   17.158  1.00 16.32 ? 10  THR B CA  1 
ATOM   892  C C   . THR B 1 10  ? -9.269  0.231   18.004  1.00 14.92 ? 10  THR B C   1 
ATOM   893  O O   . THR B 1 10  ? -10.479 0.139   18.219  1.00 13.63 ? 10  THR B O   1 
ATOM   894  C CB  . THR B 1 10  ? -8.241  2.482   18.128  1.00 19.16 ? 10  THR B CB  1 
ATOM   895  O OG1 . THR B 1 10  ? -9.272  2.791   19.080  1.00 20.65 ? 10  THR B OG1 1 
ATOM   896  C CG2 . THR B 1 10  ? -7.861  3.721   17.379  1.00 20.00 ? 10  THR B CG2 1 
ATOM   897  N N   . LEU B 1 11  ? -8.359  -0.582  18.530  1.00 15.28 ? 11  LEU B N   1 
ATOM   898  C CA  . LEU B 1 11  ? -8.704  -1.573  19.540  1.00 16.60 ? 11  LEU B CA  1 
ATOM   899  C C   . LEU B 1 11  ? -7.512  -1.927  20.429  1.00 17.16 ? 11  LEU B C   1 
ATOM   900  O O   . LEU B 1 11  ? -6.362  -1.630  20.085  1.00 15.91 ? 11  LEU B O   1 
ATOM   901  C CB  . LEU B 1 11  ? -9.358  -2.822  18.896  1.00 17.94 ? 11  LEU B CB  1 
ATOM   902  C CG  . LEU B 1 11  ? -8.668  -3.984  18.150  1.00 19.24 ? 11  LEU B CG  1 
ATOM   903  C CD1 . LEU B 1 11  ? -9.753  -4.973  17.735  1.00 20.65 ? 11  LEU B CD1 1 
ATOM   904  C CD2 . LEU B 1 11  ? -7.962  -3.506  16.904  1.00 19.92 ? 11  LEU B CD2 1 
ATOM   905  N N   . SER B 1 12  ? -7.822  -2.303  21.669  1.00 17.19 ? 12  SER B N   1 
ATOM   906  C CA  . SER B 1 12  ? -6.807  -2.655  22.652  1.00 18.73 ? 12  SER B CA  1 
ATOM   907  C C   . SER B 1 12  ? -7.114  -3.988  23.238  1.00 18.38 ? 12  SER B C   1 
ATOM   908  O O   . SER B 1 12  ? -8.279  -4.314  23.462  1.00 17.63 ? 12  SER B O   1 
ATOM   909  C CB  . SER B 1 12  ? -6.771  -1.645  23.779  1.00 19.34 ? 12  SER B CB  1 
ATOM   910  O OG  . SER B 1 12  ? -6.684  -0.351  23.221  1.00 26.30 ? 12  SER B OG  1 
ATOM   911  N N   . VAL B 1 13  ? -6.064  -4.779  23.418  1.00 19.19 ? 13  VAL B N   1 
ATOM   912  C CA  . VAL B 1 13  ? -6.130  -6.100  24.050  1.00 20.04 ? 13  VAL B CA  1 
ATOM   913  C C   . VAL B 1 13  ? -4.810  -6.275  24.779  1.00 19.48 ? 13  VAL B C   1 
ATOM   914  O O   . VAL B 1 13  ? -3.869  -5.499  24.597  1.00 19.84 ? 13  VAL B O   1 
ATOM   915  C CB  . VAL B 1 13  ? -6.213  -7.277  23.015  1.00 21.90 ? 13  VAL B CB  1 
ATOM   916  C CG1 . VAL B 1 13  ? -7.651  -7.521  22.539  1.00 23.48 ? 13  VAL B CG1 1 
ATOM   917  C CG2 . VAL B 1 13  ? -5.236  -7.037  21.840  1.00 22.53 ? 13  VAL B CG2 1 
ATOM   918  N N   . THR B 1 14  ? -4.719  -7.315  25.583  1.00 19.39 ? 14  THR B N   1 
ATOM   919  C CA  . THR B 1 14  ? -3.450  -7.683  26.167  1.00 17.81 ? 14  THR B CA  1 
ATOM   920  C C   . THR B 1 14  ? -2.887  -8.827  25.341  1.00 17.45 ? 14  THR B C   1 
ATOM   921  O O   . THR B 1 14  ? -3.584  -9.444  24.541  1.00 14.96 ? 14  THR B O   1 
ATOM   922  C CB  . THR B 1 14  ? -3.639  -8.127  27.608  1.00 18.34 ? 14  THR B CB  1 
ATOM   923  O OG1 . THR B 1 14  ? -4.701  -9.082  27.668  1.00 19.00 ? 14  THR B OG1 1 
ATOM   924  C CG2 . THR B 1 14  ? -3.991  -6.928  28.483  1.00 18.71 ? 14  THR B CG2 1 
ATOM   925  N N   . PRO B 1 15  ? -1.612  -9.138  25.534  1.00 18.19 ? 15  PRO B N   1 
ATOM   926  C CA  . PRO B 1 15  ? -1.015  -10.110 24.622  1.00 20.08 ? 15  PRO B CA  1 
ATOM   927  C C   . PRO B 1 15  ? -1.645  -11.459 24.897  1.00 20.19 ? 15  PRO B C   1 
ATOM   928  O O   . PRO B 1 15  ? -2.048  -11.716 26.012  1.00 22.18 ? 15  PRO B O   1 
ATOM   929  C CB  . PRO B 1 15  ? 0.459   -10.080 24.997  1.00 19.60 ? 15  PRO B CB  1 
ATOM   930  C CG  . PRO B 1 15  ? 0.640   -8.814  25.799  1.00 19.75 ? 15  PRO B CG  1 
ATOM   931  C CD  . PRO B 1 15  ? -0.639  -8.598  26.492  1.00 18.73 ? 15  PRO B CD  1 
ATOM   932  N N   . GLY B 1 16  ? -1.796  -12.294 23.889  1.00 20.16 ? 16  GLY B N   1 
ATOM   933  C CA  . GLY B 1 16  ? -2.387  -13.585 24.141  1.00 20.50 ? 16  GLY B CA  1 
ATOM   934  C C   . GLY B 1 16  ? -3.814  -13.664 23.685  1.00 22.20 ? 16  GLY B C   1 
ATOM   935  O O   . GLY B 1 16  ? -4.287  -14.757 23.406  1.00 22.75 ? 16  GLY B O   1 
ATOM   936  N N   . ASN B 1 17  ? -4.484  -12.519 23.547  1.00 23.21 ? 17  ASN B N   1 
ATOM   937  C CA  . ASN B 1 17  ? -5.868  -12.466 23.055  1.00 24.83 ? 17  ASN B CA  1 
ATOM   938  C C   . ASN B 1 17  ? -6.007  -12.641 21.544  1.00 24.65 ? 17  ASN B C   1 
ATOM   939  O O   . ASN B 1 17  ? -5.051  -12.515 20.825  1.00 25.40 ? 17  ASN B O   1 
ATOM   940  C CB  . ASN B 1 17  ? -6.496  -11.128 23.430  1.00 27.32 ? 17  ASN B CB  1 
ATOM   941  C CG  . ASN B 1 17  ? -7.120  -11.152 24.776  1.00 29.75 ? 17  ASN B CG  1 
ATOM   942  O OD1 . ASN B 1 17  ? -6.418  -11.093 25.789  1.00 32.03 ? 17  ASN B OD1 1 
ATOM   943  N ND2 . ASN B 1 17  ? -8.431  -11.383 24.817  1.00 30.63 ? 17  ASN B ND2 1 
ATOM   944  N N   . SER B 1 18  ? -7.232  -12.776 21.066  1.00 24.72 ? 18  SER B N   1 
ATOM   945  C CA  . SER B 1 18  ? -7.516  -12.830 19.640  1.00 25.73 ? 18  SER B CA  1 
ATOM   946  C C   . SER B 1 18  ? -8.164  -11.531 19.227  1.00 25.50 ? 18  SER B C   1 
ATOM   947  O O   . SER B 1 18  ? -8.611  -10.795 20.093  1.00 26.08 ? 18  SER B O   1 
ATOM   948  C CB  . SER B 1 18  ? -8.462  -13.985 19.326  1.00 26.24 ? 18  SER B CB  1 
ATOM   949  O OG  . SER B 1 18  ? -7.690  -15.175 19.251  1.00 30.28 ? 18  SER B OG  1 
ATOM   950  N N   . VAL B 1 19  ? -8.009  -11.139 17.962  1.00 24.50 ? 19  VAL B N   1 
ATOM   951  C CA  . VAL B 1 19  ? -8.680  -9.938  17.447  1.00 23.69 ? 19  VAL B CA  1 
ATOM   952  C C   . VAL B 1 19  ? -9.063  -10.185 16.014  1.00 23.68 ? 19  VAL B C   1 
ATOM   953  O O   . VAL B 1 19  ? -8.473  -11.035 15.356  1.00 23.39 ? 19  VAL B O   1 
ATOM   954  C CB  . VAL B 1 19  ? -7.796  -8.660  17.486  1.00 23.19 ? 19  VAL B CB  1 
ATOM   955  C CG1 . VAL B 1 19  ? -7.235  -8.439  18.871  1.00 22.81 ? 19  VAL B CG1 1 
ATOM   956  C CG2 . VAL B 1 19  ? -6.691  -8.741  16.447  1.00 21.04 ? 19  VAL B CG2 1 
ATOM   957  N N   . SER B 1 20  ? -10.157 -9.563  15.606  1.00 23.65 ? 20  SER B N   1 
ATOM   958  C CA  . SER B 1 20  ? -10.615 -9.609  14.237  1.00 24.16 ? 20  SER B CA  1 
ATOM   959  C C   . SER B 1 20  ? -10.821 -8.184  13.790  1.00 23.26 ? 20  SER B C   1 
ATOM   960  O O   . SER B 1 20  ? -11.212 -7.322  14.598  1.00 24.87 ? 20  SER B O   1 
ATOM   961  C CB  . SER B 1 20  ? -11.926 -10.363 14.133  1.00 24.93 ? 20  SER B CB  1 
ATOM   962  O OG  . SER B 1 20  ? -11.708 -11.736 14.397  1.00 29.70 ? 20  SER B OG  1 
ATOM   963  N N   . ILE B 1 21  ? -10.361 -7.909  12.577  1.00 21.22 ? 21  ILE B N   1 
ATOM   964  C CA  . ILE B 1 21  ? -10.477 -6.603  11.955  1.00 18.58 ? 21  ILE B CA  1 
ATOM   965  C C   . ILE B 1 21  ? -11.261 -6.801  10.671  1.00 17.64 ? 21  ILE B C   1 
ATOM   966  O O   . ILE B 1 21  ? -11.163 -7.832  10.021  1.00 17.15 ? 21  ILE B O   1 
ATOM   967  C CB  . ILE B 1 21  ? -9.068  -5.984  11.677  1.00 17.81 ? 21  ILE B CB  1 
ATOM   968  C CG1 . ILE B 1 21  ? -8.371  -5.700  13.012  1.00 16.92 ? 21  ILE B CG1 1 
ATOM   969  C CG2 . ILE B 1 21  ? -9.181  -4.729  10.817  1.00 14.98 ? 21  ILE B CG2 1 
ATOM   970  C CD1 . ILE B 1 21  ? -6.910  -5.319  12.899  1.00 16.03 ? 21  ILE B CD1 1 
ATOM   971  N N   . SER B 1 22  ? -12.256 -5.956  10.490  1.00 17.48 ? 22  SER B N   1 
ATOM   972  C CA  . SER B 1 22  ? -13.189 -6.155  9.410   1.00 17.51 ? 22  SER B CA  1 
ATOM   973  C C   . SER B 1 22  ? -12.897 -5.127  8.316   1.00 17.37 ? 22  SER B C   1 
ATOM   974  O O   . SER B 1 22  ? -12.438 -4.023  8.589   1.00 15.75 ? 22  SER B O   1 
ATOM   975  C CB  . SER B 1 22  ? -14.593 -5.985  9.963   1.00 17.18 ? 22  SER B CB  1 
ATOM   976  O OG  . SER B 1 22  ? -15.542 -5.928  8.923   1.00 22.59 ? 22  SER B OG  1 
ATOM   977  N N   . CYS B 1 23  ? -13.209 -5.482  7.083   1.00 18.09 ? 23  CYS B N   1 
ATOM   978  C CA  . CYS B 1 23  ? -13.106 -4.544  5.982   1.00 19.49 ? 23  CYS B CA  1 
ATOM   979  C C   . CYS B 1 23  ? -14.197 -4.848  4.946   1.00 19.98 ? 23  CYS B C   1 
ATOM   980  O O   . CYS B 1 23  ? -14.445 -6.007  4.614   1.00 20.13 ? 23  CYS B O   1 
ATOM   981  C CB  . CYS B 1 23  ? -11.678 -4.646  5.409   1.00 21.24 ? 23  CYS B CB  1 
ATOM   982  S SG  . CYS B 1 23  ? -11.381 -3.799  3.836   1.00 23.29 ? 23  CYS B SG  1 
ATOM   983  N N   . ARG B 1 24  ? -15.038 -3.863  4.662   1.00 22.24 ? 24  ARG B N   1 
ATOM   984  C CA  . ARG B 1 24  ? -16.124 -4.102  3.716   1.00 24.86 ? 24  ARG B CA  1 
ATOM   985  C C   . ARG B 1 24  ? -16.053 -3.184  2.501   1.00 24.18 ? 24  ARG B C   1 
ATOM   986  O O   . ARG B 1 24  ? -15.906 -1.957  2.629   1.00 23.44 ? 24  ARG B O   1 
ATOM   987  C CB  . ARG B 1 24  ? -17.509 -3.964  4.391   1.00 29.35 ? 24  ARG B CB  1 
ATOM   988  C CG  . ARG B 1 24  ? -17.984 -2.521  4.568   1.00 34.90 ? 24  ARG B CG  1 
ATOM   989  C CD  . ARG B 1 24  ? -19.507 -2.352  4.426   0.00 40.97 ? 24  ARG B CD  1 
ATOM   990  N NE  . ARG B 1 24  ? -19.852 -1.026  3.881   0.00 45.02 ? 24  ARG B NE  1 
ATOM   991  C CZ  . ARG B 1 24  ? -20.363 -0.825  2.660   0.00 46.58 ? 24  ARG B CZ  1 
ATOM   992  N NH1 . ARG B 1 24  ? -20.833 -1.857  1.934   0.00 47.90 ? 24  ARG B NH1 1 
ATOM   993  N NH2 . ARG B 1 24  ? -20.465 0.414   2.185   0.00 47.26 ? 24  ARG B NH2 1 
ATOM   994  N N   . ALA B 1 25  ? -16.317 -3.775  1.343   1.00 23.12 ? 25  ALA B N   1 
ATOM   995  C CA  . ALA B 1 25  ? -16.206 -3.084  0.079   1.00 23.54 ? 25  ALA B CA  1 
ATOM   996  C C   . ALA B 1 25  ? -17.587 -2.615  -0.358  1.00 24.30 ? 25  ALA B C   1 
ATOM   997  O O   . ALA B 1 25  ? -18.593 -3.305  -0.113  1.00 23.71 ? 25  ALA B O   1 
ATOM   998  C CB  . ALA B 1 25  ? -15.602 -4.024  -0.969  1.00 23.44 ? 25  ALA B CB  1 
ATOM   999  N N   . SER B 1 26  ? -17.639 -1.471  -1.043  1.00 24.76 ? 26  SER B N   1 
ATOM   1000 C CA  . SER B 1 26  ? -18.913 -0.933  -1.516  1.00 24.84 ? 26  SER B CA  1 
ATOM   1001 C C   . SER B 1 26  ? -19.464 -1.703  -2.701  1.00 26.03 ? 26  SER B C   1 
ATOM   1002 O O   . SER B 1 26  ? -20.586 -1.434  -3.135  1.00 26.15 ? 26  SER B O   1 
ATOM   1003 C CB  . SER B 1 26  ? -18.800 0.550   -1.872  1.00 23.60 ? 26  SER B CB  1 
ATOM   1004 O OG  . SER B 1 26  ? -17.744 0.763   -2.786  1.00 24.64 ? 26  SER B OG  1 
ATOM   1005 N N   . GLN B 1 27  ? -18.705 -2.670  -3.217  1.00 27.43 ? 27  GLN B N   1 
ATOM   1006 C CA  . GLN B 1 27  ? -19.266 -3.621  -4.173  1.00 29.08 ? 27  GLN B CA  1 
ATOM   1007 C C   . GLN B 1 27  ? -18.496 -4.915  -4.135  1.00 28.96 ? 27  GLN B C   1 
ATOM   1008 O O   . GLN B 1 27  ? -17.450 -4.974  -3.503  1.00 29.89 ? 27  GLN B O   1 
ATOM   1009 C CB  . GLN B 1 27  ? -19.257 -3.046  -5.592  1.00 31.75 ? 27  GLN B CB  1 
ATOM   1010 C CG  . GLN B 1 27  ? -17.898 -2.708  -6.173  1.00 34.63 ? 27  GLN B CG  1 
ATOM   1011 C CD  . GLN B 1 27  ? -18.006 -1.693  -7.326  1.00 37.00 ? 27  GLN B CD  1 
ATOM   1012 O OE1 . GLN B 1 27  ? -17.552 -1.939  -8.445  1.00 38.19 ? 27  GLN B OE1 1 
ATOM   1013 N NE2 . GLN B 1 27  ? -18.634 -0.554  -7.052  1.00 38.04 ? 27  GLN B NE2 1 
ATOM   1014 N N   . SER B 1 28  ? -19.048 -5.977  -4.714  1.00 28.51 ? 28  SER B N   1 
ATOM   1015 C CA  . SER B 1 28  ? -18.339 -7.248  -4.718  1.00 28.47 ? 28  SER B CA  1 
ATOM   1016 C C   . SER B 1 28  ? -17.004 -7.126  -5.452  1.00 28.37 ? 28  SER B C   1 
ATOM   1017 O O   . SER B 1 28  ? -16.932 -6.600  -6.562  1.00 28.38 ? 28  SER B O   1 
ATOM   1018 C CB  . SER B 1 28  ? -19.167 -8.342  -5.366  1.00 28.61 ? 28  SER B CB  1 
ATOM   1019 O OG  . SER B 1 28  ? -18.410 -9.551  -5.471  1.00 31.93 ? 28  SER B OG  1 
ATOM   1020 N N   . ILE B 1 29  ? -15.942 -7.513  -4.762  1.00 27.57 ? 29  ILE B N   1 
ATOM   1021 C CA  . ILE B 1 29  ? -14.619 -7.524  -5.327  1.00 26.16 ? 29  ILE B CA  1 
ATOM   1022 C C   . ILE B 1 29  ? -14.142 -8.956  -5.306  1.00 26.49 ? 29  ILE B C   1 
ATOM   1023 O O   . ILE B 1 29  ? -12.943 -9.199  -5.358  1.00 27.98 ? 29  ILE B O   1 
ATOM   1024 C CB  . ILE B 1 29  ? -13.648 -6.684  -4.486  1.00 25.89 ? 29  ILE B CB  1 
ATOM   1025 C CG1 . ILE B 1 29  ? -13.810 -7.022  -3.005  1.00 25.73 ? 29  ILE B CG1 1 
ATOM   1026 C CG2 . ILE B 1 29  ? -13.897 -5.213  -4.685  1.00 25.04 ? 29  ILE B CG2 1 
ATOM   1027 C CD1 . ILE B 1 29  ? -12.772 -6.352  -2.118  1.00 25.58 ? 29  ILE B CD1 1 
ATOM   1028 N N   . GLY B 1 30  ? -15.058 -9.899  -5.096  1.00 26.57 ? 30  GLY B N   1 
ATOM   1029 C CA  . GLY B 1 30  ? -14.688 -11.308 -5.080  1.00 25.56 ? 30  GLY B CA  1 
ATOM   1030 C C   . GLY B 1 30  ? -13.723 -11.676 -3.958  1.00 25.58 ? 30  GLY B C   1 
ATOM   1031 O O   . GLY B 1 30  ? -14.064 -11.556 -2.784  1.00 26.62 ? 30  GLY B O   1 
ATOM   1032 N N   . ASN B 1 31  ? -12.556 -12.208 -4.304  1.00 24.35 ? 31  ASN B N   1 
ATOM   1033 C CA  . ASN B 1 31  ? -11.538 -12.508 -3.308  1.00 23.42 ? 31  ASN B CA  1 
ATOM   1034 C C   . ASN B 1 31  ? -10.348 -11.567 -3.399  1.00 22.24 ? 31  ASN B C   1 
ATOM   1035 O O   . ASN B 1 31  ? -9.363  -11.742 -2.693  1.00 21.14 ? 31  ASN B O   1 
ATOM   1036 C CB  . ASN B 1 31  ? -11.073 -13.952 -3.458  1.00 24.49 ? 31  ASN B CB  1 
ATOM   1037 C CG  . ASN B 1 31  ? -10.166 -14.167 -4.660  1.00 25.72 ? 31  ASN B CG  1 
ATOM   1038 O OD1 . ASN B 1 31  ? -10.251 -13.466 -5.679  1.00 25.57 ? 31  ASN B OD1 1 
ATOM   1039 N ND2 . ASN B 1 31  ? -9.288  -15.158 -4.545  1.00 26.53 ? 31  ASN B ND2 1 
ATOM   1040 N N   . ARG B 1 32  ? -10.495 -10.492 -4.170  1.00 22.54 ? 32  ARG B N   1 
ATOM   1041 C CA  . ARG B 1 32  ? -9.367  -9.618  -4.512  1.00 22.12 ? 32  ARG B CA  1 
ATOM   1042 C C   . ARG B 1 32  ? -9.102  -8.527  -3.445  1.00 21.00 ? 32  ARG B C   1 
ATOM   1043 O O   . ARG B 1 32  ? -9.090  -7.320  -3.741  1.00 19.84 ? 32  ARG B O   1 
ATOM   1044 C CB  . ARG B 1 32  ? -9.598  -9.025  -5.914  1.00 23.75 ? 32  ARG B CB  1 
ATOM   1045 C CG  . ARG B 1 32  ? -9.772  -10.116 -6.976  1.00 27.48 ? 32  ARG B CG  1 
ATOM   1046 C CD  . ARG B 1 32  ? -9.322  -9.691  -8.377  1.00 32.26 ? 32  ARG B CD  1 
ATOM   1047 N NE  . ARG B 1 32  ? -8.010  -8.998  -8.394  1.00 38.00 ? 32  ARG B NE  1 
ATOM   1048 C CZ  . ARG B 1 32  ? -6.990  -9.271  -9.229  1.00 38.95 ? 32  ARG B CZ  1 
ATOM   1049 N NH1 . ARG B 1 32  ? -7.035  -10.328 -10.047 1.00 39.79 ? 32  ARG B NH1 1 
ATOM   1050 N NH2 . ARG B 1 32  ? -5.879  -8.530  -9.188  1.00 38.71 ? 32  ARG B NH2 1 
ATOM   1051 N N   . LEU B 1 33  ? -8.782  -8.982  -2.231  1.00 19.69 ? 33  LEU B N   1 
ATOM   1052 C CA  . LEU B 1 33  ? -8.526  -8.115  -1.089  1.00 18.14 ? 33  LEU B CA  1 
ATOM   1053 C C   . LEU B 1 33  ? -7.187  -8.561  -0.538  1.00 17.39 ? 33  LEU B C   1 
ATOM   1054 O O   . LEU B 1 33  ? -6.954  -9.766  -0.377  1.00 17.24 ? 33  LEU B O   1 
ATOM   1055 C CB  . LEU B 1 33  ? -9.627  -8.313  -0.025  1.00 18.89 ? 33  LEU B CB  1 
ATOM   1056 C CG  . LEU B 1 33  ? -9.888  -7.422  1.218   1.00 20.05 ? 33  LEU B CG  1 
ATOM   1057 C CD1 . LEU B 1 33  ? -8.909  -7.673  2.318   1.00 20.32 ? 33  LEU B CD1 1 
ATOM   1058 C CD2 . LEU B 1 33  ? -9.884  -5.963  0.848   1.00 21.00 ? 33  LEU B CD2 1 
ATOM   1059 N N   . PHE B 1 34  ? -6.297  -7.604  -0.286  1.00 15.33 ? 34  PHE B N   1 
ATOM   1060 C CA  . PHE B 1 34  ? -5.024  -7.894  0.335   1.00 15.04 ? 34  PHE B CA  1 
ATOM   1061 C C   . PHE B 1 34  ? -5.046  -7.212  1.706   1.00 14.79 ? 34  PHE B C   1 
ATOM   1062 O O   . PHE B 1 34  ? -5.646  -6.140  1.861   1.00 14.43 ? 34  PHE B O   1 
ATOM   1063 C CB  . PHE B 1 34  ? -3.883  -7.297  -0.496  1.00 17.94 ? 34  PHE B CB  1 
ATOM   1064 C CG  . PHE B 1 34  ? -3.623  -7.989  -1.834  1.00 19.48 ? 34  PHE B CG  1 
ATOM   1065 C CD1 . PHE B 1 34  ? -4.609  -8.711  -2.489  1.00 21.08 ? 34  PHE B CD1 1 
ATOM   1066 C CD2 . PHE B 1 34  ? -2.350  -7.980  -2.381  1.00 21.11 ? 34  PHE B CD2 1 
ATOM   1067 C CE1 . PHE B 1 34  ? -4.335  -9.433  -3.656  1.00 20.86 ? 34  PHE B CE1 1 
ATOM   1068 C CE2 . PHE B 1 34  ? -2.075  -8.698  -3.544  1.00 23.12 ? 34  PHE B CE2 1 
ATOM   1069 C CZ  . PHE B 1 34  ? -3.086  -9.432  -4.171  1.00 21.54 ? 34  PHE B CZ  1 
ATOM   1070 N N   . TRP B 1 35  ? -4.355  -7.794  2.680   1.00 13.69 ? 35  TRP B N   1 
ATOM   1071 C CA  . TRP B 1 35  ? -4.163  -7.165  3.989   1.00 13.04 ? 35  TRP B CA  1 
ATOM   1072 C C   . TRP B 1 35  ? -2.713  -6.864  4.198   1.00 11.49 ? 35  TRP B C   1 
ATOM   1073 O O   . TRP B 1 35  ? -1.876  -7.724  3.964   1.00 11.51 ? 35  TRP B O   1 
ATOM   1074 C CB  . TRP B 1 35  ? -4.624  -8.088  5.134   1.00 13.06 ? 35  TRP B CB  1 
ATOM   1075 C CG  . TRP B 1 35  ? -6.093  -8.238  5.241   1.00 13.31 ? 35  TRP B CG  1 
ATOM   1076 C CD1 . TRP B 1 35  ? -6.854  -9.239  4.707   1.00 14.18 ? 35  TRP B CD1 1 
ATOM   1077 C CD2 . TRP B 1 35  ? -6.989  -7.400  5.983   1.00 12.89 ? 35  TRP B CD2 1 
ATOM   1078 N NE1 . TRP B 1 35  ? -8.172  -9.075  5.065   1.00 14.43 ? 35  TRP B NE1 1 
ATOM   1079 C CE2 . TRP B 1 35  ? -8.287  -7.956  5.847   1.00 13.64 ? 35  TRP B CE2 1 
ATOM   1080 C CE3 . TRP B 1 35  ? -6.820  -6.247  6.754   1.00 12.03 ? 35  TRP B CE3 1 
ATOM   1081 C CZ2 . TRP B 1 35  ? -9.413  -7.395  6.447   1.00 12.15 ? 35  TRP B CZ2 1 
ATOM   1082 C CZ3 . TRP B 1 35  ? -7.941  -5.698  7.363   1.00 12.61 ? 35  TRP B CZ3 1 
ATOM   1083 C CH2 . TRP B 1 35  ? -9.223  -6.280  7.201   1.00 11.37 ? 35  TRP B CH2 1 
ATOM   1084 N N   . TYR B 1 36  ? -2.449  -5.713  4.806   1.00 12.33 ? 36  TYR B N   1 
ATOM   1085 C CA  . TYR B 1 36  ? -1.094  -5.210  5.092   1.00 13.70 ? 36  TYR B CA  1 
ATOM   1086 C C   . TYR B 1 36  ? -1.004  -4.808  6.584   1.00 14.43 ? 36  TYR B C   1 
ATOM   1087 O O   . TYR B 1 36  ? -1.971  -4.268  7.166   1.00 14.16 ? 36  TYR B O   1 
ATOM   1088 C CB  . TYR B 1 36  ? -0.771  -3.942  4.278   1.00 12.42 ? 36  TYR B CB  1 
ATOM   1089 C CG  . TYR B 1 36  ? -0.680  -4.143  2.787   1.00 14.35 ? 36  TYR B CG  1 
ATOM   1090 C CD1 . TYR B 1 36  ? -1.825  -4.096  1.981   1.00 12.03 ? 36  TYR B CD1 1 
ATOM   1091 C CD2 . TYR B 1 36  ? 0.565   -4.380  2.171   1.00 13.82 ? 36  TYR B CD2 1 
ATOM   1092 C CE1 . TYR B 1 36  ? -1.738  -4.286  0.604   1.00 13.56 ? 36  TYR B CE1 1 
ATOM   1093 C CE2 . TYR B 1 36  ? 0.648   -4.586  0.781   1.00 14.31 ? 36  TYR B CE2 1 
ATOM   1094 C CZ  . TYR B 1 36  ? -0.496  -4.541  0.019   1.00 13.25 ? 36  TYR B CZ  1 
ATOM   1095 O OH  . TYR B 1 36  ? -0.404  -4.839  -1.320  1.00 15.39 ? 36  TYR B OH  1 
ATOM   1096 N N   . GLN B 1 37  ? 0.199   -4.948  7.125   1.00 14.92 ? 37  GLN B N   1 
ATOM   1097 C CA  . GLN B 1 37  ? 0.588   -4.391  8.406   1.00 16.69 ? 37  GLN B CA  1 
ATOM   1098 C C   . GLN B 1 37  ? 1.504   -3.182  8.094   1.00 18.51 ? 37  GLN B C   1 
ATOM   1099 O O   . GLN B 1 37  ? 2.307   -3.226  7.151   1.00 18.42 ? 37  GLN B O   1 
ATOM   1100 C CB  . GLN B 1 37  ? 1.353   -5.473  9.182   1.00 16.34 ? 37  GLN B CB  1 
ATOM   1101 C CG  . GLN B 1 37  ? 1.915   -5.035  10.506  1.00 19.04 ? 37  GLN B CG  1 
ATOM   1102 C CD  . GLN B 1 37  ? 2.693   -6.157  11.189  1.00 21.83 ? 37  GLN B CD  1 
ATOM   1103 O OE1 . GLN B 1 37  ? 3.808   -6.502  10.778  1.00 22.82 ? 37  GLN B OE1 1 
ATOM   1104 N NE2 . GLN B 1 37  ? 2.077   -6.780  12.189  1.00 20.66 ? 37  GLN B NE2 1 
ATOM   1105 N N   . GLN B 1 38  ? 1.414   -2.106  8.867   1.00 19.41 ? 38  GLN B N   1 
ATOM   1106 C CA  . GLN B 1 38  ? 2.467   -1.096  8.798   1.00 19.74 ? 38  GLN B CA  1 
ATOM   1107 C C   . GLN B 1 38  ? 2.789   -0.545  10.201  1.00 20.82 ? 38  GLN B C   1 
ATOM   1108 O O   . GLN B 1 38  ? 1.905   -0.047  10.897  1.00 20.44 ? 38  GLN B O   1 
ATOM   1109 C CB  . GLN B 1 38  ? 2.052   0.021   7.829   1.00 18.70 ? 38  GLN B CB  1 
ATOM   1110 C CG  . GLN B 1 38  ? 3.078   1.139   7.694   1.00 19.60 ? 38  GLN B CG  1 
ATOM   1111 C CD  . GLN B 1 38  ? 2.712   2.174   6.633   1.00 19.08 ? 38  GLN B CD  1 
ATOM   1112 O OE1 . GLN B 1 38  ? 1.581   2.261   6.171   1.00 18.75 ? 38  GLN B OE1 1 
ATOM   1113 N NE2 . GLN B 1 38  ? 3.695   2.945   6.227   1.00 21.69 ? 38  GLN B NE2 1 
ATOM   1114 N N   . LYS B 1 39  ? 3.992   -0.812  10.678  1.00 21.85 ? 39  LYS B N   1 
ATOM   1115 C CA  . LYS B 1 39  ? 4.428   -0.317  11.971  1.00 25.36 ? 39  LYS B CA  1 
ATOM   1116 C C   . LYS B 1 39  ? 5.035   1.044   11.734  1.00 28.42 ? 39  LYS B C   1 
ATOM   1117 O O   . LYS B 1 39  ? 5.336   1.385   10.592  1.00 29.15 ? 39  LYS B O   1 
ATOM   1118 C CB  . LYS B 1 39  ? 5.476   -1.237  12.553  1.00 24.90 ? 39  LYS B CB  1 
ATOM   1119 C CG  . LYS B 1 39  ? 5.110   -2.688  12.448  1.00 26.14 ? 39  LYS B CG  1 
ATOM   1120 C CD  . LYS B 1 39  ? 6.029   -3.504  13.290  1.00 27.46 ? 39  LYS B CD  1 
ATOM   1121 C CE  . LYS B 1 39  ? 5.274   -4.614  13.963  1.00 28.24 ? 39  LYS B CE  1 
ATOM   1122 N NZ  . LYS B 1 39  ? 6.245   -5.581  14.585  1.00 29.79 ? 39  LYS B NZ  1 
ATOM   1123 N N   . SER B 1 40  ? 5.238   1.829   12.785  1.00 30.99 ? 40  SER B N   1 
ATOM   1124 C CA  . SER B 1 40  ? 5.695   3.191   12.553  1.00 34.01 ? 40  SER B CA  1 
ATOM   1125 C C   . SER B 1 40  ? 7.150   3.223   12.085  1.00 35.55 ? 40  SER B C   1 
ATOM   1126 O O   . SER B 1 40  ? 7.992   2.421   12.530  1.00 36.34 ? 40  SER B O   1 
ATOM   1127 C CB  . SER B 1 40  ? 5.498   4.069   13.795  1.00 34.40 ? 40  SER B CB  1 
ATOM   1128 O OG  . SER B 1 40  ? 5.898   3.384   14.957  1.00 36.06 ? 40  SER B OG  1 
ATOM   1129 N N   . HIS B 1 41  ? 7.410   4.131   11.143  1.00 37.24 ? 41  HIS B N   1 
ATOM   1130 C CA  . HIS B 1 41  ? 8.689   4.238   10.437  1.00 37.83 ? 41  HIS B CA  1 
ATOM   1131 C C   . HIS B 1 41  ? 9.022   2.994   9.613   1.00 37.06 ? 41  HIS B C   1 
ATOM   1132 O O   . HIS B 1 41  ? 10.199  2.720   9.351   1.00 38.39 ? 41  HIS B O   1 
ATOM   1133 C CB  . HIS B 1 41  ? 9.828   4.524   11.418  1.00 40.35 ? 41  HIS B CB  1 
ATOM   1134 C CG  . HIS B 1 41  ? 9.582   5.721   12.279  1.00 43.66 ? 41  HIS B CG  1 
ATOM   1135 N ND1 . HIS B 1 41  ? 9.549   7.003   11.766  1.00 44.95 ? 41  HIS B ND1 1 
ATOM   1136 C CD2 . HIS B 1 41  ? 9.180   5.820   13.570  1.00 44.36 ? 41  HIS B CD2 1 
ATOM   1137 C CE1 . HIS B 1 41  ? 9.114   7.836   12.698  1.00 45.56 ? 41  HIS B CE1 1 
ATOM   1138 N NE2 . HIS B 1 41  ? 8.879   7.141   13.799  1.00 45.74 ? 41  HIS B NE2 1 
ATOM   1139 N N   . GLU B 1 42  ? 8.006   2.272   9.150   1.00 34.32 ? 42  GLU B N   1 
ATOM   1140 C CA  . GLU B 1 42  ? 8.268   1.092   8.344   1.00 31.46 ? 42  GLU B CA  1 
ATOM   1141 C C   . GLU B 1 42  ? 7.392   1.085   7.112   1.00 28.44 ? 42  GLU B C   1 
ATOM   1142 O O   . GLU B 1 42  ? 6.406   1.819   7.056   1.00 27.53 ? 42  GLU B O   1 
ATOM   1143 C CB  . GLU B 1 42  ? 8.044   -0.171  9.164   1.00 32.27 ? 42  GLU B CB  1 
ATOM   1144 C CG  . GLU B 1 42  ? 9.122   -0.404  10.210  1.00 34.66 ? 42  GLU B CG  1 
ATOM   1145 C CD  . GLU B 1 42  ? 9.113   -1.825  10.796  1.00 36.46 ? 42  GLU B CD  1 
ATOM   1146 O OE1 . GLU B 1 42  ? 8.510   -2.744  10.196  1.00 37.83 ? 42  GLU B OE1 1 
ATOM   1147 O OE2 . GLU B 1 42  ? 9.702   -2.029  11.877  1.00 38.65 ? 42  GLU B OE2 1 
ATOM   1148 N N   . SER B 1 43  ? 7.887   0.441   6.055   1.00 26.05 ? 43  SER B N   1 
ATOM   1149 C CA  . SER B 1 43  ? 7.087   0.174   4.866   1.00 23.05 ? 43  SER B CA  1 
ATOM   1150 C C   . SER B 1 43  ? 6.039   -0.830  5.255   1.00 20.90 ? 43  SER B C   1 
ATOM   1151 O O   . SER B 1 43  ? 6.267   -1.660  6.133   1.00 20.48 ? 43  SER B O   1 
ATOM   1152 C CB  . SER B 1 43  ? 7.925   -0.443  3.758   1.00 23.39 ? 43  SER B CB  1 
ATOM   1153 O OG  . SER B 1 43  ? 9.066   0.324   3.511   1.00 26.21 ? 43  SER B OG  1 
ATOM   1154 N N   . PRO B 1 44  ? 4.955   -0.887  4.480   1.00 18.73 ? 44  PRO B N   1 
ATOM   1155 C CA  . PRO B 1 44  ? 3.942   -1.911  4.694   1.00 17.78 ? 44  PRO B CA  1 
ATOM   1156 C C   . PRO B 1 44  ? 4.469   -3.334  4.444   1.00 17.90 ? 44  PRO B C   1 
ATOM   1157 O O   . PRO B 1 44  ? 5.316   -3.558  3.582   1.00 19.02 ? 44  PRO B O   1 
ATOM   1158 C CB  . PRO B 1 44  ? 2.843   -1.523  3.708   1.00 16.88 ? 44  PRO B CB  1 
ATOM   1159 C CG  . PRO B 1 44  ? 3.061   -0.073  3.427   1.00 16.63 ? 44  PRO B CG  1 
ATOM   1160 C CD  . PRO B 1 44  ? 4.539   0.101   3.468   1.00 17.91 ? 44  PRO B CD  1 
ATOM   1161 N N   . ARG B 1 45  ? 3.946   -4.292  5.190   1.00 17.23 ? 45  ARG B N   1 
ATOM   1162 C CA  . ARG B 1 45  ? 4.220   -5.696  4.970   1.00 16.75 ? 45  ARG B CA  1 
ATOM   1163 C C   . ARG B 1 45  ? 2.924   -6.414  4.625   1.00 15.18 ? 45  ARG B C   1 
ATOM   1164 O O   . ARG B 1 45  ? 1.865   -6.138  5.215   1.00 13.18 ? 45  ARG B O   1 
ATOM   1165 C CB  . ARG B 1 45  ? 4.857   -6.290  6.223   1.00 19.83 ? 45  ARG B CB  1 
ATOM   1166 C CG  . ARG B 1 45  ? 4.502   -7.737  6.472   1.00 26.06 ? 45  ARG B CG  1 
ATOM   1167 C CD  . ARG B 1 45  ? 5.413   -8.339  7.531   1.00 31.14 ? 45  ARG B CD  1 
ATOM   1168 N NE  . ARG B 1 45  ? 6.346   -9.305  6.938   1.00 37.16 ? 45  ARG B NE  1 
ATOM   1169 C CZ  . ARG B 1 45  ? 6.791   -10.403 7.555   1.00 39.00 ? 45  ARG B CZ  1 
ATOM   1170 N NH1 . ARG B 1 45  ? 6.453   -10.651 8.830   1.00 39.70 ? 45  ARG B NH1 1 
ATOM   1171 N NH2 . ARG B 1 45  ? 7.575   -11.253 6.893   1.00 39.98 ? 45  ARG B NH2 1 
ATOM   1172 N N   . LEU B 1 46  ? 2.976   -7.196  3.552   1.00 13.71 ? 46  LEU B N   1 
ATOM   1173 C CA  . LEU B 1 46  ? 1.802   -7.943  3.072   1.00 14.19 ? 46  LEU B CA  1 
ATOM   1174 C C   . LEU B 1 46  ? 1.597   -9.223  3.901   1.00 14.07 ? 46  LEU B C   1 
ATOM   1175 O O   . LEU B 1 46  ? 2.508   -10.047 4.007   1.00 12.89 ? 46  LEU B O   1 
ATOM   1176 C CB  . LEU B 1 46  ? 1.953   -8.328  1.583   1.00 13.12 ? 46  LEU B CB  1 
ATOM   1177 C CG  . LEU B 1 46  ? 0.822   -9.178  0.974   1.00 13.46 ? 46  LEU B CG  1 
ATOM   1178 C CD1 . LEU B 1 46  ? -0.459  -8.368  0.863   1.00 11.05 ? 46  LEU B CD1 1 
ATOM   1179 C CD2 . LEU B 1 46  ? 1.261   -9.738  -0.370  1.00 12.15 ? 46  LEU B CD2 1 
ATOM   1180 N N   . LEU B 1 47  ? 0.391   -9.379  4.453   1.00 15.07 ? 47  LEU B N   1 
ATOM   1181 C CA  . LEU B 1 47  ? 0.076   -10.476 5.380   1.00 15.27 ? 47  LEU B CA  1 
ATOM   1182 C C   . LEU B 1 47  ? -0.691  -11.551 4.646   1.00 15.62 ? 47  LEU B C   1 
ATOM   1183 O O   . LEU B 1 47  ? -0.358  -12.735 4.726   1.00 16.25 ? 47  LEU B O   1 
ATOM   1184 C CB  . LEU B 1 47  ? -0.766  -9.965  6.560   1.00 13.83 ? 47  LEU B CB  1 
ATOM   1185 C CG  . LEU B 1 47  ? -0.121  -8.877  7.405   1.00 14.23 ? 47  LEU B CG  1 
ATOM   1186 C CD1 . LEU B 1 47  ? -1.153  -8.335  8.357   1.00 14.64 ? 47  LEU B CD1 1 
ATOM   1187 C CD2 . LEU B 1 47  ? 1.080   -9.412  8.140   1.00 11.74 ? 47  LEU B CD2 1 
ATOM   1188 N N   . ILE B 1 48  ? -1.660  -11.117 3.857   1.00 16.55 ? 48  ILE B N   1 
ATOM   1189 C CA  . ILE B 1 48  ? -2.627  -12.024 3.267   1.00 19.49 ? 48  ILE B CA  1 
ATOM   1190 C C   . ILE B 1 48  ? -2.945  -11.526 1.873   1.00 18.94 ? 48  ILE B C   1 
ATOM   1191 O O   . ILE B 1 48  ? -3.143  -10.317 1.670   1.00 18.88 ? 48  ILE B O   1 
ATOM   1192 C CB  . ILE B 1 48  ? -3.999  -12.148 4.149   1.00 20.30 ? 48  ILE B CB  1 
ATOM   1193 C CG1 . ILE B 1 48  ? -3.871  -13.204 5.277   1.00 21.20 ? 48  ILE B CG1 1 
ATOM   1194 C CG2 . ILE B 1 48  ? -5.177  -12.653 3.279   1.00 19.74 ? 48  ILE B CG2 1 
ATOM   1195 C CD1 . ILE B 1 48  ? -3.197  -12.732 6.489   1.00 21.20 ? 48  ILE B CD1 1 
ATOM   1196 N N   . LYS B 1 49  ? -2.973  -12.455 0.920   1.00 19.34 ? 49  LYS B N   1 
ATOM   1197 C CA  . LYS B 1 49  ? -3.271  -12.127 -0.461  1.00 21.09 ? 49  LYS B CA  1 
ATOM   1198 C C   . LYS B 1 49  ? -4.478  -12.899 -0.892  1.00 21.05 ? 49  LYS B C   1 
ATOM   1199 O O   . LYS B 1 49  ? -4.734  -13.972 -0.378  1.00 21.95 ? 49  LYS B O   1 
ATOM   1200 C CB  . LYS B 1 49  ? -2.095  -12.448 -1.389  1.00 22.54 ? 49  LYS B CB  1 
ATOM   1201 C CG  . LYS B 1 49  ? -1.772  -13.923 -1.596  1.00 25.11 ? 49  LYS B CG  1 
ATOM   1202 C CD  . LYS B 1 49  ? -0.475  -14.017 -2.413  1.00 27.96 ? 49  LYS B CD  1 
ATOM   1203 C CE  . LYS B 1 49  ? -0.034  -15.442 -2.651  1.00 28.65 ? 49  LYS B CE  1 
ATOM   1204 N NZ  . LYS B 1 49  ? -0.903  -16.048 -3.688  1.00 31.58 ? 49  LYS B NZ  1 
ATOM   1205 N N   . TYR B 1 50  ? -5.322  -12.245 -1.673  1.00 20.64 ? 50  TYR B N   1 
ATOM   1206 C CA  . TYR B 1 50  ? -6.519  -12.865 -2.164  1.00 21.75 ? 50  TYR B CA  1 
ATOM   1207 C C   . TYR B 1 50  ? -7.410  -13.348 -1.025  1.00 22.04 ? 50  TYR B C   1 
ATOM   1208 O O   . TYR B 1 50  ? -7.914  -14.476 -1.047  1.00 22.40 ? 50  TYR B O   1 
ATOM   1209 C CB  . TYR B 1 50  ? -6.138  -13.980 -3.135  1.00 22.16 ? 50  TYR B CB  1 
ATOM   1210 C CG  . TYR B 1 50  ? -5.521  -13.405 -4.392  1.00 23.73 ? 50  TYR B CG  1 
ATOM   1211 C CD1 . TYR B 1 50  ? -6.269  -12.573 -5.208  1.00 23.78 ? 50  TYR B CD1 1 
ATOM   1212 C CD2 . TYR B 1 50  ? -4.158  -13.518 -4.646  1.00 24.69 ? 50  TYR B CD2 1 
ATOM   1213 C CE1 . TYR B 1 50  ? -5.703  -11.861 -6.214  1.00 25.71 ? 50  TYR B CE1 1 
ATOM   1214 C CE2 . TYR B 1 50  ? -3.572  -12.800 -5.665  1.00 26.18 ? 50  TYR B CE2 1 
ATOM   1215 C CZ  . TYR B 1 50  ? -4.363  -11.966 -6.447  1.00 26.79 ? 50  TYR B CZ  1 
ATOM   1216 O OH  . TYR B 1 50  ? -3.828  -11.207 -7.471  1.00 30.20 ? 50  TYR B OH  1 
ATOM   1217 N N   . ALA B 1 51  ? -7.616  -12.456 -0.047  1.00 22.61 ? 51  ALA B N   1 
ATOM   1218 C CA  . ALA B 1 51  ? -8.582  -12.637 1.057   1.00 21.70 ? 51  ALA B CA  1 
ATOM   1219 C C   . ALA B 1 51  ? -8.160  -13.664 2.129   1.00 22.07 ? 51  ALA B C   1 
ATOM   1220 O O   . ALA B 1 51  ? -8.156  -13.343 3.320   1.00 21.83 ? 51  ALA B O   1 
ATOM   1221 C CB  . ALA B 1 51  ? -9.959  -12.976 0.507   1.00 19.99 ? 51  ALA B CB  1 
ATOM   1222 N N   . SER B 1 52  ? -7.655  -14.825 1.700   1.00 22.75 ? 52  SER B N   1 
ATOM   1223 C CA  . SER B 1 52  ? -7.356  -15.914 2.617   1.00 23.41 ? 52  SER B CA  1 
ATOM   1224 C C   . SER B 1 52  ? -6.014  -16.583 2.455   1.00 24.37 ? 52  SER B C   1 
ATOM   1225 O O   . SER B 1 52  ? -5.706  -17.487 3.229   1.00 26.09 ? 52  SER B O   1 
ATOM   1226 C CB  . SER B 1 52  ? -8.438  -16.995 2.552   1.00 22.62 ? 52  SER B CB  1 
ATOM   1227 O OG  . SER B 1 52  ? -8.636  -17.444 1.223   1.00 22.35 ? 52  SER B OG  1 
ATOM   1228 N N   . GLN B 1 53  ? -5.163  -16.136 1.536   1.00 24.83 ? 53  GLN B N   1 
ATOM   1229 C CA  . GLN B 1 53  ? -3.868  -16.819 1.401   1.00 25.61 ? 53  GLN B CA  1 
ATOM   1230 C C   . GLN B 1 53  ? -2.769  -16.121 2.160   1.00 25.31 ? 53  GLN B C   1 
ATOM   1231 O O   . GLN B 1 53  ? -2.437  -14.987 1.860   1.00 25.21 ? 53  GLN B O   1 
ATOM   1232 C CB  . GLN B 1 53  ? -3.445  -16.945 -0.053  1.00 27.03 ? 53  GLN B CB  1 
ATOM   1233 C CG  . GLN B 1 53  ? -4.545  -17.319 -1.017  1.00 32.00 ? 53  GLN B CG  1 
ATOM   1234 C CD  . GLN B 1 53  ? -4.002  -17.502 -2.435  1.00 34.19 ? 53  GLN B CD  1 
ATOM   1235 O OE1 . GLN B 1 53  ? -2.842  -17.882 -2.623  1.00 36.21 ? 53  GLN B OE1 1 
ATOM   1236 N NE2 . GLN B 1 53  ? -4.820  -17.198 -3.429  1.00 34.69 ? 53  GLN B NE2 1 
ATOM   1237 N N   . SER B 1 54  ? -2.121  -16.832 3.070   1.00 25.90 ? 54  SER B N   1 
ATOM   1238 C CA  . SER B 1 54  ? -1.051  -16.226 3.848   1.00 25.98 ? 54  SER B CA  1 
ATOM   1239 C C   . SER B 1 54  ? 0.250   -16.255 3.067   1.00 25.70 ? 54  SER B C   1 
ATOM   1240 O O   . SER B 1 54  ? 0.447   -17.107 2.222   1.00 26.49 ? 54  SER B O   1 
ATOM   1241 C CB  . SER B 1 54  ? -0.876  -16.959 5.172   1.00 28.09 ? 54  SER B CB  1 
ATOM   1242 O OG  . SER B 1 54  ? -0.953  -16.052 6.260   1.00 31.45 ? 54  SER B OG  1 
ATOM   1243 N N   . ILE B 1 55  ? 1.151   -15.339 3.381   1.00 24.70 ? 55  ILE B N   1 
ATOM   1244 C CA  . ILE B 1 55  ? 2.403   -15.217 2.673   1.00 22.68 ? 55  ILE B CA  1 
ATOM   1245 C C   . ILE B 1 55  ? 3.452   -16.082 3.385   1.00 22.51 ? 55  ILE B C   1 
ATOM   1246 O O   . ILE B 1 55  ? 3.524   -16.089 4.625   1.00 20.83 ? 55  ILE B O   1 
ATOM   1247 C CB  . ILE B 1 55  ? 2.870   -13.732 2.676   1.00 23.00 ? 55  ILE B CB  1 
ATOM   1248 C CG1 . ILE B 1 55  ? 1.807   -12.834 2.035   1.00 24.16 ? 55  ILE B CG1 1 
ATOM   1249 C CG2 . ILE B 1 55  ? 4.190   -13.579 1.976   1.00 22.84 ? 55  ILE B CG2 1 
ATOM   1250 C CD1 . ILE B 1 55  ? 1.279   -13.329 0.730   1.00 22.60 ? 55  ILE B CD1 1 
ATOM   1251 N N   . SER B 1 56  ? 4.358   -16.687 2.607   1.00 20.14 ? 56  SER B N   1 
ATOM   1252 C CA  . SER B 1 56  ? 5.461   -17.418 3.191   1.00 18.23 ? 56  SER B CA  1 
ATOM   1253 C C   . SER B 1 56  ? 6.220   -16.510 4.162   1.00 18.46 ? 56  SER B C   1 
ATOM   1254 O O   . SER B 1 56  ? 6.609   -15.376 3.819   1.00 17.88 ? 56  SER B O   1 
ATOM   1255 C CB  . SER B 1 56  ? 6.399   -17.927 2.102   1.00 17.54 ? 56  SER B CB  1 
ATOM   1256 O OG  . SER B 1 56  ? 7.533   -18.587 2.654   1.00 18.07 ? 56  SER B OG  1 
ATOM   1257 N N   . GLY B 1 57  ? 6.353   -16.979 5.400   1.00 18.35 ? 57  GLY B N   1 
ATOM   1258 C CA  . GLY B 1 57  ? 7.200   -16.300 6.353   1.00 16.73 ? 57  GLY B CA  1 
ATOM   1259 C C   . GLY B 1 57  ? 6.420   -15.426 7.311   1.00 17.38 ? 57  GLY B C   1 
ATOM   1260 O O   . GLY B 1 57  ? 6.991   -14.906 8.258   1.00 17.12 ? 57  GLY B O   1 
ATOM   1261 N N   . ILE B 1 58  ? 5.120   -15.253 7.131   1.00 18.14 ? 58  ILE B N   1 
ATOM   1262 C CA  . ILE B 1 58  ? 4.429   -14.545 8.209   1.00 20.25 ? 58  ILE B CA  1 
ATOM   1263 C C   . ILE B 1 58  ? 3.775   -15.558 9.164   1.00 20.04 ? 58  ILE B C   1 
ATOM   1264 O O   . ILE B 1 58  ? 3.483   -16.698 8.764   1.00 20.32 ? 58  ILE B O   1 
ATOM   1265 C CB  . ILE B 1 58  ? 3.374   -13.462 7.719   1.00 20.86 ? 58  ILE B CB  1 
ATOM   1266 C CG1 . ILE B 1 58  ? 2.065   -14.114 7.403   1.00 21.65 ? 58  ILE B CG1 1 
ATOM   1267 C CG2 . ILE B 1 58  ? 3.890   -12.584 6.555   1.00 18.79 ? 58  ILE B CG2 1 
ATOM   1268 C CD1 . ILE B 1 58  ? 0.964   -13.318 8.026   1.00 23.33 ? 58  ILE B CD1 1 
ATOM   1269 N N   . PRO B 1 59  ? 3.714   -15.227 10.468  1.00 19.43 ? 59  PRO B N   1 
ATOM   1270 C CA  . PRO B 1 59  ? 3.290   -16.202 11.469  1.00 18.59 ? 59  PRO B CA  1 
ATOM   1271 C C   . PRO B 1 59  ? 1.958   -16.782 11.111  1.00 18.91 ? 59  PRO B C   1 
ATOM   1272 O O   . PRO B 1 59  ? 1.070   -16.080 10.614  1.00 17.14 ? 59  PRO B O   1 
ATOM   1273 C CB  . PRO B 1 59  ? 3.205   -15.380 12.735  1.00 18.97 ? 59  PRO B CB  1 
ATOM   1274 C CG  . PRO B 1 59  ? 4.269   -14.412 12.579  1.00 20.02 ? 59  PRO B CG  1 
ATOM   1275 C CD  . PRO B 1 59  ? 4.172   -13.993 11.121  1.00 19.49 ? 59  PRO B CD  1 
ATOM   1276 N N   . SER B 1 60  ? 1.811   -18.061 11.433  1.00 20.41 ? 60  SER B N   1 
ATOM   1277 C CA  . SER B 1 60  ? 0.549   -18.802 11.318  1.00 21.69 ? 60  SER B CA  1 
ATOM   1278 C C   . SER B 1 60  ? -0.608  -18.159 12.118  1.00 21.21 ? 60  SER B C   1 
ATOM   1279 O O   . SER B 1 60  ? -1.764  -18.504 11.889  1.00 22.21 ? 60  SER B O   1 
ATOM   1280 C CB  . SER B 1 60  ? 0.762   -20.214 11.850  1.00 23.26 ? 60  SER B CB  1 
ATOM   1281 O OG  . SER B 1 60  ? 1.520   -20.141 13.070  1.00 25.17 ? 60  SER B OG  1 
ATOM   1282 N N   . ARG B 1 61  ? -0.303  -17.303 13.098  1.00 19.56 ? 61  ARG B N   1 
ATOM   1283 C CA  . ARG B 1 61  ? -1.368  -16.648 13.865  1.00 19.25 ? 61  ARG B CA  1 
ATOM   1284 C C   . ARG B 1 61  ? -2.266  -15.664 13.087  1.00 18.22 ? 61  ARG B C   1 
ATOM   1285 O O   . ARG B 1 61  ? -3.420  -15.447 13.477  1.00 17.61 ? 61  ARG B O   1 
ATOM   1286 C CB  . ARG B 1 61  ? -0.798  -15.981 15.130  1.00 18.62 ? 61  ARG B CB  1 
ATOM   1287 C CG  . ARG B 1 61  ? 0.284   -14.975 14.918  1.00 19.60 ? 61  ARG B CG  1 
ATOM   1288 C CD  . ARG B 1 61  ? 0.557   -14.268 16.219  1.00 19.09 ? 61  ARG B CD  1 
ATOM   1289 N NE  . ARG B 1 61  ? 1.439   -13.136 16.044  1.00 21.00 ? 61  ARG B NE  1 
ATOM   1290 C CZ  . ARG B 1 61  ? 2.766   -13.235 16.010  1.00 22.19 ? 61  ARG B CZ  1 
ATOM   1291 N NH1 . ARG B 1 61  ? 3.328   -14.434 16.127  1.00 23.48 ? 61  ARG B NH1 1 
ATOM   1292 N NH2 . ARG B 1 61  ? 3.538   -12.151 15.888  1.00 20.20 ? 61  ARG B NH2 1 
ATOM   1293 N N   . PHE B 1 62  ? -1.793  -15.206 11.922  1.00 17.13 ? 62  PHE B N   1 
ATOM   1294 C CA  . PHE B 1 62  ? -2.579  -14.344 11.038  1.00 16.00 ? 62  PHE B CA  1 
ATOM   1295 C C   . PHE B 1 62  ? -3.343  -15.212 10.085  1.00 15.89 ? 62  PHE B C   1 
ATOM   1296 O O   . PHE B 1 62  ? -2.754  -16.053 9.447   1.00 17.60 ? 62  PHE B O   1 
ATOM   1297 C CB  . PHE B 1 62  ? -1.662  -13.419 10.213  1.00 15.35 ? 62  PHE B CB  1 
ATOM   1298 C CG  . PHE B 1 62  ? -0.946  -12.369 11.023  1.00 13.29 ? 62  PHE B CG  1 
ATOM   1299 C CD1 . PHE B 1 62  ? -1.553  -11.151 11.298  1.00 12.49 ? 62  PHE B CD1 1 
ATOM   1300 C CD2 . PHE B 1 62  ? 0.329   -12.598 11.519  1.00 13.43 ? 62  PHE B CD2 1 
ATOM   1301 C CE1 . PHE B 1 62  ? -0.900  -10.174 12.049  1.00 10.84 ? 62  PHE B CE1 1 
ATOM   1302 C CE2 . PHE B 1 62  ? 0.991   -11.621 12.281  1.00 12.91 ? 62  PHE B CE2 1 
ATOM   1303 C CZ  . PHE B 1 62  ? 0.369   -10.407 12.539  1.00 12.41 ? 62  PHE B CZ  1 
ATOM   1304 N N   . SER B 1 63  ? -4.627  -14.952 9.904   1.00 16.97 ? 63  SER B N   1 
ATOM   1305 C CA  . SER B 1 63  ? -5.391  -15.568 8.824   1.00 17.79 ? 63  SER B CA  1 
ATOM   1306 C C   . SER B 1 63  ? -6.519  -14.646 8.351   1.00 17.66 ? 63  SER B C   1 
ATOM   1307 O O   . SER B 1 63  ? -6.856  -13.673 9.007   1.00 17.12 ? 63  SER B O   1 
ATOM   1308 C CB  . SER B 1 63  ? -5.966  -16.923 9.273   1.00 20.53 ? 63  SER B CB  1 
ATOM   1309 O OG  . SER B 1 63  ? -6.980  -16.767 10.243  1.00 23.58 ? 63  SER B OG  1 
ATOM   1310 N N   . GLY B 1 64  ? -7.069  -14.904 7.177   1.00 18.16 ? 64  GLY B N   1 
ATOM   1311 C CA  . GLY B 1 64  ? -8.159  -14.070 6.734   1.00 18.55 ? 64  GLY B CA  1 
ATOM   1312 C C   . GLY B 1 64  ? -9.291  -14.896 6.205   1.00 19.08 ? 64  GLY B C   1 
ATOM   1313 O O   . GLY B 1 64  ? -9.079  -15.991 5.701   1.00 20.17 ? 64  GLY B O   1 
ATOM   1314 N N   . SER B 1 65  ? -10.453 -14.284 6.092   1.00 19.11 ? 65  SER B N   1 
ATOM   1315 C CA  . SER B 1 65  ? -11.540 -14.963 5.428   1.00 19.91 ? 65  SER B CA  1 
ATOM   1316 C C   . SER B 1 65  ? -12.432 -13.932 4.808   1.00 20.03 ? 65  SER B C   1 
ATOM   1317 O O   . SER B 1 65  ? -12.281 -12.734 5.055   1.00 19.22 ? 65  SER B O   1 
ATOM   1318 C CB  . SER B 1 65  ? -12.334 -15.815 6.428   1.00 20.18 ? 65  SER B CB  1 
ATOM   1319 O OG  . SER B 1 65  ? -12.677 -15.055 7.572   1.00 21.65 ? 65  SER B OG  1 
ATOM   1320 N N   . GLY B 1 66  ? -13.256 -14.384 3.885   1.00 20.59 ? 66  GLY B N   1 
ATOM   1321 C CA  . GLY B 1 66  ? -14.292 -13.522 3.380   1.00 22.58 ? 66  GLY B CA  1 
ATOM   1322 C C   . GLY B 1 66  ? -14.316 -13.544 1.876   1.00 23.00 ? 66  GLY B C   1 
ATOM   1323 O O   . GLY B 1 66  ? -13.388 -14.027 1.248   1.00 23.98 ? 66  GLY B O   1 
ATOM   1324 N N   . SER B 1 67  ? -15.408 -13.075 1.297   1.00 24.22 ? 67  SER B N   1 
ATOM   1325 C CA  . SER B 1 67  ? -15.510 -12.990 -0.136  1.00 25.23 ? 67  SER B CA  1 
ATOM   1326 C C   . SER B 1 67  ? -16.666 -12.065 -0.450  1.00 25.16 ? 67  SER B C   1 
ATOM   1327 O O   . SER B 1 67  ? -17.472 -11.747 0.434   1.00 26.47 ? 67  SER B O   1 
ATOM   1328 C CB  . SER B 1 67  ? -15.742 -14.379 -0.721  1.00 26.04 ? 67  SER B CB  1 
ATOM   1329 O OG  . SER B 1 67  ? -17.118 -14.697 -0.715  1.00 29.22 ? 67  SER B OG  1 
ATOM   1330 N N   . GLY B 1 68  ? -16.682 -11.535 -1.668  1.00 25.38 ? 68  GLY B N   1 
ATOM   1331 C CA  . GLY B 1 68  ? -17.733 -10.619 -2.056  1.00 24.70 ? 68  GLY B CA  1 
ATOM   1332 C C   . GLY B 1 68  ? -17.451 -9.278  -1.426  1.00 25.47 ? 68  GLY B C   1 
ATOM   1333 O O   . GLY B 1 68  ? -16.505 -8.618  -1.832  1.00 26.70 ? 68  GLY B O   1 
ATOM   1334 N N   . THR B 1 69  ? -18.142 -8.942  -0.342  1.00 24.96 ? 69  THR B N   1 
ATOM   1335 C CA  . THR B 1 69  ? -18.010 -7.614  0.222   1.00 24.39 ? 69  THR B CA  1 
ATOM   1336 C C   . THR B 1 69  ? -17.520 -7.559  1.660   1.00 24.73 ? 69  THR B C   1 
ATOM   1337 O O   . THR B 1 69  ? -17.053 -6.502  2.093   1.00 25.15 ? 69  THR B O   1 
ATOM   1338 C CB  . THR B 1 69  ? -19.310 -6.850  0.163   1.00 24.44 ? 69  THR B CB  1 
ATOM   1339 O OG1 . THR B 1 69  ? -20.286 -7.560  0.922   1.00 24.58 ? 69  THR B OG1 1 
ATOM   1340 C CG2 . THR B 1 69  ? -19.777 -6.688  -1.279  1.00 23.55 ? 69  THR B CG2 1 
ATOM   1341 N N   . ASP B 1 70  ? -17.489 -8.697  2.363   1.00 24.83 ? 70  ASP B N   1 
ATOM   1342 C CA  . ASP B 1 70  ? -17.078 -8.689  3.780   1.00 23.09 ? 70  ASP B CA  1 
ATOM   1343 C C   . ASP B 1 70  ? -15.892 -9.548  4.033   1.00 20.08 ? 70  ASP B C   1 
ATOM   1344 O O   . ASP B 1 70  ? -15.830 -10.661 3.548   1.00 20.98 ? 70  ASP B O   1 
ATOM   1345 C CB  . ASP B 1 70  ? -18.228 -9.134  4.682   1.00 27.08 ? 70  ASP B CB  1 
ATOM   1346 C CG  . ASP B 1 70  ? -19.275 -8.034  4.863   1.00 30.99 ? 70  ASP B CG  1 
ATOM   1347 O OD1 . ASP B 1 70  ? -19.049 -7.112  5.704   1.00 35.03 ? 70  ASP B OD1 1 
ATOM   1348 O OD2 . ASP B 1 70  ? -20.222 -7.988  4.043   1.00 32.85 ? 70  ASP B OD2 1 
ATOM   1349 N N   . PHE B 1 71  ? -14.902 -8.986  4.698   1.00 17.00 ? 71  PHE B N   1 
ATOM   1350 C CA  . PHE B 1 71  ? -13.604 -9.621  4.823   1.00 15.96 ? 71  PHE B CA  1 
ATOM   1351 C C   . PHE B 1 71  ? -13.121 -9.378  6.244   1.00 15.08 ? 71  PHE B C   1 
ATOM   1352 O O   . PHE B 1 71  ? -13.350 -8.309  6.791   1.00 15.60 ? 71  PHE B O   1 
ATOM   1353 C CB  . PHE B 1 71  ? -12.585 -9.003  3.814   1.00 15.58 ? 71  PHE B CB  1 
ATOM   1354 C CG  . PHE B 1 71  ? -13.003 -9.122  2.344   1.00 15.41 ? 71  PHE B CG  1 
ATOM   1355 C CD1 . PHE B 1 71  ? -13.816 -8.152  1.750   1.00 14.99 ? 71  PHE B CD1 1 
ATOM   1356 C CD2 . PHE B 1 71  ? -12.640 -10.225 1.588   1.00 14.43 ? 71  PHE B CD2 1 
ATOM   1357 C CE1 . PHE B 1 71  ? -14.270 -8.308  0.445   1.00 14.23 ? 71  PHE B CE1 1 
ATOM   1358 C CE2 . PHE B 1 71  ? -13.083 -10.369 0.267   1.00 13.96 ? 71  PHE B CE2 1 
ATOM   1359 C CZ  . PHE B 1 71  ? -13.894 -9.418  -0.290  1.00 13.27 ? 71  PHE B CZ  1 
ATOM   1360 N N   . THR B 1 72  ? -12.472 -10.357 6.868   1.00 15.27 ? 72  THR B N   1 
ATOM   1361 C CA  . THR B 1 72  ? -11.906 -10.105 8.182   1.00 14.94 ? 72  THR B CA  1 
ATOM   1362 C C   . THR B 1 72  ? -10.528 -10.698 8.321   1.00 14.27 ? 72  THR B C   1 
ATOM   1363 O O   . THR B 1 72  ? -10.198 -11.682 7.679   1.00 13.55 ? 72  THR B O   1 
ATOM   1364 C CB  . THR B 1 72  ? -12.850 -10.603 9.356   1.00 17.33 ? 72  THR B CB  1 
ATOM   1365 O OG1 . THR B 1 72  ? -12.355 -11.822 9.911   1.00 20.76 ? 72  THR B OG1 1 
ATOM   1366 C CG2 . THR B 1 72  ? -14.265 -10.844 8.868   1.00 14.98 ? 72  THR B CG2 1 
ATOM   1367 N N   . LEU B 1 73  ? -9.694  -9.985  9.062   1.00 13.94 ? 73  LEU B N   1 
ATOM   1368 C CA  . LEU B 1 73  ? -8.357  -10.387 9.409   1.00 14.33 ? 73  LEU B CA  1 
ATOM   1369 C C   . LEU B 1 73  ? -8.425  -10.905 10.855  1.00 16.19 ? 73  LEU B C   1 
ATOM   1370 O O   . LEU B 1 73  ? -8.844  -10.170 11.742  1.00 16.32 ? 73  LEU B O   1 
ATOM   1371 C CB  . LEU B 1 73  ? -7.439  -9.157  9.339   1.00 11.25 ? 73  LEU B CB  1 
ATOM   1372 C CG  . LEU B 1 73  ? -5.991  -9.404  9.753   1.00 11.24 ? 73  LEU B CG  1 
ATOM   1373 C CD1 . LEU B 1 73  ? -5.364  -10.429 8.844   1.00 13.42 ? 73  LEU B CD1 1 
ATOM   1374 C CD2 . LEU B 1 73  ? -5.213  -8.152  9.710   1.00 11.10 ? 73  LEU B CD2 1 
ATOM   1375 N N   . SER B 1 74  ? -7.907  -12.103 11.115  1.00 17.32 ? 74  SER B N   1 
ATOM   1376 C CA  . SER B 1 74  ? -7.806  -12.603 12.478  1.00 18.93 ? 74  SER B CA  1 
ATOM   1377 C C   . SER B 1 74  ? -6.362  -12.765 12.882  1.00 20.19 ? 74  SER B C   1 
ATOM   1378 O O   . SER B 1 74  ? -5.530  -13.183 12.074  1.00 21.22 ? 74  SER B O   1 
ATOM   1379 C CB  . SER B 1 74  ? -8.492  -13.949 12.597  1.00 18.67 ? 74  SER B CB  1 
ATOM   1380 O OG  . SER B 1 74  ? -9.761  -13.846 12.021  1.00 21.58 ? 74  SER B OG  1 
ATOM   1381 N N   . ILE B 1 75  ? -6.063  -12.354 14.109  1.00 21.20 ? 75  ILE B N   1 
ATOM   1382 C CA  . ILE B 1 75  ? -4.813  -12.666 14.772  1.00 23.01 ? 75  ILE B CA  1 
ATOM   1383 C C   . ILE B 1 75  ? -5.196  -13.470 16.002  1.00 26.12 ? 75  ILE B C   1 
ATOM   1384 O O   . ILE B 1 75  ? -5.962  -12.996 16.847  1.00 25.40 ? 75  ILE B O   1 
ATOM   1385 C CB  . ILE B 1 75  ? -4.084  -11.395 15.222  1.00 22.39 ? 75  ILE B CB  1 
ATOM   1386 C CG1 . ILE B 1 75  ? -4.205  -10.320 14.131  1.00 21.75 ? 75  ILE B CG1 1 
ATOM   1387 C CG2 . ILE B 1 75  ? -2.639  -11.723 15.550  1.00 22.36 ? 75  ILE B CG2 1 
ATOM   1388 C CD1 . ILE B 1 75  ? -3.507  -9.036  14.403  1.00 21.74 ? 75  ILE B CD1 1 
ATOM   1389 N N   . ASN B 1 76  ? -4.883  -14.761 15.964  1.00 29.19 ? 76  ASN B N   1 
ATOM   1390 C CA  . ASN B 1 76  ? -5.147  -15.643 17.098  1.00 31.74 ? 76  ASN B CA  1 
ATOM   1391 C C   . ASN B 1 76  ? -4.017  -15.475 18.074  1.00 31.90 ? 76  ASN B C   1 
ATOM   1392 O O   . ASN B 1 76  ? -2.866  -15.602 17.689  1.00 33.95 ? 76  ASN B O   1 
ATOM   1393 C CB  . ASN B 1 76  ? -5.214  -17.079 16.617  1.00 34.13 ? 76  ASN B CB  1 
ATOM   1394 C CG  . ASN B 1 76  ? -6.244  -17.258 15.515  1.00 38.35 ? 76  ASN B CG  1 
ATOM   1395 O OD1 . ASN B 1 76  ? -6.055  -18.063 14.582  1.00 41.47 ? 76  ASN B OD1 1 
ATOM   1396 N ND2 . ASN B 1 76  ? -7.326  -16.472 15.580  1.00 38.91 ? 76  ASN B ND2 1 
ATOM   1397 N N   . SER B 1 77  ? -4.302  -14.962 19.255  1.00 31.09 ? 77  SER B N   1 
ATOM   1398 C CA  . SER B 1 77  ? -3.228  -14.775 20.214  1.00 29.77 ? 77  SER B CA  1 
ATOM   1399 C C   . SER B 1 77  ? -2.203  -13.736 19.741  1.00 28.61 ? 77  SER B C   1 
ATOM   1400 O O   . SER B 1 77  ? -1.052  -14.068 19.471  1.00 29.03 ? 77  SER B O   1 
ATOM   1401 C CB  . SER B 1 77  ? -2.554  -16.133 20.485  1.00 29.93 ? 77  SER B CB  1 
ATOM   1402 O OG  . SER B 1 77  ? -1.472  -16.029 21.396  1.00 32.57 ? 77  SER B OG  1 
ATOM   1403 N N   . VAL B 1 78  ? -2.559  -12.462 19.868  1.00 27.03 ? 78  VAL B N   1 
ATOM   1404 C CA  . VAL B 1 78  ? -1.669  -11.369 19.496  1.00 25.82 ? 78  VAL B CA  1 
ATOM   1405 C C   . VAL B 1 78  ? -0.392  -11.339 20.328  1.00 26.32 ? 78  VAL B C   1 
ATOM   1406 O O   . VAL B 1 78  ? -0.362  -11.816 21.467  1.00 26.89 ? 78  VAL B O   1 
ATOM   1407 C CB  . VAL B 1 78  ? -2.375  -9.971  19.566  1.00 23.94 ? 78  VAL B CB  1 
ATOM   1408 C CG1 . VAL B 1 78  ? -3.747  -10.038 18.951  1.00 23.52 ? 78  VAL B CG1 1 
ATOM   1409 C CG2 . VAL B 1 78  ? -2.473  -9.485  20.960  1.00 24.55 ? 78  VAL B CG2 1 
ATOM   1410 N N   . GLU B 1 79  ? 0.680   -10.844 19.721  1.00 26.43 ? 79  GLU B N   1 
ATOM   1411 C CA  . GLU B 1 79  ? 1.964   -10.726 20.389  1.00 27.33 ? 79  GLU B CA  1 
ATOM   1412 C C   . GLU B 1 79  ? 2.253   -9.260  20.540  1.00 26.69 ? 79  GLU B C   1 
ATOM   1413 O O   . GLU B 1 79  ? 1.562   -8.433  19.978  1.00 25.68 ? 79  GLU B O   1 
ATOM   1414 C CB  . GLU B 1 79  ? 3.068   -11.393 19.570  1.00 29.65 ? 79  GLU B CB  1 
ATOM   1415 C CG  . GLU B 1 79  ? 2.973   -12.922 19.521  1.00 34.89 ? 79  GLU B CG  1 
ATOM   1416 C CD  . GLU B 1 79  ? 3.748   -13.624 20.648  1.00 39.62 ? 79  GLU B CD  1 
ATOM   1417 O OE1 . GLU B 1 79  ? 3.489   -13.311 21.843  1.00 40.90 ? 79  GLU B OE1 1 
ATOM   1418 O OE2 . GLU B 1 79  ? 4.596   -14.519 20.342  1.00 43.04 ? 79  GLU B OE2 1 
ATOM   1419 N N   . THR B 1 80  ? 3.214   -8.909  21.371  1.00 26.98 ? 80  THR B N   1 
ATOM   1420 C CA  . THR B 1 80  ? 3.461   -7.498  21.592  1.00 28.39 ? 80  THR B CA  1 
ATOM   1421 C C   . THR B 1 80  ? 4.033   -6.834  20.323  1.00 28.14 ? 80  THR B C   1 
ATOM   1422 O O   . THR B 1 80  ? 3.710   -5.685  20.012  1.00 28.08 ? 80  THR B O   1 
ATOM   1423 C CB  . THR B 1 80  ? 4.369   -7.302  22.821  1.00 28.83 ? 80  THR B CB  1 
ATOM   1424 O OG1 . THR B 1 80  ? 3.544   -7.122  23.982  1.00 31.82 ? 80  THR B OG1 1 
ATOM   1425 C CG2 . THR B 1 80  ? 5.269   -6.104  22.653  1.00 29.95 ? 80  THR B CG2 1 
ATOM   1426 N N   . GLU B 1 81  ? 4.699   -7.639  19.497  1.00 27.94 ? 81  GLU B N   1 
ATOM   1427 C CA  . GLU B 1 81  ? 5.266   -7.161  18.248  1.00 27.14 ? 81  GLU B CA  1 
ATOM   1428 C C   . GLU B 1 81  ? 4.186   -6.967  17.190  1.00 25.51 ? 81  GLU B C   1 
ATOM   1429 O O   . GLU B 1 81  ? 4.481   -6.576  16.068  1.00 25.57 ? 81  GLU B O   1 
ATOM   1430 C CB  . GLU B 1 81  ? 6.310   -8.143  17.735  1.00 30.03 ? 81  GLU B CB  1 
ATOM   1431 C CG  . GLU B 1 81  ? 5.786   -9.545  17.518  1.00 33.98 ? 81  GLU B CG  1 
ATOM   1432 C CD  . GLU B 1 81  ? 6.682   -10.356 16.592  1.00 37.84 ? 81  GLU B CD  1 
ATOM   1433 O OE1 . GLU B 1 81  ? 7.775   -9.856  16.200  1.00 39.50 ? 81  GLU B OE1 1 
ATOM   1434 O OE2 . GLU B 1 81  ? 6.297   -11.505 16.254  1.00 40.40 ? 81  GLU B OE2 1 
ATOM   1435 N N   . ASP B 1 82  ? 2.936   -7.258  17.534  1.00 22.49 ? 82  ASP B N   1 
ATOM   1436 C CA  . ASP B 1 82  ? 1.866   -7.069  16.586  1.00 20.29 ? 82  ASP B CA  1 
ATOM   1437 C C   . ASP B 1 82  ? 1.323   -5.651  16.654  1.00 19.39 ? 82  ASP B C   1 
ATOM   1438 O O   . ASP B 1 82  ? 0.430   -5.301  15.903  1.00 17.88 ? 82  ASP B O   1 
ATOM   1439 C CB  . ASP B 1 82  ? 0.747   -8.077  16.832  1.00 20.45 ? 82  ASP B CB  1 
ATOM   1440 C CG  . ASP B 1 82  ? 1.099   -9.475  16.372  1.00 21.61 ? 82  ASP B CG  1 
ATOM   1441 O OD1 . ASP B 1 82  ? 2.219   -9.673  15.864  1.00 22.65 ? 82  ASP B OD1 1 
ATOM   1442 O OD2 . ASP B 1 82  ? 0.215   -10.364 16.423  1.00 23.71 ? 82  ASP B OD2 1 
ATOM   1443 N N   . LEU B 1 83  ? 1.882   -4.826  17.536  1.00 19.74 ? 83  LEU B N   1 
ATOM   1444 C CA  . LEU B 1 83  ? 1.429   -3.439  17.669  1.00 19.72 ? 83  LEU B CA  1 
ATOM   1445 C C   . LEU B 1 83  ? 1.671   -2.654  16.362  1.00 18.48 ? 83  LEU B C   1 
ATOM   1446 O O   . LEU B 1 83  ? 2.805   -2.269  16.086  1.00 19.38 ? 83  LEU B O   1 
ATOM   1447 C CB  . LEU B 1 83  ? 2.162   -2.748  18.829  1.00 19.83 ? 83  LEU B CB  1 
ATOM   1448 C CG  . LEU B 1 83  ? 1.572   -1.387  19.254  1.00 22.30 ? 83  LEU B CG  1 
ATOM   1449 C CD1 . LEU B 1 83  ? 2.068   -1.052  20.640  1.00 24.59 ? 83  LEU B CD1 1 
ATOM   1450 C CD2 . LEU B 1 83  ? 1.958   -0.274  18.299  1.00 22.28 ? 83  LEU B CD2 1 
ATOM   1451 N N   . ALA B 1 84  ? 0.606   -2.242  15.684  1.00 16.06 ? 84  ALA B N   1 
ATOM   1452 C CA  . ALA B 1 84  ? 0.737   -1.716  14.327  1.00 13.44 ? 84  ALA B CA  1 
ATOM   1453 C C   . ALA B 1 84  ? -0.595  -1.168  13.859  1.00 12.66 ? 84  ALA B C   1 
ATOM   1454 O O   . ALA B 1 84  ? -1.591  -1.319  14.560  1.00 11.90 ? 84  ALA B O   1 
ATOM   1455 C CB  . ALA B 1 84  ? 1.187   -2.830  13.384  1.00 12.44 ? 84  ALA B CB  1 
ATOM   1456 N N   . VAL B 1 85  ? -0.614  -0.542  12.676  1.00 12.08 ? 85  VAL B N   1 
ATOM   1457 C CA  . VAL B 1 85  ? -1.848  -0.383  11.921  1.00 11.67 ? 85  VAL B CA  1 
ATOM   1458 C C   . VAL B 1 85  ? -1.976  -1.358  10.757  1.00 11.56 ? 85  VAL B C   1 
ATOM   1459 O O   . VAL B 1 85  ? -0.967  -1.827  10.185  1.00 12.43 ? 85  VAL B O   1 
ATOM   1460 C CB  . VAL B 1 85  ? -2.157  1.134   11.470  1.00 14.11 ? 85  VAL B CB  1 
ATOM   1461 C CG1 . VAL B 1 85  ? -1.195  2.139   12.141  1.00 11.58 ? 85  VAL B CG1 1 
ATOM   1462 C CG2 . VAL B 1 85  ? -2.251  1.265   9.948   1.00 11.76 ? 85  VAL B CG2 1 
ATOM   1463 N N   . TYR B 1 86  ? -3.215  -1.790  10.540  1.00 9.97  ? 86  TYR B N   1 
ATOM   1464 C CA  . TYR B 1 86  ? -3.531  -2.845  9.596   1.00 11.35 ? 86  TYR B CA  1 
ATOM   1465 C C   . TYR B 1 86  ? -4.513  -2.212  8.647   1.00 10.89 ? 86  TYR B C   1 
ATOM   1466 O O   . TYR B 1 86  ? -5.338  -1.437  9.087   1.00 11.47 ? 86  TYR B O   1 
ATOM   1467 C CB  . TYR B 1 86  ? -4.187  -4.058  10.314  1.00 10.09 ? 86  TYR B CB  1 
ATOM   1468 C CG  . TYR B 1 86  ? -3.236  -4.774  11.279  1.00 11.86 ? 86  TYR B CG  1 
ATOM   1469 C CD1 . TYR B 1 86  ? -2.987  -4.292  12.568  1.00 11.38 ? 86  TYR B CD1 1 
ATOM   1470 C CD2 . TYR B 1 86  ? -2.516  -5.880  10.857  1.00 12.33 ? 86  TYR B CD2 1 
ATOM   1471 C CE1 . TYR B 1 86  ? -2.024  -4.907  13.393  1.00 13.36 ? 86  TYR B CE1 1 
ATOM   1472 C CE2 . TYR B 1 86  ? -1.570  -6.493  11.666  1.00 12.48 ? 86  TYR B CE2 1 
ATOM   1473 C CZ  . TYR B 1 86  ? -1.311  -6.015  12.909  1.00 12.97 ? 86  TYR B CZ  1 
ATOM   1474 O OH  . TYR B 1 86  ? -0.233  -6.573  13.571  1.00 11.49 ? 86  TYR B OH  1 
ATOM   1475 N N   . PHE B 1 87  ? -4.363  -2.455  7.346   1.00 11.08 ? 87  PHE B N   1 
ATOM   1476 C CA  . PHE B 1 87  ? -5.305  -1.945  6.357   1.00 10.12 ? 87  PHE B CA  1 
ATOM   1477 C C   . PHE B 1 87  ? -5.480  -2.938  5.232   1.00 9.65  ? 87  PHE B C   1 
ATOM   1478 O O   . PHE B 1 87  ? -4.654  -3.814  5.059   1.00 9.25  ? 87  PHE B O   1 
ATOM   1479 C CB  . PHE B 1 87  ? -4.861  -0.567  5.814   1.00 10.78 ? 87  PHE B CB  1 
ATOM   1480 C CG  . PHE B 1 87  ? -3.476  -0.539  5.232   1.00 10.72 ? 87  PHE B CG  1 
ATOM   1481 C CD1 . PHE B 1 87  ? -3.273  -0.784  3.880   1.00 11.23 ? 87  PHE B CD1 1 
ATOM   1482 C CD2 . PHE B 1 87  ? -2.394  -0.185  6.009   1.00 9.99  ? 87  PHE B CD2 1 
ATOM   1483 C CE1 . PHE B 1 87  ? -2.009  -0.670  3.333   1.00 12.15 ? 87  PHE B CE1 1 
ATOM   1484 C CE2 . PHE B 1 87  ? -1.121  -0.078  5.471   1.00 11.87 ? 87  PHE B CE2 1 
ATOM   1485 C CZ  . PHE B 1 87  ? -0.928  -0.322  4.132   1.00 11.49 ? 87  PHE B CZ  1 
ATOM   1486 N N   . CYS B 1 88  ? -6.665  -2.923  4.642   1.00 10.37 ? 88  CYS B N   1 
ATOM   1487 C CA  . CYS B 1 88  ? -6.991  -3.751  3.493   1.00 12.46 ? 88  CYS B CA  1 
ATOM   1488 C C   . CYS B 1 88  ? -6.887  -2.906  2.219   1.00 11.88 ? 88  CYS B C   1 
ATOM   1489 O O   . CYS B 1 88  ? -6.854  -1.674  2.278   1.00 11.55 ? 88  CYS B O   1 
ATOM   1490 C CB  . CYS B 1 88  ? -8.414  -4.282  3.638   1.00 13.94 ? 88  CYS B CB  1 
ATOM   1491 S SG  . CYS B 1 88  ? -9.582  -2.944  4.036   1.00 18.20 ? 88  CYS B SG  1 
ATOM   1492 N N   . GLN B 1 89  ? -6.888  -3.576  1.078   1.00 11.82 ? 89  GLN B N   1 
ATOM   1493 C CA  . GLN B 1 89  ? -6.614  -2.948  -0.204  1.00 12.26 ? 89  GLN B CA  1 
ATOM   1494 C C   . GLN B 1 89  ? -7.364  -3.799  -1.186  1.00 12.96 ? 89  GLN B C   1 
ATOM   1495 O O   . GLN B 1 89  ? -7.332  -5.039  -1.077  1.00 13.93 ? 89  GLN B O   1 
ATOM   1496 C CB  . GLN B 1 89  ? -5.101  -3.005  -0.536  1.00 13.26 ? 89  GLN B CB  1 
ATOM   1497 C CG  . GLN B 1 89  ? -4.847  -2.864  -2.032  1.00 13.77 ? 89  GLN B CG  1 
ATOM   1498 C CD  . GLN B 1 89  ? -3.416  -3.049  -2.433  1.00 15.03 ? 89  GLN B CD  1 
ATOM   1499 O OE1 . GLN B 1 89  ? -2.838  -4.115  -2.227  1.00 14.48 ? 89  GLN B OE1 1 
ATOM   1500 N NE2 . GLN B 1 89  ? -2.893  -2.084  -3.173  1.00 13.74 ? 89  GLN B NE2 1 
ATOM   1501 N N   . GLN B 1 90  ? -8.127  -3.174  -2.069  1.00 12.59 ? 90  GLN B N   1 
ATOM   1502 C CA  . GLN B 1 90  ? -8.719  -3.926  -3.150  1.00 13.61 ? 90  GLN B CA  1 
ATOM   1503 C C   . GLN B 1 90  ? -7.861  -3.803  -4.408  1.00 15.20 ? 90  GLN B C   1 
ATOM   1504 O O   . GLN B 1 90  ? -7.282  -2.757  -4.691  1.00 15.19 ? 90  GLN B O   1 
ATOM   1505 C CB  . GLN B 1 90  ? -10.138 -3.465  -3.427  1.00 12.88 ? 90  GLN B CB  1 
ATOM   1506 C CG  . GLN B 1 90  ? -10.237 -2.034  -3.830  1.00 14.62 ? 90  GLN B CG  1 
ATOM   1507 C CD  . GLN B 1 90  ? -10.210 -1.840  -5.343  1.00 15.57 ? 90  GLN B CD  1 
ATOM   1508 O OE1 . GLN B 1 90  ? -9.922  -0.751  -5.834  1.00 17.20 ? 90  GLN B OE1 1 
ATOM   1509 N NE2 . GLN B 1 90  ? -10.526 -2.882  -6.078  1.00 16.18 ? 90  GLN B NE2 1 
ATOM   1510 N N   . VAL B 1 91  ? -7.725  -4.912  -5.113  1.00 17.15 ? 91  VAL B N   1 
ATOM   1511 C CA  . VAL B 1 91  ? -6.984  -4.967  -6.368  1.00 18.66 ? 91  VAL B CA  1 
ATOM   1512 C C   . VAL B 1 91  ? -7.918  -5.504  -7.462  1.00 19.83 ? 91  VAL B C   1 
ATOM   1513 O O   . VAL B 1 91  ? -7.513  -6.224  -8.378  1.00 20.34 ? 91  VAL B O   1 
ATOM   1514 C CB  . VAL B 1 91  ? -5.739  -5.873  -6.230  1.00 18.24 ? 91  VAL B CB  1 
ATOM   1515 C CG1 . VAL B 1 91  ? -4.713  -5.183  -5.358  1.00 17.53 ? 91  VAL B CG1 1 
ATOM   1516 C CG2 . VAL B 1 91  ? -6.125  -7.279  -5.672  1.00 18.31 ? 91  VAL B CG2 1 
ATOM   1517 N N   . SER B 1 92  ? -9.188  -5.142  -7.340  1.00 20.34 ? 92  SER B N   1 
ATOM   1518 C CA  . SER B 1 92  ? -10.201 -5.630  -8.242  1.00 21.08 ? 92  SER B CA  1 
ATOM   1519 C C   . SER B 1 92  ? -10.399 -4.681  -9.420  1.00 22.23 ? 92  SER B C   1 
ATOM   1520 O O   . SER B 1 92  ? -10.723 -5.117  -10.518 1.00 23.47 ? 92  SER B O   1 
ATOM   1521 C CB  . SER B 1 92  ? -11.507 -5.794  -7.489  1.00 20.15 ? 92  SER B CB  1 
ATOM   1522 O OG  . SER B 1 92  ? -12.526 -6.200  -8.367  1.00 22.18 ? 92  SER B OG  1 
ATOM   1523 N N   . GLU B 1 93  ? -10.112 -3.402  -9.220  1.00 22.50 ? 93  GLU B N   1 
ATOM   1524 C CA  . GLU B 1 93  ? -10.592 -2.368  -10.129 1.00 22.71 ? 93  GLU B CA  1 
ATOM   1525 C C   . GLU B 1 93  ? -9.807  -1.105  -9.811  1.00 21.31 ? 93  GLU B C   1 
ATOM   1526 O O   . GLU B 1 93  ? -9.537  -0.819  -8.635  1.00 21.33 ? 93  GLU B O   1 
ATOM   1527 C CB  . GLU B 1 93  ? -12.085 -2.150  -9.886  1.00 25.59 ? 93  GLU B CB  1 
ATOM   1528 C CG  . GLU B 1 93  ? -12.793 -1.477  -11.014 1.00 30.74 ? 93  GLU B CG  1 
ATOM   1529 C CD  . GLU B 1 93  ? -14.178 -0.992  -10.615 1.00 33.19 ? 93  GLU B CD  1 
ATOM   1530 O OE1 . GLU B 1 93  ? -15.117 -1.817  -10.615 1.00 33.68 ? 93  GLU B OE1 1 
ATOM   1531 O OE2 . GLU B 1 93  ? -14.321 0.209   -10.295 1.00 33.68 ? 93  GLU B OE2 1 
ATOM   1532 N N   . TRP B 1 94  ? -9.241  -0.493  -10.847 1.00 18.24 ? 94  TRP B N   1 
ATOM   1533 C CA  . TRP B 1 94  ? -8.413  0.691   -10.687 1.00 15.03 ? 94  TRP B CA  1 
ATOM   1534 C C   . TRP B 1 94  ? -9.369  1.883   -10.606 1.00 15.00 ? 94  TRP B C   1 
ATOM   1535 O O   . TRP B 1 94  ? -10.431 1.854   -11.192 1.00 15.20 ? 94  TRP B O   1 
ATOM   1536 C CB  . TRP B 1 94  ? -7.496  0.839   -11.903 1.00 14.15 ? 94  TRP B CB  1 
ATOM   1537 C CG  . TRP B 1 94  ? -6.497  1.902   -11.749 1.00 11.05 ? 94  TRP B CG  1 
ATOM   1538 C CD1 . TRP B 1 94  ? -5.316  1.820   -11.090 1.00 11.06 ? 94  TRP B CD1 1 
ATOM   1539 C CD2 . TRP B 1 94  ? -6.653  3.261   -12.138 1.00 10.19 ? 94  TRP B CD2 1 
ATOM   1540 N NE1 . TRP B 1 94  ? -4.728  3.065   -11.016 1.00 9.98  ? 94  TRP B NE1 1 
ATOM   1541 C CE2 . TRP B 1 94  ? -5.537  3.965   -11.653 1.00 9.92  ? 94  TRP B CE2 1 
ATOM   1542 C CE3 . TRP B 1 94  ? -7.641  3.957   -12.825 1.00 10.27 ? 94  TRP B CE3 1 
ATOM   1543 C CZ2 . TRP B 1 94  ? -5.382  5.317   -11.838 1.00 10.95 ? 94  TRP B CZ2 1 
ATOM   1544 C CZ3 . TRP B 1 94  ? -7.492  5.288   -12.996 1.00 11.11 ? 94  TRP B CZ3 1 
ATOM   1545 C CH2 . TRP B 1 94  ? -6.376  5.964   -12.510 1.00 10.94 ? 94  TRP B CH2 1 
ATOM   1546 N N   . PRO B 1 95  ? -9.037  2.919   -9.828  1.00 15.09 ? 95  PRO B N   1 
ATOM   1547 C CA  . PRO B 1 95  ? -7.928  3.034   -8.878  1.00 14.16 ? 95  PRO B CA  1 
ATOM   1548 C C   . PRO B 1 95  ? -8.006  2.046   -7.716  1.00 15.14 ? 95  PRO B C   1 
ATOM   1549 O O   . PRO B 1 95  ? -9.090  1.767   -7.194  1.00 15.16 ? 95  PRO B O   1 
ATOM   1550 C CB  . PRO B 1 95  ? -8.024  4.480   -8.404  1.00 14.19 ? 95  PRO B CB  1 
ATOM   1551 C CG  . PRO B 1 95  ? -9.423  4.853   -8.653  1.00 14.81 ? 95  PRO B CG  1 
ATOM   1552 C CD  . PRO B 1 95  ? -9.789  4.175   -9.931  1.00 14.02 ? 95  PRO B CD  1 
ATOM   1553 N N   . PHE B 1 96  ? -6.870  1.435   -7.412  1.00 15.28 ? 96  PHE B N   1 
ATOM   1554 C CA  . PHE B 1 96  ? -6.754  0.551   -6.268  1.00 17.05 ? 96  PHE B CA  1 
ATOM   1555 C C   . PHE B 1 96  ? -6.848  1.370   -4.974  1.00 17.75 ? 96  PHE B C   1 
ATOM   1556 O O   . PHE B 1 96  ? -6.183  2.419   -4.810  1.00 17.25 ? 96  PHE B O   1 
ATOM   1557 C CB  . PHE B 1 96  ? -5.430  -0.216  -6.319  1.00 17.18 ? 96  PHE B CB  1 
ATOM   1558 C CG  . PHE B 1 96  ? -5.304  -1.104  -7.516  1.00 19.40 ? 96  PHE B CG  1 
ATOM   1559 C CD1 . PHE B 1 96  ? -6.413  -1.786  -8.002  1.00 20.14 ? 96  PHE B CD1 1 
ATOM   1560 C CD2 . PHE B 1 96  ? -4.085  -1.252  -8.164  1.00 21.49 ? 96  PHE B CD2 1 
ATOM   1561 C CE1 . PHE B 1 96  ? -6.320  -2.618  -9.113  1.00 21.08 ? 96  PHE B CE1 1 
ATOM   1562 C CE2 . PHE B 1 96  ? -3.974  -2.079  -9.276  1.00 23.87 ? 96  PHE B CE2 1 
ATOM   1563 C CZ  . PHE B 1 96  ? -5.103  -2.772  -9.748  1.00 22.10 ? 96  PHE B CZ  1 
ATOM   1564 N N   . THR B 1 97  ? -7.771  0.936   -4.119  1.00 17.53 ? 97  THR B N   1 
ATOM   1565 C CA  . THR B 1 97  ? -8.195  1.711   -2.965  1.00 16.79 ? 97  THR B CA  1 
ATOM   1566 C C   . THR B 1 97  ? -8.034  0.907   -1.673  1.00 17.33 ? 97  THR B C   1 
ATOM   1567 O O   . THR B 1 97  ? -7.851  -0.322  -1.714  1.00 17.46 ? 97  THR B O   1 
ATOM   1568 C CB  . THR B 1 97  ? -9.644  2.167   -3.129  1.00 15.59 ? 97  THR B CB  1 
ATOM   1569 O OG1 . THR B 1 97  ? -10.475 1.033   -3.391  1.00 13.66 ? 97  THR B OG1 1 
ATOM   1570 C CG2 . THR B 1 97  ? -9.759  3.162   -4.294  1.00 14.92 ? 97  THR B CG2 1 
ATOM   1571 N N   . PHE B 1 98  ? -7.866  1.644   -0.575  1.00 17.06 ? 98  PHE B N   1 
ATOM   1572 C CA  . PHE B 1 98  ? -7.391  1.105   0.693   1.00 16.95 ? 98  PHE B CA  1 
ATOM   1573 C C   . PHE B 1 98  ? -8.402  1.412   1.776   1.00 17.42 ? 98  PHE B C   1 
ATOM   1574 O O   . PHE B 1 98  ? -9.181  2.354   1.656   1.00 19.15 ? 98  PHE B O   1 
ATOM   1575 C CB  . PHE B 1 98  ? -6.051  1.732   1.054   1.00 16.61 ? 98  PHE B CB  1 
ATOM   1576 C CG  . PHE B 1 98  ? -4.978  1.454   0.048   1.00 18.10 ? 98  PHE B CG  1 
ATOM   1577 C CD1 . PHE B 1 98  ? -4.989  2.099   -1.188  1.00 18.34 ? 98  PHE B CD1 1 
ATOM   1578 C CD2 . PHE B 1 98  ? -4.004  0.483   0.305   1.00 19.10 ? 98  PHE B CD2 1 
ATOM   1579 C CE1 . PHE B 1 98  ? -4.057  1.780   -2.173  1.00 20.01 ? 98  PHE B CE1 1 
ATOM   1580 C CE2 . PHE B 1 98  ? -3.046  0.149   -0.668  1.00 20.11 ? 98  PHE B CE2 1 
ATOM   1581 C CZ  . PHE B 1 98  ? -3.076  0.799   -1.913  1.00 20.96 ? 98  PHE B CZ  1 
ATOM   1582 N N   . GLY B 1 99  ? -8.395  0.635   2.845   1.00 16.40 ? 99  GLY B N   1 
ATOM   1583 C CA  . GLY B 1 99  ? -9.247  0.972   3.961   1.00 13.88 ? 99  GLY B CA  1 
ATOM   1584 C C   . GLY B 1 99  ? -8.599  2.110   4.695   1.00 13.04 ? 99  GLY B C   1 
ATOM   1585 O O   . GLY B 1 99  ? -7.407  2.373   4.525   1.00 12.07 ? 99  GLY B O   1 
ATOM   1586 N N   . GLY B 1 100 ? -9.307  2.635   5.675   1.00 11.52 ? 100 GLY B N   1 
ATOM   1587 C CA  . GLY B 1 100 ? -8.739  3.706   6.446   1.00 10.48 ? 100 GLY B CA  1 
ATOM   1588 C C   . GLY B 1 100 ? -7.809  3.301   7.566   1.00 10.67 ? 100 GLY B C   1 
ATOM   1589 O O   . GLY B 1 100 ? -7.257  4.170   8.209   1.00 10.21 ? 100 GLY B O   1 
ATOM   1590 N N   . GLY B 1 101 ? -7.620  2.015   7.821   1.00 11.50 ? 101 GLY B N   1 
ATOM   1591 C CA  . GLY B 1 101 ? -6.700  1.648   8.881   1.00 12.76 ? 101 GLY B CA  1 
ATOM   1592 C C   . GLY B 1 101 ? -7.368  1.367   10.232  1.00 14.28 ? 101 GLY B C   1 
ATOM   1593 O O   . GLY B 1 101 ? -8.432  1.923   10.561  1.00 14.82 ? 101 GLY B O   1 
ATOM   1594 N N   . THR B 1 102 ? -6.768  0.437   10.977  1.00 14.00 ? 102 THR B N   1 
ATOM   1595 C CA  . THR B 1 102 ? -7.168  0.087   12.334  1.00 13.50 ? 102 THR B CA  1 
ATOM   1596 C C   . THR B 1 102 ? -5.901  0.075   13.156  1.00 14.06 ? 102 THR B C   1 
ATOM   1597 O O   . THR B 1 102 ? -4.926  -0.569  12.769  1.00 13.26 ? 102 THR B O   1 
ATOM   1598 C CB  . THR B 1 102 ? -7.762  -1.325  12.405  1.00 12.76 ? 102 THR B CB  1 
ATOM   1599 O OG1 . THR B 1 102 ? -8.956  -1.400  11.629  1.00 12.92 ? 102 THR B OG1 1 
ATOM   1600 C CG2 . THR B 1 102 ? -8.082  -1.696  13.813  1.00 12.37 ? 102 THR B CG2 1 
ATOM   1601 N N   . LYS B 1 103 ? -5.858  0.905   14.188  1.00 16.45 ? 103 LYS B N   1 
ATOM   1602 C CA  . LYS B 1 103 ? -4.805  0.830   15.208  1.00 19.06 ? 103 LYS B CA  1 
ATOM   1603 C C   . LYS B 1 103 ? -5.075  -0.287  16.227  1.00 19.91 ? 103 LYS B C   1 
ATOM   1604 O O   . LYS B 1 103 ? -6.077  -0.253  16.961  1.00 17.84 ? 103 LYS B O   1 
ATOM   1605 C CB  . LYS B 1 103 ? -4.695  2.142   15.969  1.00 20.84 ? 103 LYS B CB  1 
ATOM   1606 C CG  . LYS B 1 103 ? -3.607  3.044   15.484  1.00 25.98 ? 103 LYS B CG  1 
ATOM   1607 C CD  . LYS B 1 103 ? -3.963  3.702   14.147  1.00 29.66 ? 103 LYS B CD  1 
ATOM   1608 C CE  . LYS B 1 103 ? -3.577  5.192   14.130  1.00 31.70 ? 103 LYS B CE  1 
ATOM   1609 N NZ  . LYS B 1 103 ? -4.583  6.020   14.879  1.00 33.21 ? 103 LYS B NZ  1 
ATOM   1610 N N   . LEU B 1 104 ? -4.174  -1.271  16.241  1.00 21.65 ? 104 LEU B N   1 
ATOM   1611 C CA  . LEU B 1 104 ? -4.095  -2.289  17.287  1.00 22.16 ? 104 LEU B CA  1 
ATOM   1612 C C   . LEU B 1 104 ? -3.157  -1.762  18.374  1.00 23.21 ? 104 LEU B C   1 
ATOM   1613 O O   . LEU B 1 104 ? -1.976  -1.575  18.138  1.00 22.50 ? 104 LEU B O   1 
ATOM   1614 C CB  . LEU B 1 104 ? -3.526  -3.593  16.688  1.00 21.68 ? 104 LEU B CB  1 
ATOM   1615 C CG  . LEU B 1 104 ? -3.833  -4.983  17.285  1.00 21.54 ? 104 LEU B CG  1 
ATOM   1616 C CD1 . LEU B 1 104 ? -2.805  -6.015  16.860  1.00 20.54 ? 104 LEU B CD1 1 
ATOM   1617 C CD2 . LEU B 1 104 ? -3.871  -4.904  18.750  1.00 21.99 ? 104 LEU B CD2 1 
ATOM   1618 N N   . GLU B 1 105 ? -3.662  -1.529  19.576  1.00 26.78 ? 105 GLU B N   1 
ATOM   1619 C CA  . GLU B 1 105 ? -2.757  -1.312  20.708  1.00 30.06 ? 105 GLU B CA  1 
ATOM   1620 C C   . GLU B 1 105 ? -2.757  -2.513  21.655  1.00 31.00 ? 105 GLU B C   1 
ATOM   1621 O O   . GLU B 1 105 ? -3.783  -3.175  21.849  1.00 30.37 ? 105 GLU B O   1 
ATOM   1622 C CB  . GLU B 1 105 ? -3.098  -0.029  21.469  1.00 31.54 ? 105 GLU B CB  1 
ATOM   1623 C CG  . GLU B 1 105 ? -4.477  0.523   21.209  1.00 36.21 ? 105 GLU B CG  1 
ATOM   1624 C CD  . GLU B 1 105 ? -4.461  1.692   20.237  1.00 39.65 ? 105 GLU B CD  1 
ATOM   1625 O OE1 . GLU B 1 105 ? -3.626  2.614   20.459  1.00 41.71 ? 105 GLU B OE1 1 
ATOM   1626 O OE2 . GLU B 1 105 ? -5.261  1.676   19.247  1.00 40.47 ? 105 GLU B OE2 1 
ATOM   1627 N N   . ILE B 1 106 ? -1.551  -2.944  22.000  1.00 33.70 ? 106 ILE B N   1 
ATOM   1628 C CA  . ILE B 1 106 ? -1.360  -4.089  22.894  1.00 36.60 ? 106 ILE B CA  1 
ATOM   1629 C C   . ILE B 1 106 ? -1.094  -3.521  24.285  1.00 38.71 ? 106 ILE B C   1 
ATOM   1630 O O   . ILE B 1 106 ? -0.044  -2.934  24.507  1.00 39.38 ? 106 ILE B O   1 
ATOM   1631 C CB  . ILE B 1 106 ? -0.128  -4.956  22.488  1.00 36.11 ? 106 ILE B CB  1 
ATOM   1632 C CG1 . ILE B 1 106 ? -0.137  -5.250  20.972  1.00 35.19 ? 106 ILE B CG1 1 
ATOM   1633 C CG2 . ILE B 1 106 ? -0.088  -6.231  23.347  1.00 35.93 ? 106 ILE B CG2 1 
ATOM   1634 C CD1 . ILE B 1 106 ? -1.126  -6.306  20.510  1.00 34.11 ? 106 ILE B CD1 1 
ATOM   1635 N N   . LYS B 1 107 ? -2.112  -3.519  25.142  1.00 40.38 ? 107 LYS B N   1 
ATOM   1636 C CA  . LYS B 1 107 ? -1.959  -2.991  26.487  1.00 41.85 ? 107 LYS B CA  1 
ATOM   1637 C C   . LYS B 1 107 ? -1.264  -4.018  27.386  1.00 42.88 ? 107 LYS B C   1 
ATOM   1638 O O   . LYS B 1 107 ? -1.565  -5.230  27.260  1.00 43.77 ? 107 LYS B O   1 
ATOM   1639 C CB  . LYS B 1 107 ? -3.322  -2.596  27.065  1.00 41.43 ? 107 LYS B CB  1 
ATOM   1640 C CG  . LYS B 1 107 ? -4.463  -3.564  26.757  1.00 41.75 ? 107 LYS B CG  1 
ATOM   1641 C CD  . LYS B 1 107 ? -5.841  -3.000  27.168  1.00 42.04 ? 107 LYS B CD  1 
ATOM   1642 C CE  . LYS B 1 107 ? -6.105  -3.151  28.674  1.00 42.50 ? 107 LYS B CE  1 
ATOM   1643 N NZ  . LYS B 1 107 ? -7.210  -2.277  29.208  1.00 42.35 ? 107 LYS B NZ  1 
ATOM   1644 O OXT . LYS B 1 107 ? -0.325  -3.623  28.119  1.00 44.61 ? 107 LYS B OXT 1 
HETATM 1645 C C1  . IPA C 2 .   ? 0.948   -0.641  0.185   1.00 20.51 ? 108 IPA A C1  1 
HETATM 1646 C C2  . IPA C 2 .   ? 1.473   -1.074  -1.157  1.00 18.68 ? 108 IPA A C2  1 
HETATM 1647 C C3  . IPA C 2 .   ? 2.233   0.012   -1.803  1.00 18.60 ? 108 IPA A C3  1 
HETATM 1648 O O2  . IPA C 2 .   ? 0.381   -1.413  -2.002  1.00 21.26 ? 108 IPA A O2  1 
HETATM 1649 O O   . HOH D 3 .   ? -5.853  4.882   -3.255  1.00 16.43 ? 109 HOH A O   1 
HETATM 1650 O O   . HOH D 3 .   ? 15.573  9.539   -13.464 1.00 26.21 ? 110 HOH A O   1 
HETATM 1651 O O   . HOH D 3 .   ? 18.440  7.063   -7.578  1.00 22.95 ? 111 HOH A O   1 
HETATM 1652 O O   . HOH D 3 .   ? 11.868  19.169  -0.401  1.00 33.68 ? 112 HOH A O   1 
HETATM 1653 O O   . HOH D 3 .   ? -5.844  8.746   -1.819  1.00 17.10 ? 113 HOH A O   1 
HETATM 1654 O O   . HOH D 3 .   ? -6.000  14.434  -5.570  1.00 29.95 ? 114 HOH A O   1 
HETATM 1655 O O   . HOH D 3 .   ? -5.075  7.298   -8.231  1.00 29.37 ? 115 HOH A O   1 
HETATM 1656 O O   . HOH D 3 .   ? -5.335  11.953  5.235   1.00 8.51  ? 116 HOH A O   1 
HETATM 1657 O O   . HOH D 3 .   ? 16.246  -5.660  -17.132 1.00 46.69 ? 117 HOH A O   1 
HETATM 1658 O O   . HOH D 3 .   ? -5.720  13.676  7.097   1.00 16.32 ? 118 HOH A O   1 
HETATM 1659 O O   . HOH D 3 .   ? 11.367  12.968  -11.091 1.00 32.90 ? 119 HOH A O   1 
HETATM 1660 O O   . HOH D 3 .   ? 14.048  -0.337  -0.150  1.00 20.06 ? 120 HOH A O   1 
HETATM 1661 O O   . HOH D 3 .   ? -5.612  5.497   0.863   1.00 17.52 ? 121 HOH A O   1 
HETATM 1662 O O   . HOH D 3 .   ? -1.814  18.358  10.885  1.00 13.41 ? 122 HOH A O   1 
HETATM 1663 O O   . HOH D 3 .   ? 8.400   12.492  -5.762  1.00 10.04 ? 123 HOH A O   1 
HETATM 1664 O O   . HOH D 3 .   ? -3.034  22.935  0.548   1.00 15.35 ? 124 HOH A O   1 
HETATM 1665 O O   . HOH D 3 .   ? 15.215  10.843  -6.070  1.00 13.78 ? 125 HOH A O   1 
HETATM 1666 O O   . HOH D 3 .   ? 8.454   -5.512  -3.937  1.00 14.50 ? 126 HOH A O   1 
HETATM 1667 O O   . HOH D 3 .   ? 3.619   20.960  -5.975  1.00 17.87 ? 127 HOH A O   1 
HETATM 1668 O O   . HOH D 3 .   ? 1.125   19.430  5.298   1.00 9.96  ? 128 HOH A O   1 
HETATM 1669 O O   . HOH D 3 .   ? 7.232   17.769  -9.715  1.00 34.52 ? 129 HOH A O   1 
HETATM 1670 O O   . HOH D 3 .   ? -6.543  7.395   -5.328  1.00 52.82 ? 130 HOH A O   1 
HETATM 1671 O O   . HOH D 3 .   ? 13.248  15.641  0.813   1.00 42.18 ? 131 HOH A O   1 
HETATM 1672 O O   . HOH D 3 .   ? -7.470  21.245  -0.938  1.00 36.42 ? 132 HOH A O   1 
HETATM 1673 O O   . HOH D 3 .   ? 6.797   -12.286 -4.743  1.00 11.76 ? 133 HOH A O   1 
HETATM 1674 O O   . HOH D 3 .   ? 19.909  5.769   -16.074 1.00 39.65 ? 134 HOH A O   1 
HETATM 1675 O O   . HOH D 3 .   ? 16.312  7.419   -22.150 1.00 36.39 ? 135 HOH A O   1 
HETATM 1676 O O   . HOH D 3 .   ? 22.960  2.756   -6.828  1.00 46.15 ? 136 HOH A O   1 
HETATM 1677 O O   . HOH D 3 .   ? 9.958   20.644  0.889   1.00 24.49 ? 137 HOH A O   1 
HETATM 1678 O O   . HOH D 3 .   ? 20.444  2.785   -13.306 1.00 23.52 ? 138 HOH A O   1 
HETATM 1679 O O   . HOH D 3 .   ? 6.124   -10.254 0.388   1.00 15.47 ? 139 HOH A O   1 
HETATM 1680 O O   . HOH D 3 .   ? 6.308   8.893   -19.594 1.00 18.83 ? 140 HOH A O   1 
HETATM 1681 O O   . HOH D 3 .   ? 19.229  -2.982  -12.397 1.00 24.02 ? 141 HOH A O   1 
HETATM 1682 O O   . HOH D 3 .   ? -1.884  12.502  -10.987 1.00 29.35 ? 142 HOH A O   1 
HETATM 1683 O O   . HOH D 3 .   ? 6.209   19.884  -6.881  1.00 24.83 ? 143 HOH A O   1 
HETATM 1684 O O   . HOH D 3 .   ? -0.287  17.517  6.696   1.00 18.68 ? 144 HOH A O   1 
HETATM 1685 O O   . HOH D 3 .   ? -1.533  -3.953  -7.366  1.00 38.52 ? 145 HOH A O   1 
HETATM 1686 O O   . HOH D 3 .   ? 9.267   -7.134  -12.990 1.00 28.76 ? 146 HOH A O   1 
HETATM 1687 O O   . HOH D 3 .   ? 5.900   13.888  -18.701 1.00 34.09 ? 147 HOH A O   1 
HETATM 1688 O O   . HOH D 3 .   ? -8.583  16.391  0.744   1.00 23.33 ? 148 HOH A O   1 
HETATM 1689 O O   . HOH D 3 .   ? 11.027  17.309  -2.157  1.00 18.78 ? 149 HOH A O   1 
HETATM 1690 O O   . HOH D 3 .   ? 22.541  2.570   -10.114 1.00 42.94 ? 150 HOH A O   1 
HETATM 1691 O O   . HOH D 3 .   ? -3.396  3.876   6.024   1.00 23.74 ? 151 HOH A O   1 
HETATM 1692 O O   . HOH D 3 .   ? -0.443  14.041  -14.777 1.00 44.22 ? 152 HOH A O   1 
HETATM 1693 O O   . HOH D 3 .   ? 21.165  -2.580  -14.771 1.00 41.98 ? 153 HOH A O   1 
HETATM 1694 O O   . HOH D 3 .   ? 20.015  2.859   -16.179 1.00 46.97 ? 154 HOH A O   1 
HETATM 1695 O O   . HOH D 3 .   ? 5.268   -13.370 -6.712  1.00 33.31 ? 155 HOH A O   1 
HETATM 1696 O O   . HOH D 3 .   ? -0.956  -3.789  -4.896  1.00 23.27 ? 156 HOH A O   1 
HETATM 1697 O O   . HOH D 3 .   ? 9.551   -4.612  -6.143  1.00 20.90 ? 157 HOH A O   1 
HETATM 1698 O O   . HOH D 3 .   ? 7.510   -8.851  3.904   1.00 25.75 ? 158 HOH A O   1 
HETATM 1699 O O   . HOH D 3 .   ? 19.603  0.473   1.248   1.00 32.33 ? 159 HOH A O   1 
HETATM 1700 O O   . HOH E 3 .   ? -6.168  4.889   3.557   1.00 41.77 ? 108 HOH B O   1 
HETATM 1701 O O   . HOH E 3 .   ? -4.440  -19.051 12.568  1.00 38.75 ? 109 HOH B O   1 
HETATM 1702 O O   . HOH E 3 .   ? -0.153  -16.832 8.606   1.00 36.46 ? 110 HOH B O   1 
HETATM 1703 O O   . HOH E 3 .   ? -11.358 -16.789 0.522   1.00 40.42 ? 111 HOH B O   1 
HETATM 1704 O O   . HOH E 3 .   ? -11.667 3.230   0.383   1.00 27.53 ? 112 HOH B O   1 
HETATM 1705 O O   . HOH E 3 .   ? -17.425 0.156   2.171   1.00 23.01 ? 113 HOH B O   1 
HETATM 1706 O O   . HOH E 3 .   ? -12.063 2.679   7.263   1.00 36.44 ? 114 HOH B O   1 
HETATM 1707 O O   . HOH E 3 .   ? -11.579 2.065   -7.075  1.00 22.08 ? 115 HOH B O   1 
HETATM 1708 O O   . HOH E 3 .   ? 3.884   -10.998 23.103  1.00 33.12 ? 116 HOH B O   1 
HETATM 1709 O O   . HOH E 3 .   ? -12.854 1.830   -9.254  1.00 36.91 ? 117 HOH B O   1 
HETATM 1710 O O   . HOH E 3 .   ? -10.599 -14.190 9.394   1.00 27.63 ? 118 HOH B O   1 
HETATM 1711 O O   . HOH E 3 .   ? 5.229   -10.621 3.277   1.00 22.86 ? 119 HOH B O   1 
HETATM 1712 O O   . HOH E 3 .   ? -7.395  4.514   -1.099  1.00 15.88 ? 120 HOH B O   1 
HETATM 1713 O O   . HOH E 3 .   ? 3.763   -8.557  13.386  1.00 16.74 ? 121 HOH B O   1 
HETATM 1714 O O   . HOH E 3 .   ? -9.898  -11.333 4.371   1.00 11.69 ? 122 HOH B O   1 
HETATM 1715 O O   . HOH E 3 .   ? -5.202  -16.882 5.769   1.00 29.45 ? 123 HOH B O   1 
HETATM 1716 O O   . HOH E 3 .   ? 5.541   -2.335  8.842   1.00 19.57 ? 124 HOH B O   1 
HETATM 1717 O O   . HOH E 3 .   ? -17.661 -13.246 2.953   1.00 47.84 ? 125 HOH B O   1 
HETATM 1718 O O   . HOH E 3 .   ? 6.354   -4.646  10.276  1.00 45.04 ? 126 HOH B O   1 
HETATM 1719 O O   . HOH E 3 .   ? -10.562 3.208   10.143  1.00 30.90 ? 127 HOH B O   1 
HETATM 1720 O O   . HOH E 3 .   ? -5.780  -16.346 12.639  1.00 21.25 ? 128 HOH B O   1 
HETATM 1721 O O   . HOH E 3 .   ? 6.672   -13.199 19.527  1.00 41.97 ? 129 HOH B O   1 
HETATM 1722 O O   . HOH E 3 .   ? -16.583 1.046   -9.371  1.00 38.13 ? 130 HOH B O   1 
HETATM 1723 O O   . HOH E 3 .   ? 2.605   -18.212 5.862   1.00 36.36 ? 131 HOH B O   1 
HETATM 1724 O O   . HOH E 3 .   ? 3.850   0.207   15.508  1.00 25.83 ? 132 HOH B O   1 
HETATM 1725 O O   . HOH E 3 .   ? 6.748   -12.502 4.484   1.00 12.97 ? 133 HOH B O   1 
HETATM 1726 O O   . HOH E 3 .   ? 6.294   -10.425 20.562  1.00 39.85 ? 134 HOH B O   1 
HETATM 1727 O O   . HOH E 3 .   ? 8.003   -3.690  2.718   1.00 29.71 ? 135 HOH B O   1 
HETATM 1728 O O   . HOH E 3 .   ? -11.025 -8.206  18.214  1.00 30.51 ? 136 HOH B O   1 
HETATM 1729 O O   . HOH E 3 .   ? -9.505  -13.271 23.177  1.00 21.74 ? 137 HOH B O   1 
HETATM 1730 O O   . HOH E 3 .   ? 4.286   -19.101 13.266  1.00 36.84 ? 138 HOH B O   1 
HETATM 1731 O O   . HOH E 3 .   ? -13.108 -5.904  16.850  1.00 43.26 ? 139 HOH B O   1 
HETATM 1732 O O   . HOH E 3 .   ? -12.378 4.793   -2.129  1.00 33.88 ? 140 HOH B O   1 
HETATM 1733 O O   . HOH E 3 .   ? -7.358  4.559   12.907  1.00 41.08 ? 141 HOH B O   1 
# 
